data_5AWH
#
_entry.id   5AWH
#
_cell.length_a   68.186
_cell.length_b   118.303
_cell.length_c   118.480
_cell.angle_alpha   90.000
_cell.angle_beta   95.830
_cell.angle_gamma   90.000
#
_symmetry.space_group_name_H-M   'P 1 21 1'
#
loop_
_entity.id
_entity.type
_entity.pdbx_description
1 polymer 'Uncharacterized protein'
2 polymer "RNA (5'-D(P*UP*UP*AP*CP*AP*AP*CP*CP*UP*AP*CP*UP*AP*CP*CP*UP*CP*G)-3')"
3 polymer "DNA (5'-D(*CP*GP*AP*GP*GP*TP*AP*GP*TP*AP*GP*GP*TP*TP*GP*TP*AP*A)-3')"
4 non-polymer 'MAGNESIUM ION'
5 water water
#
loop_
_entity_poly.entity_id
_entity_poly.type
_entity_poly.pdbx_seq_one_letter_code
_entity_poly.pdbx_strand_id
1 'polypeptide(L)'
;MGSSHHHHHHSSGLVPAGSHMQLVSNGFEVNLPDQVEVIVRDLPDPSKVKEERTRLMGYWFVHWFDGKLFHLRIKAGGPN
VDGEHRAIRTAEHPWLLRARLDDALEEALPKYAAVKKRPFTFLAQKDELIDAAATAAGLSHRLLNSFKVIPRFALSPKIY
EPVDGTTRVGVFVTIGMRYDIEASLRDLLEAGIDLRGMYVVRRKRQPGERGLLGRVRAISDDMVQLFEETDLASVNVNDA
KLEGSKENFTRCLSALLGHNYKKLLNALDDQEAGYRTGPRFDDAVRRMGEFLAKKPIRLADNINAQVGDRIVFSNEGQAR
NVRLAPKVEYVFDRTGAKSAEYAWRGLSQFGPFDRPSFANRSPRILVVYPSSTQGKVENFLSAFRDGMGSNYSGFSKGFV
DLMGLTKVEFVMCPVEVSSADRNGAHTKYNSAIEDKLAGAGEVHAGIVVLFEDHARLPDDRNPYIHTKSLLLTLGVPTQQ
VRMPTVLLEPKSLQYTLQNFSIATYAKLNGTPWTVNHDKAINDELVVGMGLAELSGSRTEKRQRFVGITTVFAGDGSYLL
GNVSKECEYEGYSDAIRESMTGILRELKKRNNWRPGDTVRVVFHAHRPLKRVDVASIVFECTREIGSDQNIQMAFVTVSH
DHPFVLIDRSERGLEAYKGSTARKGVFAPPRGAISRVGRLTRLLAVNSPQLIKRANTPLPTPLLVSLHPDSTFKDVDYLA
EQALKFTSLSWRSTLPAATPVTIFYSERIAELLGRLKSIPNWSSANLNIKLKWSRWFL
;
A,B
2 'polyribonucleotide' UUACAACCUACUACCUCG C,E
3 'polydeoxyribonucleotide' (DC)(DG)(DA)(DG)(DG)(DT)(DA)(DG)(DT)(DA)(DG)(DG)(DT)(DT)(DG)(DT)(DA)(DA) D,F
#
# COMPACT_ATOMS: atom_id res chain seq x y z
N HIS A 20 16.98 8.45 48.66
CA HIS A 20 18.18 8.17 49.50
C HIS A 20 18.44 9.37 50.42
N MET A 21 19.20 9.17 51.50
CA MET A 21 19.46 10.26 52.45
C MET A 21 20.13 11.45 51.76
N GLN A 22 21.25 11.16 51.10
CA GLN A 22 22.10 12.20 50.51
C GLN A 22 22.73 11.77 49.17
N LEU A 23 22.34 12.45 48.10
CA LEU A 23 22.84 12.13 46.77
C LEU A 23 23.76 13.25 46.34
N VAL A 24 25.00 12.87 46.00
CA VAL A 24 26.01 13.88 45.69
C VAL A 24 25.95 14.02 44.18
N SER A 25 26.01 15.26 43.70
CA SER A 25 26.02 15.54 42.27
C SER A 25 27.46 15.70 41.75
N ASN A 26 27.54 15.96 40.45
CA ASN A 26 28.76 16.24 39.73
C ASN A 26 28.91 17.75 39.57
N GLY A 27 28.23 18.53 40.39
CA GLY A 27 28.35 19.97 40.35
C GLY A 27 28.84 20.62 41.65
N PHE A 28 29.32 21.84 41.54
CA PHE A 28 29.88 22.66 42.65
C PHE A 28 29.12 23.95 42.60
N GLU A 29 28.83 24.51 43.76
CA GLU A 29 28.31 25.85 43.87
C GLU A 29 29.26 26.86 43.28
N VAL A 30 28.72 27.86 42.59
CA VAL A 30 29.56 28.98 42.17
C VAL A 30 29.04 30.18 42.98
N ASN A 31 29.90 30.67 43.86
CA ASN A 31 29.60 31.81 44.72
C ASN A 31 29.86 33.04 43.85
N LEU A 32 28.80 33.82 43.61
CA LEU A 32 28.80 34.95 42.66
C LEU A 32 28.57 36.25 43.43
N PRO A 33 28.97 37.41 42.85
CA PRO A 33 28.61 38.65 43.56
C PRO A 33 27.13 38.77 43.55
N ASP A 34 26.62 39.49 44.55
CA ASP A 34 25.18 39.58 44.70
C ASP A 34 24.61 40.48 43.58
N GLN A 35 25.40 41.35 42.95
CA GLN A 35 24.92 42.01 41.71
C GLN A 35 26.07 42.42 40.84
N VAL A 36 25.75 42.86 39.61
CA VAL A 36 26.75 43.54 38.73
C VAL A 36 26.06 44.71 38.03
N GLU A 37 26.80 45.79 37.80
CA GLU A 37 26.25 46.89 37.00
C GLU A 37 26.51 46.62 35.56
N VAL A 38 25.66 47.14 34.72
CA VAL A 38 25.62 46.77 33.33
C VAL A 38 25.02 47.94 32.59
N ILE A 39 25.19 47.97 31.27
CA ILE A 39 24.54 48.96 30.43
C ILE A 39 23.61 48.26 29.46
N VAL A 40 22.40 48.79 29.37
CA VAL A 40 21.31 48.14 28.67
C VAL A 40 20.81 49.05 27.56
N ARG A 41 20.68 48.51 26.35
CA ARG A 41 20.16 49.21 25.17
C ARG A 41 19.11 48.35 24.46
N ASP A 42 18.09 49.00 23.88
CA ASP A 42 17.10 48.28 23.10
C ASP A 42 17.74 47.79 21.84
N LEU A 43 17.50 46.53 21.49
CA LEU A 43 17.95 46.01 20.21
C LEU A 43 16.91 44.98 19.79
N PRO A 44 15.82 45.44 19.16
CA PRO A 44 14.74 44.54 18.82
C PRO A 44 15.10 43.57 17.70
N ASP A 45 16.14 43.88 16.92
CA ASP A 45 16.68 42.98 15.90
C ASP A 45 17.98 42.28 16.37
N PRO A 46 17.86 41.01 16.80
CA PRO A 46 18.99 40.13 17.14
C PRO A 46 20.15 40.03 16.15
N SER A 47 19.91 40.31 14.88
CA SER A 47 20.97 40.18 13.87
C SER A 47 22.08 41.25 14.01
N LYS A 48 21.89 42.30 14.81
CA LYS A 48 22.96 43.25 15.08
C LYS A 48 23.97 42.69 16.09
N VAL A 49 23.60 41.68 16.86
CA VAL A 49 24.40 41.27 18.04
C VAL A 49 25.83 40.86 17.69
N LYS A 50 25.99 40.19 16.56
CA LYS A 50 27.26 39.63 16.18
C LYS A 50 28.21 40.76 15.75
N GLU A 51 27.67 41.83 15.14
CA GLU A 51 28.45 43.03 14.84
C GLU A 51 28.95 43.74 16.12
N GLU A 52 28.07 43.96 17.12
CA GLU A 52 28.47 44.57 18.41
C GLU A 52 29.38 43.69 19.29
N ARG A 53 29.17 42.39 19.27
CA ARG A 53 29.97 41.50 20.13
C ARG A 53 31.46 41.66 19.73
N THR A 54 31.71 41.46 18.45
CA THR A 54 33.01 41.59 17.79
C THR A 54 33.63 42.98 17.98
N ARG A 55 32.93 44.02 17.53
CA ARG A 55 33.24 45.43 17.87
C ARG A 55 33.74 45.70 19.32
N LEU A 56 33.11 45.07 20.32
CA LEU A 56 33.47 45.32 21.72
C LEU A 56 34.34 44.22 22.36
N MET A 57 34.75 43.23 21.58
CA MET A 57 35.64 42.16 22.04
C MET A 57 36.71 42.64 23.03
N GLY A 58 36.83 41.91 24.14
CA GLY A 58 37.91 42.06 25.10
C GLY A 58 37.59 43.09 26.14
N TYR A 59 36.73 44.06 25.78
CA TYR A 59 36.41 45.15 26.68
C TYR A 59 35.07 44.91 27.38
N TRP A 60 34.13 44.24 26.71
CA TRP A 60 32.82 44.07 27.29
C TRP A 60 32.31 42.68 27.00
N PHE A 61 31.63 42.12 27.95
CA PHE A 61 30.91 40.90 27.67
C PHE A 61 29.51 41.34 27.30
N VAL A 62 28.98 40.86 26.18
CA VAL A 62 27.60 41.20 25.84
C VAL A 62 26.68 40.01 25.65
N HIS A 63 25.42 40.28 25.97
CA HIS A 63 24.38 39.25 25.98
C HIS A 63 22.99 39.86 25.63
N TRP A 64 22.36 39.33 24.60
CA TRP A 64 21.06 39.77 24.16
C TRP A 64 19.97 38.91 24.91
N PHE A 65 19.00 39.52 25.56
CA PHE A 65 17.91 38.80 26.24
C PHE A 65 16.70 39.70 26.16
N ASP A 66 15.60 39.21 25.59
CA ASP A 66 14.30 39.89 25.72
C ASP A 66 14.22 41.20 24.95
N GLY A 67 14.79 41.23 23.77
CA GLY A 67 14.80 42.41 22.96
C GLY A 67 15.88 43.43 23.32
N LYS A 68 16.61 43.21 24.44
CA LYS A 68 17.61 44.13 24.97
C LYS A 68 19.05 43.62 24.85
N LEU A 69 20.00 44.55 24.66
CA LEU A 69 21.41 44.17 24.72
C LEU A 69 21.98 44.50 26.07
N PHE A 70 22.56 43.51 26.74
CA PHE A 70 23.15 43.73 28.05
C PHE A 70 24.69 43.71 27.92
N HIS A 71 25.35 44.74 28.46
CA HIS A 71 26.81 44.97 28.30
C HIS A 71 27.47 44.95 29.69
N LEU A 72 28.39 44.01 29.93
CA LEU A 72 29.14 43.95 31.18
C LEU A 72 30.61 44.32 30.93
N ARG A 73 31.10 45.37 31.62
CA ARG A 73 32.49 45.87 31.35
C ARG A 73 33.44 44.83 31.92
N ILE A 74 34.26 44.22 31.08
CA ILE A 74 35.23 43.22 31.56
C ILE A 74 36.57 43.92 31.90
N LYS A 75 36.81 45.08 31.33
CA LYS A 75 38.09 45.74 31.59
C LYS A 75 38.09 47.18 31.12
N ALA A 76 38.93 48.00 31.76
CA ALA A 76 39.05 49.42 31.45
C ALA A 76 39.29 49.68 29.95
N GLY A 77 38.64 50.71 29.41
CA GLY A 77 39.12 51.39 28.21
C GLY A 77 39.15 50.67 26.87
N GLY A 78 38.33 51.15 25.95
CA GLY A 78 38.16 50.59 24.63
C GLY A 78 36.96 51.33 24.06
N PRO A 79 36.29 50.77 23.04
CA PRO A 79 35.16 51.53 22.53
C PRO A 79 34.12 51.75 23.62
N ASN A 80 33.35 52.82 23.51
CA ASN A 80 32.37 53.14 24.52
C ASN A 80 31.03 52.63 24.06
N VAL A 81 30.13 52.45 25.02
CA VAL A 81 28.80 51.97 24.72
C VAL A 81 27.84 53.00 25.29
N ASP A 82 26.73 53.20 24.61
CA ASP A 82 25.65 54.02 25.13
C ASP A 82 24.48 53.12 25.55
N GLY A 83 23.57 53.67 26.33
CA GLY A 83 22.49 52.90 26.95
C GLY A 83 22.21 53.43 28.34
N GLU A 84 21.40 52.68 29.08
CA GLU A 84 21.07 53.01 30.46
C GLU A 84 21.85 52.13 31.40
N HIS A 85 22.35 52.72 32.48
CA HIS A 85 22.99 51.97 33.55
C HIS A 85 21.91 51.21 34.35
N ARG A 86 22.11 49.90 34.53
CA ARG A 86 21.28 49.15 35.45
C ARG A 86 22.13 48.27 36.32
N ALA A 87 21.68 48.08 37.54
CA ALA A 87 22.28 47.09 38.40
C ALA A 87 21.47 45.81 38.19
N ILE A 88 22.14 44.67 37.96
CA ILE A 88 21.44 43.38 37.73
C ILE A 88 21.75 42.47 38.90
N ARG A 89 20.70 42.07 39.57
CA ARG A 89 20.81 41.37 40.83
C ARG A 89 20.81 39.89 40.47
N THR A 90 21.85 39.18 40.91
CA THR A 90 22.14 37.80 40.54
C THR A 90 21.00 36.84 40.99
N ALA A 91 20.48 37.03 42.21
CA ALA A 91 19.32 36.26 42.70
C ALA A 91 18.13 36.37 41.77
N GLU A 92 17.91 37.52 41.13
CA GLU A 92 16.72 37.75 40.25
C GLU A 92 16.92 37.37 38.77
N HIS A 93 18.15 37.49 38.26
CA HIS A 93 18.43 37.29 36.83
C HIS A 93 19.78 36.54 36.71
N PRO A 94 19.82 35.27 37.15
CA PRO A 94 21.02 34.42 37.06
C PRO A 94 21.50 34.20 35.61
N TRP A 95 20.61 34.37 34.62
CA TRP A 95 21.00 34.12 33.20
C TRP A 95 22.24 34.95 32.77
N LEU A 96 22.44 36.13 33.35
CA LEU A 96 23.54 37.02 32.86
C LEU A 96 24.88 36.41 33.20
N LEU A 97 25.12 36.24 34.50
CA LEU A 97 26.35 35.62 34.98
C LEU A 97 26.43 34.13 34.60
N ARG A 98 25.30 33.44 34.38
CA ARG A 98 25.43 32.07 33.90
C ARG A 98 26.17 32.03 32.51
N ALA A 99 25.78 32.92 31.62
CA ALA A 99 26.38 33.00 30.29
C ALA A 99 27.79 33.53 30.38
N ARG A 100 28.03 34.51 31.22
CA ARG A 100 29.40 34.95 31.39
C ARG A 100 30.34 33.81 31.90
N LEU A 101 29.85 32.93 32.74
CA LEU A 101 30.64 31.78 33.23
C LEU A 101 31.14 30.87 32.15
N ASP A 102 30.35 30.71 31.09
CA ASP A 102 30.78 29.90 29.96
C ASP A 102 32.10 30.40 29.45
N ASP A 103 32.22 31.71 29.22
CA ASP A 103 33.49 32.29 28.78
C ASP A 103 34.58 32.25 29.87
N ALA A 104 34.21 32.53 31.11
CA ALA A 104 35.18 32.71 32.19
C ALA A 104 35.80 31.36 32.59
N LEU A 105 35.03 30.28 32.49
CA LEU A 105 35.61 28.95 32.73
C LEU A 105 36.67 28.65 31.68
N GLU A 106 36.39 29.06 30.45
CA GLU A 106 37.34 28.89 29.36
C GLU A 106 38.59 29.68 29.69
N GLU A 107 38.38 30.90 30.17
CA GLU A 107 39.54 31.76 30.48
C GLU A 107 40.30 31.24 31.72
N ALA A 108 39.58 30.74 32.69
CA ALA A 108 40.24 30.16 33.85
C ALA A 108 41.18 29.02 33.49
N LEU A 109 41.02 28.38 32.34
CA LEU A 109 41.87 27.23 32.01
C LEU A 109 42.67 27.43 30.73
N PRO A 110 43.60 28.42 30.72
CA PRO A 110 44.18 28.86 29.45
C PRO A 110 45.04 27.82 28.70
N LYS A 111 45.53 26.83 29.45
CA LYS A 111 46.38 25.75 28.94
C LYS A 111 45.51 24.60 28.34
N TYR A 112 44.21 24.66 28.49
CA TYR A 112 43.31 23.66 27.86
C TYR A 112 42.56 24.31 26.72
N ALA A 113 42.74 23.84 25.50
CA ALA A 113 42.05 24.38 24.34
C ALA A 113 40.61 23.84 24.30
N ALA A 114 39.67 24.74 24.03
CA ALA A 114 38.29 24.45 23.85
C ALA A 114 38.21 23.59 22.62
N VAL A 115 37.58 22.43 22.71
CA VAL A 115 37.17 21.73 21.50
C VAL A 115 35.70 21.98 21.21
N LYS A 116 34.93 22.41 22.22
CA LYS A 116 33.59 23.06 22.05
C LYS A 116 33.42 24.20 23.09
N LYS A 117 32.55 25.16 22.80
CA LYS A 117 32.11 26.18 23.75
C LYS A 117 30.63 25.94 24.15
N ARG A 118 30.25 26.40 25.35
CA ARG A 118 28.83 26.40 25.81
C ARG A 118 28.19 25.04 25.73
N PRO A 119 28.68 24.09 26.53
CA PRO A 119 29.68 24.19 27.59
C PRO A 119 31.14 24.08 27.07
N PHE A 120 32.03 24.74 27.77
CA PHE A 120 33.45 24.64 27.55
C PHE A 120 33.81 23.16 27.66
N THR A 121 34.37 22.63 26.58
CA THR A 121 34.78 21.20 26.51
C THR A 121 36.21 21.09 26.09
N PHE A 122 37.01 20.22 26.75
CA PHE A 122 38.45 20.20 26.51
C PHE A 122 38.99 18.79 26.76
N LEU A 123 40.19 18.53 26.25
CA LEU A 123 40.86 17.25 26.37
C LEU A 123 41.86 17.22 27.52
N ALA A 124 42.09 16.03 28.06
CA ALA A 124 43.16 15.85 29.02
C ALA A 124 44.45 16.16 28.30
N GLN A 125 45.41 16.72 29.00
CA GLN A 125 46.69 17.20 28.40
C GLN A 125 47.56 16.05 27.93
N LYS A 126 47.63 14.98 28.70
CA LYS A 126 48.59 13.90 28.46
C LYS A 126 47.92 12.57 28.24
N ASP A 127 46.96 12.21 29.09
CA ASP A 127 46.27 10.91 29.07
C ASP A 127 45.88 10.53 27.65
N GLU A 128 46.25 9.32 27.26
CA GLU A 128 45.82 8.76 25.99
C GLU A 128 45.67 7.26 26.23
N LEU A 129 44.49 6.71 25.99
CA LEU A 129 44.21 5.38 26.54
C LEU A 129 44.56 4.26 25.60
N ILE A 130 44.66 4.49 24.29
CA ILE A 130 45.08 3.45 23.37
C ILE A 130 46.49 3.01 23.77
N ASP A 131 47.40 3.98 23.91
CA ASP A 131 48.77 3.75 24.36
C ASP A 131 48.82 3.08 25.70
N ALA A 132 48.00 3.55 26.65
CA ALA A 132 48.00 2.94 27.99
C ALA A 132 47.46 1.50 27.88
N ALA A 133 46.41 1.28 27.09
CA ALA A 133 45.86 -0.08 26.98
C ALA A 133 46.86 -1.01 26.28
N ALA A 134 47.54 -0.50 25.25
CA ALA A 134 48.57 -1.28 24.51
C ALA A 134 49.72 -1.72 25.41
N THR A 135 50.17 -0.81 26.25
CA THR A 135 51.21 -1.10 27.20
C THR A 135 50.75 -2.14 28.20
N ALA A 136 49.55 -1.99 28.75
CA ALA A 136 49.04 -2.94 29.73
C ALA A 136 48.84 -4.34 29.15
N ALA A 137 48.42 -4.42 27.88
CA ALA A 137 48.21 -5.70 27.19
C ALA A 137 49.47 -6.34 26.62
N GLY A 138 50.56 -5.57 26.53
CA GLY A 138 51.82 -6.07 25.94
C GLY A 138 51.85 -5.97 24.43
N LEU A 139 51.06 -5.05 23.87
CA LEU A 139 50.93 -4.92 22.42
C LEU A 139 51.68 -3.74 21.83
N SER A 140 51.85 -3.81 20.52
CA SER A 140 52.60 -2.84 19.75
C SER A 140 52.25 -3.01 18.26
N HIS A 141 52.32 -1.89 17.54
CA HIS A 141 52.21 -1.86 16.07
C HIS A 141 52.57 -0.45 15.63
N ARG A 142 53.25 -0.33 14.51
CA ARG A 142 53.80 0.95 14.11
C ARG A 142 52.78 2.09 13.87
N LEU A 143 51.51 1.74 13.60
CA LEU A 143 50.44 2.71 13.27
C LEU A 143 49.48 3.01 14.44
N LEU A 144 49.70 2.34 15.57
CA LEU A 144 48.79 2.38 16.71
C LEU A 144 48.85 3.71 17.47
N ASN A 145 50.01 4.35 17.49
CA ASN A 145 50.14 5.74 17.94
C ASN A 145 49.26 6.75 17.19
N SER A 146 48.71 6.35 16.05
CA SER A 146 47.79 7.24 15.30
C SER A 146 46.29 6.99 15.60
N PHE A 147 46.01 6.09 16.54
CA PHE A 147 44.67 5.88 17.07
C PHE A 147 44.62 6.40 18.52
N LYS A 148 43.71 7.32 18.81
CA LYS A 148 43.68 8.02 20.08
C LYS A 148 42.31 7.99 20.75
N VAL A 149 42.33 7.70 22.05
CA VAL A 149 41.17 7.79 22.93
C VAL A 149 41.61 8.68 24.10
N ILE A 150 41.06 9.88 24.16
CA ILE A 150 41.52 10.93 25.05
C ILE A 150 40.36 11.42 25.95
N PRO A 151 40.55 11.44 27.28
CA PRO A 151 39.47 11.93 28.13
C PRO A 151 39.07 13.34 27.70
N ARG A 152 37.77 13.60 27.68
CA ARG A 152 37.19 14.85 27.31
C ARG A 152 36.22 15.29 28.47
N PHE A 153 36.43 16.48 28.98
CA PHE A 153 35.66 16.99 30.10
C PHE A 153 34.86 18.16 29.58
N ALA A 154 33.66 18.37 30.16
CA ALA A 154 32.92 19.62 29.90
C ALA A 154 32.45 20.18 31.25
N LEU A 155 32.28 21.48 31.30
CA LEU A 155 32.00 22.16 32.53
C LEU A 155 30.76 22.98 32.22
N SER A 156 29.61 22.58 32.78
CA SER A 156 28.33 23.20 32.38
C SER A 156 27.73 24.04 33.55
N PRO A 157 27.62 25.36 33.35
CA PRO A 157 27.06 26.20 34.38
C PRO A 157 25.59 26.18 34.24
N LYS A 158 24.89 25.82 35.29
CA LYS A 158 23.48 25.58 35.15
C LYS A 158 22.80 26.31 36.34
N ILE A 159 21.60 26.82 36.11
CA ILE A 159 20.72 27.36 37.13
C ILE A 159 19.88 26.23 37.77
N TYR A 160 19.81 26.23 39.07
CA TYR A 160 19.11 25.26 39.82
C TYR A 160 18.58 26.07 41.02
N GLU A 161 17.67 25.44 41.73
CA GLU A 161 16.95 26.02 42.86
C GLU A 161 17.05 25.08 44.04
N PRO A 162 17.99 25.29 44.96
CA PRO A 162 17.97 24.39 46.13
C PRO A 162 16.58 24.34 46.80
N VAL A 163 16.07 25.50 47.15
CA VAL A 163 14.74 25.55 47.73
C VAL A 163 13.91 26.45 46.82
N ASP A 164 12.61 26.30 46.89
CA ASP A 164 11.74 26.89 45.92
C ASP A 164 11.87 28.36 46.01
N GLY A 165 11.95 29.03 44.87
CA GLY A 165 11.97 30.49 44.83
C GLY A 165 13.36 31.08 44.97
N THR A 166 14.34 30.24 45.26
CA THR A 166 15.72 30.68 45.38
C THR A 166 16.58 30.02 44.32
N THR A 167 17.16 30.82 43.41
CA THR A 167 18.12 30.33 42.40
C THR A 167 19.59 30.46 42.74
N ARG A 168 20.40 29.56 42.15
CA ARG A 168 21.87 29.58 42.25
C ARG A 168 22.41 29.02 40.97
N VAL A 169 23.67 29.26 40.70
CA VAL A 169 24.36 28.75 39.53
C VAL A 169 25.38 27.77 40.06
N GLY A 170 25.43 26.57 39.46
CA GLY A 170 26.48 25.58 39.78
C GLY A 170 27.24 25.25 38.50
N VAL A 171 28.42 24.63 38.63
CA VAL A 171 29.20 24.16 37.49
C VAL A 171 29.24 22.67 37.55
N PHE A 172 28.68 22.07 36.50
CA PHE A 172 28.51 20.60 36.43
C PHE A 172 29.56 19.98 35.55
N VAL A 173 30.24 18.96 36.09
CA VAL A 173 31.37 18.35 35.39
C VAL A 173 30.93 17.05 34.74
N THR A 174 31.12 16.90 33.44
CA THR A 174 30.89 15.62 32.77
C THR A 174 32.16 15.15 32.05
N ILE A 175 32.27 13.84 31.85
CA ILE A 175 33.46 13.20 31.27
C ILE A 175 33.03 12.27 30.16
N GLY A 176 33.75 12.31 29.06
CA GLY A 176 33.61 11.31 28.01
C GLY A 176 35.00 11.03 27.42
N MET A 177 35.01 10.42 26.24
CA MET A 177 36.22 10.09 25.54
C MET A 177 36.08 10.50 24.11
N ARG A 178 37.09 11.18 23.63
CA ARG A 178 37.22 11.49 22.24
C ARG A 178 37.93 10.31 21.58
N TYR A 179 37.30 9.70 20.58
CA TYR A 179 37.93 8.66 19.77
C TYR A 179 38.30 9.33 18.43
N ASP A 180 39.54 9.16 18.01
CA ASP A 180 40.00 9.81 16.81
C ASP A 180 41.11 9.00 16.11
N ILE A 181 41.01 8.91 14.79
CA ILE A 181 41.95 8.17 13.96
C ILE A 181 42.70 9.22 13.13
N GLU A 182 43.91 9.55 13.56
CA GLU A 182 44.70 10.56 12.91
C GLU A 182 45.40 10.02 11.67
N ALA A 183 45.54 8.70 11.59
CA ALA A 183 46.30 8.03 10.52
C ALA A 183 45.98 8.57 9.15
N SER A 184 47.02 8.79 8.34
CA SER A 184 46.86 9.07 6.93
C SER A 184 46.10 7.91 6.27
N LEU A 185 45.13 8.19 5.39
CA LEU A 185 44.45 7.13 4.66
C LEU A 185 45.47 6.34 3.79
N ARG A 186 46.49 7.04 3.28
CA ARG A 186 47.57 6.43 2.47
C ARG A 186 48.25 5.32 3.26
N ASP A 187 48.63 5.63 4.50
CA ASP A 187 49.27 4.67 5.42
C ASP A 187 48.40 3.48 5.83
N LEU A 188 47.08 3.69 5.90
CA LEU A 188 46.18 2.59 6.28
C LEU A 188 46.02 1.65 5.10
N LEU A 189 45.85 2.24 3.91
CA LEU A 189 45.78 1.46 2.68
C LEU A 189 47.08 0.65 2.54
N GLU A 190 48.22 1.29 2.78
CA GLU A 190 49.52 0.67 2.55
C GLU A 190 49.87 -0.42 3.57
N ALA A 191 49.25 -0.35 4.75
CA ALA A 191 49.39 -1.40 5.72
C ALA A 191 48.35 -2.53 5.51
N GLY A 192 47.65 -2.50 4.37
CA GLY A 192 46.73 -3.57 3.99
C GLY A 192 45.30 -3.58 4.54
N ILE A 193 44.82 -2.48 5.11
CA ILE A 193 43.40 -2.37 5.52
C ILE A 193 42.58 -1.98 4.29
N ASP A 194 41.48 -2.69 4.11
CA ASP A 194 40.49 -2.35 3.12
C ASP A 194 39.55 -1.21 3.60
N LEU A 195 39.78 -0.02 3.08
CA LEU A 195 39.04 1.18 3.34
C LEU A 195 37.67 1.25 2.67
N ARG A 196 37.37 0.28 1.82
CA ARG A 196 36.16 0.35 1.02
C ARG A 196 34.90 0.39 1.84
N GLY A 197 34.12 1.41 1.57
CA GLY A 197 32.92 1.64 2.34
C GLY A 197 33.05 2.47 3.63
N MET A 198 34.26 2.86 4.02
CA MET A 198 34.42 3.55 5.31
C MET A 198 34.01 4.98 5.11
N TYR A 199 33.30 5.51 6.10
CA TYR A 199 32.97 6.92 6.12
C TYR A 199 34.24 7.72 6.47
N VAL A 200 34.43 8.80 5.73
CA VAL A 200 35.54 9.70 5.93
C VAL A 200 34.93 11.06 6.20
N VAL A 201 35.64 11.87 6.98
CA VAL A 201 35.28 13.25 7.30
C VAL A 201 36.47 14.20 6.98
N ARG A 202 36.22 15.51 6.91
CA ARG A 202 37.30 16.52 6.72
C ARG A 202 38.18 16.51 7.93
N ARG A 203 39.50 16.64 7.74
CA ARG A 203 40.43 16.84 8.84
C ARG A 203 40.23 18.14 9.58
N LYS A 204 39.96 19.20 8.85
CA LYS A 204 39.60 20.48 9.48
C LYS A 204 38.27 20.93 8.90
N ARG A 205 37.40 21.45 9.76
CA ARG A 205 36.12 22.02 9.36
C ARG A 205 36.15 23.55 9.50
N GLN A 206 35.56 24.24 8.53
CA GLN A 206 35.33 25.69 8.63
C GLN A 206 34.05 26.03 9.43
N PRO A 207 33.79 27.32 9.65
CA PRO A 207 32.50 27.73 10.20
C PRO A 207 31.30 27.21 9.39
N GLY A 208 30.56 26.28 9.99
CA GLY A 208 29.35 25.76 9.35
C GLY A 208 29.62 24.87 8.17
N GLU A 209 30.87 24.45 7.99
CA GLU A 209 31.24 23.46 7.00
C GLU A 209 30.88 22.06 7.53
N ARG A 210 30.54 21.15 6.64
CA ARG A 210 30.18 19.80 7.05
C ARG A 210 31.44 19.04 7.43
N GLY A 211 31.28 18.01 8.25
CA GLY A 211 32.35 17.04 8.56
C GLY A 211 32.32 15.92 7.55
N LEU A 212 31.18 15.25 7.44
CA LEU A 212 31.04 14.06 6.64
C LEU A 212 31.13 14.32 5.13
N LEU A 213 32.05 13.59 4.50
CA LEU A 213 32.34 13.71 3.09
C LEU A 213 31.66 12.61 2.31
N GLY A 214 31.58 11.42 2.90
CA GLY A 214 31.07 10.27 2.16
C GLY A 214 31.80 9.00 2.55
N ARG A 215 31.64 7.96 1.71
CA ARG A 215 32.27 6.65 1.92
C ARG A 215 33.38 6.42 0.88
N VAL A 216 34.35 5.58 1.22
CA VAL A 216 35.52 5.37 0.33
C VAL A 216 35.21 4.33 -0.75
N ARG A 217 35.37 4.74 -2.01
CA ARG A 217 35.24 3.85 -3.17
C ARG A 217 36.66 3.34 -3.48
N ALA A 218 37.58 4.28 -3.69
CA ALA A 218 38.96 3.94 -3.99
C ALA A 218 39.90 5.06 -3.64
N ILE A 219 41.16 4.70 -3.49
CA ILE A 219 42.24 5.62 -3.33
C ILE A 219 43.16 5.29 -4.51
N SER A 220 43.07 6.07 -5.58
CA SER A 220 44.10 6.05 -6.63
C SER A 220 44.72 7.44 -6.64
N ASP A 221 46.03 7.48 -6.85
CA ASP A 221 46.77 8.74 -6.83
C ASP A 221 46.66 9.39 -5.44
N ASP A 222 46.67 10.73 -5.42
CA ASP A 222 46.73 11.51 -4.21
C ASP A 222 45.28 11.78 -3.68
N MET A 223 44.29 11.06 -4.21
CA MET A 223 42.91 11.42 -3.97
C MET A 223 42.04 10.22 -3.60
N VAL A 224 41.15 10.42 -2.63
CA VAL A 224 40.11 9.43 -2.35
C VAL A 224 38.91 9.64 -3.27
N GLN A 225 38.49 8.56 -3.93
CA GLN A 225 37.24 8.53 -4.66
C GLN A 225 36.12 8.13 -3.67
N LEU A 226 35.00 8.84 -3.70
CA LEU A 226 33.94 8.67 -2.71
C LEU A 226 32.65 8.25 -3.38
N PHE A 227 31.81 7.54 -2.64
CA PHE A 227 30.42 7.34 -3.04
C PHE A 227 29.54 7.73 -1.86
N GLU A 228 28.21 7.74 -2.04
CA GLU A 228 27.30 8.39 -1.11
C GLU A 228 27.90 9.72 -0.65
N GLU A 229 28.50 10.44 -1.59
CA GLU A 229 29.17 11.68 -1.26
C GLU A 229 28.16 12.69 -0.81
N THR A 230 28.60 13.63 0.02
CA THR A 230 27.73 14.70 0.52
C THR A 230 27.70 15.90 -0.44
N ASP A 231 28.90 16.33 -0.88
CA ASP A 231 29.11 17.42 -1.84
C ASP A 231 29.90 16.87 -3.05
N LEU A 232 31.21 17.09 -3.11
CA LEU A 232 32.04 16.69 -4.25
C LEU A 232 32.23 15.19 -4.23
N ALA A 233 32.48 14.57 -5.37
CA ALA A 233 32.65 13.10 -5.42
C ALA A 233 34.09 12.61 -5.19
N SER A 234 35.01 13.51 -4.90
CA SER A 234 36.41 13.15 -4.63
C SER A 234 37.00 14.23 -3.72
N VAL A 235 38.10 13.93 -3.07
CA VAL A 235 38.72 14.82 -2.07
C VAL A 235 40.16 14.34 -1.90
N ASN A 236 41.07 15.23 -1.51
CA ASN A 236 42.49 14.87 -1.48
C ASN A 236 42.74 14.11 -0.20
N VAL A 237 43.58 13.08 -0.27
CA VAL A 237 43.86 12.20 0.88
C VAL A 237 44.18 13.00 2.11
N ASN A 238 44.96 14.05 1.92
CA ASN A 238 45.41 14.83 3.06
C ASN A 238 44.36 15.69 3.72
N ASP A 239 43.24 15.97 3.04
CA ASP A 239 42.14 16.77 3.66
C ASP A 239 41.10 15.94 4.42
N ALA A 240 41.20 14.60 4.24
CA ALA A 240 40.25 13.65 4.82
C ALA A 240 40.81 12.62 5.83
N LYS A 241 39.95 12.17 6.77
CA LYS A 241 40.28 11.16 7.77
C LYS A 241 39.10 10.22 8.00
N LEU A 242 39.37 9.01 8.46
CA LEU A 242 38.30 8.11 8.88
C LEU A 242 37.57 8.73 10.08
N GLU A 243 36.26 8.71 10.08
CA GLU A 243 35.55 9.20 11.27
C GLU A 243 35.89 8.27 12.47
N GLY A 244 35.95 8.86 13.66
CA GLY A 244 36.36 8.14 14.88
C GLY A 244 35.27 7.24 15.48
N SER A 245 34.68 6.40 14.66
CA SER A 245 33.61 5.54 15.09
C SER A 245 34.22 4.24 15.54
N LYS A 246 33.45 3.53 16.33
CA LYS A 246 33.80 2.16 16.70
C LYS A 246 33.99 1.27 15.51
N GLU A 247 33.13 1.42 14.48
CA GLU A 247 33.24 0.63 13.29
C GLU A 247 34.64 0.78 12.68
N ASN A 248 35.09 2.01 12.53
CA ASN A 248 36.38 2.22 11.88
C ASN A 248 37.56 1.77 12.83
N PHE A 249 37.43 1.96 14.15
CA PHE A 249 38.46 1.48 15.07
C PHE A 249 38.58 -0.04 14.96
N THR A 250 37.46 -0.71 15.05
CA THR A 250 37.46 -2.15 14.99
C THR A 250 37.97 -2.68 13.67
N ARG A 251 37.51 -2.10 12.59
CA ARG A 251 37.93 -2.53 11.27
C ARG A 251 39.44 -2.31 11.04
N CYS A 252 39.98 -1.20 11.53
CA CYS A 252 41.42 -0.96 11.37
C CYS A 252 42.21 -1.87 12.29
N LEU A 253 41.91 -1.81 13.59
CA LEU A 253 42.72 -2.48 14.60
C LEU A 253 42.66 -4.04 14.56
N SER A 254 41.47 -4.61 14.25
CA SER A 254 41.36 -6.06 14.03
C SER A 254 42.23 -6.51 12.85
N ALA A 255 42.28 -5.71 11.78
CA ALA A 255 43.17 -6.04 10.66
C ALA A 255 44.62 -5.88 11.04
N LEU A 256 44.96 -4.84 11.79
CA LEU A 256 46.39 -4.60 12.12
C LEU A 256 46.94 -5.49 13.22
N LEU A 257 46.07 -5.91 14.12
CA LEU A 257 46.46 -6.63 15.32
C LEU A 257 46.05 -8.11 15.29
N GLY A 258 45.18 -8.45 14.34
CA GLY A 258 44.62 -9.79 14.23
C GLY A 258 44.05 -10.38 15.52
N HIS A 259 44.69 -11.43 16.02
CA HIS A 259 44.17 -12.16 17.16
C HIS A 259 44.63 -11.57 18.52
N ASN A 260 45.54 -10.59 18.47
CA ASN A 260 45.78 -9.67 19.57
C ASN A 260 44.69 -8.59 19.73
N TYR A 261 43.89 -8.30 18.70
CA TYR A 261 42.87 -7.24 18.79
C TYR A 261 42.03 -7.34 20.10
N LYS A 262 41.65 -8.57 20.46
CA LYS A 262 40.90 -8.84 21.70
C LYS A 262 41.63 -8.34 22.96
N LYS A 263 42.94 -8.48 22.98
CA LYS A 263 43.68 -8.08 24.15
C LYS A 263 43.59 -6.54 24.30
N LEU A 264 43.67 -5.82 23.19
CA LEU A 264 43.63 -4.37 23.20
C LEU A 264 42.30 -3.88 23.68
N LEU A 265 41.25 -4.50 23.16
CA LEU A 265 39.89 -4.15 23.49
C LEU A 265 39.57 -4.30 25.00
N ASN A 266 39.87 -5.48 25.57
CA ASN A 266 39.69 -5.74 27.00
C ASN A 266 40.52 -4.76 27.88
N ALA A 267 41.73 -4.43 27.46
CA ALA A 267 42.58 -3.47 28.20
C ALA A 267 42.07 -2.02 28.06
N LEU A 268 41.58 -1.65 26.88
CA LEU A 268 40.95 -0.31 26.71
C LEU A 268 39.69 -0.15 27.60
N ASP A 269 38.90 -1.21 27.66
CA ASP A 269 37.73 -1.30 28.54
C ASP A 269 38.12 -1.10 30.00
N ASP A 270 39.23 -1.73 30.43
CA ASP A 270 39.81 -1.40 31.74
C ASP A 270 40.22 0.09 31.89
N GLN A 271 40.88 0.68 30.90
CA GLN A 271 41.30 2.07 31.03
C GLN A 271 40.11 2.97 31.24
N GLU A 272 39.09 2.79 30.42
CA GLU A 272 37.97 3.70 30.50
C GLU A 272 37.27 3.57 31.84
N ALA A 273 37.17 2.35 32.36
CA ALA A 273 36.53 2.14 33.66
C ALA A 273 37.20 2.99 34.72
N GLY A 274 38.51 3.23 34.55
CA GLY A 274 39.28 4.06 35.47
C GLY A 274 38.90 5.51 35.47
N TYR A 275 38.11 5.93 34.49
CA TYR A 275 37.56 7.29 34.47
C TYR A 275 36.05 7.27 34.74
N ARG A 276 35.37 6.14 34.53
CA ARG A 276 33.90 6.14 34.41
C ARG A 276 33.09 5.46 35.54
N THR A 277 33.64 4.47 36.26
CA THR A 277 32.94 3.89 37.41
C THR A 277 32.72 4.99 38.48
N GLY A 278 31.78 4.77 39.38
CA GLY A 278 31.44 5.74 40.45
C GLY A 278 32.55 6.41 41.24
N PRO A 279 33.33 5.61 41.99
CA PRO A 279 34.36 6.22 42.82
C PRO A 279 35.40 6.93 41.96
N ARG A 280 35.71 6.40 40.77
CA ARG A 280 36.68 7.07 39.89
C ARG A 280 36.11 8.36 39.26
N PHE A 281 34.84 8.34 38.90
CA PHE A 281 34.19 9.58 38.43
C PHE A 281 34.10 10.61 39.48
N ASP A 282 33.61 10.18 40.64
CA ASP A 282 33.54 11.02 41.85
C ASP A 282 34.92 11.64 42.11
N ASP A 283 35.96 10.82 42.07
CA ASP A 283 37.32 11.31 42.37
C ASP A 283 37.73 12.34 41.31
N ALA A 284 37.31 12.17 40.06
CA ALA A 284 37.68 13.08 39.00
C ALA A 284 36.93 14.39 39.10
N VAL A 285 35.65 14.36 39.44
CA VAL A 285 34.94 15.56 39.71
C VAL A 285 35.56 16.31 40.91
N ARG A 286 35.92 15.58 41.96
CA ARG A 286 36.64 16.19 43.10
C ARG A 286 37.88 16.95 42.63
N ARG A 287 38.70 16.31 41.80
CA ARG A 287 39.96 16.91 41.39
C ARG A 287 39.71 18.15 40.49
N MET A 288 38.65 18.11 39.69
CA MET A 288 38.29 19.24 38.79
C MET A 288 37.89 20.46 39.62
N GLY A 289 37.16 20.20 40.69
CA GLY A 289 36.71 21.22 41.61
C GLY A 289 37.85 21.84 42.34
N GLU A 290 38.77 21.02 42.87
CA GLU A 290 39.92 21.55 43.61
C GLU A 290 40.77 22.44 42.70
N PHE A 291 40.93 22.05 41.43
CA PHE A 291 41.63 22.89 40.42
C PHE A 291 40.95 24.23 40.08
N LEU A 292 39.63 24.20 39.94
CA LEU A 292 38.81 25.39 39.60
C LEU A 292 38.69 26.33 40.82
N ALA A 293 38.69 25.73 42.03
CA ALA A 293 38.68 26.47 43.29
C ALA A 293 40.03 27.16 43.58
N LYS A 294 41.16 26.50 43.34
CA LYS A 294 42.48 27.03 43.77
C LYS A 294 42.69 28.55 43.54
N LYS A 295 42.14 29.10 42.46
CA LYS A 295 42.01 30.55 42.30
C LYS A 295 40.55 31.04 42.33
N PRO A 296 40.39 32.38 42.51
CA PRO A 296 39.15 33.03 42.15
C PRO A 296 38.99 32.93 40.66
N ILE A 297 37.78 32.69 40.16
CA ILE A 297 37.60 32.73 38.69
C ILE A 297 37.09 34.14 38.34
N ARG A 298 37.71 34.81 37.40
CA ARG A 298 37.42 36.22 37.24
C ARG A 298 36.33 36.41 36.22
N LEU A 299 35.27 37.10 36.63
CA LEU A 299 34.16 37.46 35.75
C LEU A 299 34.45 38.77 34.93
N ALA A 300 35.24 39.65 35.53
CA ALA A 300 35.58 40.96 34.96
C ALA A 300 36.75 41.52 35.77
N ASP A 301 37.41 42.56 35.24
CA ASP A 301 38.56 43.21 35.94
C ASP A 301 38.53 43.14 37.48
N ASN A 302 37.46 43.62 38.09
CA ASN A 302 37.43 43.63 39.56
C ASN A 302 36.26 42.86 40.12
N ILE A 303 35.91 41.76 39.46
CA ILE A 303 34.76 40.99 39.86
C ILE A 303 35.08 39.51 39.77
N ASN A 304 34.99 38.80 40.90
CA ASN A 304 35.32 37.37 40.95
C ASN A 304 34.14 36.51 41.35
N ALA A 305 34.17 35.28 40.84
CA ALA A 305 33.30 34.21 41.30
C ALA A 305 34.20 33.18 41.95
N GLN A 306 33.61 32.25 42.67
CA GLN A 306 34.37 31.30 43.46
C GLN A 306 33.64 29.98 43.50
N VAL A 307 34.34 28.93 43.13
CA VAL A 307 33.74 27.62 43.00
C VAL A 307 33.71 27.04 44.41
N GLY A 308 32.52 26.68 44.87
CA GLY A 308 32.25 26.35 46.26
C GLY A 308 32.21 24.87 46.52
N ASP A 309 31.38 24.48 47.47
CA ASP A 309 31.34 23.07 47.80
C ASP A 309 30.55 22.29 46.71
N ARG A 310 30.72 20.99 46.75
CA ARG A 310 29.97 20.11 45.92
C ARG A 310 28.52 20.25 46.27
N ILE A 311 27.68 20.18 45.24
CA ILE A 311 26.23 20.26 45.40
C ILE A 311 25.71 18.89 45.71
N VAL A 312 24.84 18.88 46.71
CA VAL A 312 24.24 17.66 47.16
C VAL A 312 22.71 17.85 47.13
N PHE A 313 22.00 16.74 47.07
CA PHE A 313 20.56 16.72 47.09
C PHE A 313 20.18 16.01 48.34
N SER A 314 19.66 16.81 49.28
CA SER A 314 19.37 16.37 50.63
C SER A 314 18.08 17.02 51.16
N ASN A 315 17.59 16.54 52.28
CA ASN A 315 16.51 17.25 53.09
C ASN A 315 17.00 18.02 54.36
N GLU A 316 18.21 18.56 54.29
CA GLU A 316 18.73 19.36 55.43
C GLU A 316 18.23 20.81 55.38
N GLY A 317 18.00 21.38 56.57
CA GLY A 317 17.77 22.81 56.77
C GLY A 317 16.66 23.45 55.95
N GLN A 318 15.51 22.80 55.92
CA GLN A 318 14.34 23.26 55.13
C GLN A 318 14.53 23.15 53.60
N ALA A 319 15.61 22.49 53.14
CA ALA A 319 15.66 21.99 51.76
C ALA A 319 14.84 20.69 51.71
N ARG A 320 14.08 20.45 50.68
CA ARG A 320 13.45 19.15 50.56
C ARG A 320 13.70 18.67 49.14
N ASN A 321 14.89 18.10 48.93
CA ASN A 321 15.40 17.82 47.61
C ASN A 321 15.61 16.37 47.16
N VAL A 322 15.34 15.39 48.00
CA VAL A 322 15.41 14.00 47.58
C VAL A 322 14.40 13.11 48.23
N ARG A 323 14.02 12.07 47.50
CA ARG A 323 13.18 10.98 48.01
C ARG A 323 13.41 9.67 47.26
N LEU A 324 13.15 8.54 47.92
CA LEU A 324 13.18 7.28 47.24
C LEU A 324 11.74 6.82 46.95
N ALA A 325 11.32 6.80 45.68
CA ALA A 325 10.01 6.20 45.33
C ALA A 325 9.96 4.70 45.74
N PRO A 326 8.80 4.19 46.17
CA PRO A 326 8.73 2.81 46.44
C PRO A 326 9.08 1.95 45.23
N LYS A 327 9.41 0.72 45.48
CA LYS A 327 9.61 -0.19 44.37
C LYS A 327 8.35 -0.39 43.49
N VAL A 328 8.52 -0.43 42.18
CA VAL A 328 7.45 -0.74 41.24
C VAL A 328 7.04 -2.18 41.51
N GLU A 329 5.74 -2.38 41.48
CA GLU A 329 5.14 -3.67 41.62
C GLU A 329 4.67 -4.08 40.26
N TYR A 330 5.20 -5.23 39.81
CA TYR A 330 4.66 -5.91 38.68
C TYR A 330 3.38 -6.64 39.10
N VAL A 331 2.30 -6.41 38.37
CA VAL A 331 0.93 -6.84 38.81
C VAL A 331 0.32 -7.87 37.90
N PHE A 332 -0.21 -8.94 38.52
CA PHE A 332 -0.58 -10.13 37.80
C PHE A 332 -2.05 -10.54 38.01
N ASP A 333 -2.84 -9.69 38.66
CA ASP A 333 -4.28 -9.85 38.60
C ASP A 333 -4.99 -8.51 38.82
N ARG A 334 -6.28 -8.47 38.51
CA ARG A 334 -7.12 -7.26 38.64
C ARG A 334 -7.24 -6.72 40.07
N THR A 335 -6.90 -7.52 41.08
CA THR A 335 -6.90 -7.03 42.46
C THR A 335 -5.53 -6.48 42.83
N GLY A 336 -4.58 -7.37 43.13
CA GLY A 336 -3.28 -6.97 43.65
C GLY A 336 -2.69 -8.03 44.56
N ALA A 337 -3.45 -9.06 44.89
CA ALA A 337 -2.88 -10.18 45.63
C ALA A 337 -1.56 -10.59 44.96
N LYS A 338 -1.59 -10.66 43.64
CA LYS A 338 -0.51 -11.22 42.91
C LYS A 338 0.39 -10.10 42.42
N SER A 339 1.41 -9.73 43.19
CA SER A 339 2.42 -8.79 42.73
C SER A 339 3.78 -9.35 42.92
N ALA A 340 4.76 -8.75 42.26
CA ALA A 340 6.15 -9.11 42.47
C ALA A 340 7.05 -7.92 42.21
N GLU A 341 8.30 -8.05 42.59
CA GLU A 341 9.27 -7.01 42.40
C GLU A 341 9.92 -7.11 41.04
N TYR A 342 9.83 -8.27 40.39
CA TYR A 342 10.53 -8.50 39.10
C TYR A 342 9.53 -9.15 38.20
N ALA A 343 9.53 -8.75 36.93
CA ALA A 343 8.63 -9.32 35.91
C ALA A 343 8.68 -10.83 35.75
N TRP A 344 9.89 -11.37 35.59
CA TRP A 344 9.99 -12.80 35.26
C TRP A 344 9.55 -13.65 36.44
N ARG A 345 10.01 -13.33 37.64
CA ARG A 345 9.64 -14.09 38.85
C ARG A 345 8.15 -14.01 39.06
N GLY A 346 7.55 -12.83 38.88
CA GLY A 346 6.09 -12.78 38.87
C GLY A 346 5.41 -13.67 37.84
N LEU A 347 5.78 -13.46 36.58
CA LEU A 347 5.17 -14.19 35.48
C LEU A 347 5.28 -15.70 35.67
N SER A 348 6.47 -16.17 36.02
CA SER A 348 6.69 -17.62 36.05
C SER A 348 5.95 -18.20 37.24
N GLN A 349 5.68 -17.36 38.23
CA GLN A 349 4.94 -17.81 39.37
C GLN A 349 3.43 -17.70 39.23
N PHE A 350 2.92 -16.61 38.69
CA PHE A 350 1.49 -16.43 38.67
C PHE A 350 0.92 -16.71 37.29
N GLY A 351 1.74 -16.67 36.21
CA GLY A 351 1.15 -16.56 34.87
C GLY A 351 0.71 -15.08 34.59
N PRO A 352 0.24 -14.82 33.38
CA PRO A 352 0.00 -13.46 32.91
C PRO A 352 -1.26 -12.87 33.53
N PHE A 353 -1.28 -11.54 33.54
CA PHE A 353 -2.31 -10.73 34.17
C PHE A 353 -3.71 -11.09 33.66
N ASP A 354 -3.84 -11.34 32.34
CA ASP A 354 -5.11 -11.67 31.73
C ASP A 354 -5.37 -13.19 31.59
N ARG A 355 -4.61 -14.07 32.29
CA ARG A 355 -4.84 -15.50 32.09
C ARG A 355 -6.33 -15.93 32.18
N PRO A 356 -7.08 -15.38 33.15
CA PRO A 356 -8.48 -15.88 33.26
C PRO A 356 -9.36 -15.61 32.01
N SER A 357 -9.06 -14.55 31.27
CA SER A 357 -9.96 -14.16 30.18
C SER A 357 -9.33 -14.31 28.82
N PHE A 358 -8.09 -14.81 28.75
CA PHE A 358 -7.36 -14.78 27.47
C PHE A 358 -8.06 -15.75 26.51
N ALA A 359 -8.35 -15.21 25.33
CA ALA A 359 -9.35 -15.78 24.49
C ALA A 359 -8.90 -16.93 23.62
N ASN A 360 -7.61 -17.02 23.37
CA ASN A 360 -7.07 -17.91 22.31
C ASN A 360 -6.13 -18.87 22.96
N ARG A 361 -6.67 -19.96 23.49
CA ARG A 361 -5.88 -20.92 24.24
C ARG A 361 -5.05 -21.84 23.35
N SER A 362 -5.42 -21.90 22.08
CA SER A 362 -4.77 -22.77 21.11
C SER A 362 -4.19 -21.96 19.89
N PRO A 363 -3.26 -21.05 20.13
CA PRO A 363 -2.73 -20.30 18.96
C PRO A 363 -2.11 -21.18 17.84
N ARG A 364 -2.34 -20.80 16.57
CA ARG A 364 -1.74 -21.39 15.38
C ARG A 364 -0.73 -20.35 14.88
N ILE A 365 0.53 -20.73 14.79
CA ILE A 365 1.61 -19.76 14.52
C ILE A 365 2.30 -20.27 13.28
N LEU A 366 2.29 -19.44 12.27
CA LEU A 366 3.02 -19.69 11.04
C LEU A 366 4.50 -19.45 11.33
N VAL A 367 5.35 -20.38 10.88
CA VAL A 367 6.75 -20.29 11.03
C VAL A 367 7.41 -20.30 9.66
N VAL A 368 8.00 -19.16 9.31
CA VAL A 368 8.55 -18.93 7.98
C VAL A 368 10.09 -18.89 8.15
N TYR A 369 10.82 -19.70 7.38
CA TYR A 369 12.28 -19.89 7.61
C TYR A 369 12.97 -20.42 6.37
N PRO A 370 14.30 -20.12 6.22
CA PRO A 370 15.04 -20.72 5.09
C PRO A 370 15.07 -22.24 5.19
N SER A 371 14.77 -22.95 4.10
CA SER A 371 14.66 -24.41 4.17
C SER A 371 15.90 -25.06 4.79
N SER A 372 17.09 -24.53 4.51
CA SER A 372 18.36 -25.07 5.04
C SER A 372 18.53 -24.99 6.59
N THR A 373 17.68 -24.22 7.29
CA THR A 373 17.82 -24.03 8.75
C THR A 373 16.81 -24.89 9.55
N GLN A 374 16.03 -25.69 8.82
CA GLN A 374 14.99 -26.56 9.35
C GLN A 374 15.23 -27.22 10.70
N GLY A 375 16.34 -27.96 10.85
CA GLY A 375 16.69 -28.65 12.11
C GLY A 375 16.95 -27.65 13.23
N LYS A 376 17.67 -26.59 12.93
CA LYS A 376 17.88 -25.46 13.88
C LYS A 376 16.59 -24.76 14.34
N VAL A 377 15.71 -24.46 13.39
CA VAL A 377 14.40 -23.88 13.68
C VAL A 377 13.56 -24.87 14.49
N GLU A 378 13.61 -26.16 14.16
CA GLU A 378 12.80 -27.09 14.98
C GLU A 378 13.29 -27.08 16.45
N ASN A 379 14.59 -27.03 16.67
CA ASN A 379 15.16 -27.01 18.01
C ASN A 379 14.77 -25.76 18.81
N PHE A 380 14.89 -24.59 18.15
CA PHE A 380 14.42 -23.37 18.72
C PHE A 380 12.94 -23.41 19.06
N LEU A 381 12.13 -23.87 18.12
CA LEU A 381 10.71 -23.98 18.40
C LEU A 381 10.34 -24.87 19.58
N SER A 382 11.07 -25.97 19.73
CA SER A 382 10.84 -26.91 20.83
C SER A 382 11.18 -26.27 22.17
N ALA A 383 12.34 -25.64 22.21
CA ALA A 383 12.77 -24.83 23.37
C ALA A 383 11.73 -23.79 23.76
N PHE A 384 11.25 -23.04 22.76
CA PHE A 384 10.29 -21.97 22.96
C PHE A 384 8.94 -22.50 23.46
N ARG A 385 8.44 -23.51 22.77
CA ARG A 385 7.08 -23.94 23.05
C ARG A 385 7.05 -24.82 24.30
N ASP A 386 7.99 -25.76 24.38
CA ASP A 386 7.94 -26.86 25.38
C ASP A 386 9.00 -26.72 26.47
N GLY A 387 9.85 -25.71 26.38
CA GLY A 387 10.75 -25.36 27.45
C GLY A 387 12.09 -26.02 27.32
N MET A 388 13.06 -25.53 28.08
CA MET A 388 14.42 -26.03 27.99
C MET A 388 14.70 -26.95 29.10
N GLY A 389 13.70 -27.17 29.93
CA GLY A 389 13.79 -28.09 31.07
C GLY A 389 14.57 -27.54 32.27
N SER A 390 14.70 -28.37 33.27
CA SER A 390 15.09 -27.93 34.60
C SER A 390 16.59 -27.55 34.81
N ASN A 391 17.48 -27.89 33.87
CA ASN A 391 18.85 -27.31 33.86
C ASN A 391 18.99 -25.86 33.35
N TYR A 392 17.92 -25.32 32.78
CA TYR A 392 17.93 -23.89 32.24
C TYR A 392 16.72 -23.21 32.88
N SER A 393 16.91 -22.83 34.14
CA SER A 393 15.81 -22.62 35.04
C SER A 393 15.20 -21.27 34.66
N GLY A 394 15.91 -20.41 33.93
CA GLY A 394 15.32 -19.16 33.36
C GLY A 394 14.23 -19.38 32.31
N PHE A 395 14.18 -20.59 31.75
CA PHE A 395 13.16 -20.96 30.81
C PHE A 395 12.89 -22.44 30.77
N SER A 396 12.53 -23.01 31.96
CA SER A 396 12.26 -24.41 32.11
C SER A 396 11.05 -24.85 31.39
N LYS A 397 9.94 -24.17 31.60
CA LYS A 397 8.66 -24.78 31.26
C LYS A 397 8.08 -24.51 29.88
N GLY A 398 8.54 -23.49 29.17
CA GLY A 398 8.01 -23.29 27.83
C GLY A 398 6.82 -22.36 27.79
N PHE A 399 6.61 -21.77 26.61
CA PHE A 399 5.56 -20.74 26.34
C PHE A 399 4.17 -21.20 26.73
N VAL A 400 3.84 -22.43 26.39
CA VAL A 400 2.52 -23.01 26.66
C VAL A 400 2.17 -23.03 28.15
N ASP A 401 2.99 -23.68 28.97
CA ASP A 401 2.75 -23.65 30.41
C ASP A 401 3.01 -22.30 31.08
N LEU A 402 3.99 -21.54 30.60
CA LEU A 402 4.29 -20.22 31.11
C LEU A 402 3.06 -19.35 31.07
N MET A 403 2.35 -19.38 29.93
CA MET A 403 1.23 -18.48 29.67
C MET A 403 -0.14 -19.05 29.94
N GLY A 404 -0.21 -20.29 30.39
CA GLY A 404 -1.49 -20.95 30.68
C GLY A 404 -2.27 -21.35 29.44
N LEU A 405 -1.60 -21.66 28.34
CA LEU A 405 -2.33 -22.02 27.10
C LEU A 405 -2.66 -23.50 27.08
N THR A 406 -3.46 -23.94 26.14
CA THR A 406 -3.76 -25.36 25.98
C THR A 406 -2.66 -25.93 25.14
N LYS A 407 -2.38 -25.27 24.02
CA LYS A 407 -1.34 -25.72 23.10
C LYS A 407 -0.95 -24.69 22.07
N VAL A 408 0.10 -24.97 21.31
CA VAL A 408 0.49 -24.11 20.18
C VAL A 408 0.78 -25.03 18.97
N GLU A 409 -0.03 -24.85 17.90
CA GLU A 409 0.16 -25.45 16.56
C GLU A 409 1.10 -24.60 15.67
N PHE A 410 2.22 -25.15 15.19
CA PHE A 410 3.04 -24.48 14.19
C PHE A 410 2.64 -24.88 12.78
N VAL A 411 2.57 -23.92 11.89
CA VAL A 411 2.31 -24.19 10.47
C VAL A 411 3.63 -23.87 9.77
N MET A 412 4.37 -24.90 9.40
CA MET A 412 5.76 -24.72 8.92
C MET A 412 5.80 -24.21 7.48
N CYS A 413 6.53 -23.12 7.24
CA CYS A 413 6.58 -22.48 5.95
C CYS A 413 8.02 -22.33 5.47
N PRO A 414 8.64 -23.45 5.04
CA PRO A 414 10.05 -23.32 4.58
C PRO A 414 10.17 -22.44 3.33
N VAL A 415 11.27 -21.73 3.16
CA VAL A 415 11.46 -20.88 2.01
C VAL A 415 12.75 -21.35 1.33
N GLU A 416 12.72 -21.57 0.03
CA GLU A 416 13.92 -21.94 -0.73
C GLU A 416 14.74 -20.70 -1.00
N VAL A 417 15.62 -20.36 -0.08
CA VAL A 417 16.31 -19.08 -0.18
C VAL A 417 17.71 -19.28 0.40
N SER A 418 18.69 -18.70 -0.26
CA SER A 418 20.05 -18.69 0.23
C SER A 418 20.48 -17.37 0.87
N SER A 419 21.33 -17.53 1.87
CA SER A 419 21.94 -16.41 2.53
C SER A 419 22.68 -15.50 1.58
N ALA A 420 23.29 -16.06 0.54
CA ALA A 420 24.07 -15.31 -0.45
C ALA A 420 23.14 -14.52 -1.42
N ASP A 421 21.85 -14.82 -1.47
CA ASP A 421 20.88 -14.08 -2.34
C ASP A 421 20.65 -12.69 -1.74
N ARG A 422 21.14 -11.65 -2.41
CA ARG A 422 21.01 -10.27 -1.96
C ARG A 422 19.83 -9.54 -2.56
N ASN A 423 19.26 -10.04 -3.64
CA ASN A 423 18.29 -9.24 -4.36
C ASN A 423 16.88 -9.80 -4.43
N GLY A 424 16.72 -11.09 -4.17
CA GLY A 424 15.46 -11.77 -4.39
C GLY A 424 14.95 -12.47 -3.13
N ALA A 425 15.63 -12.26 -1.99
CA ALA A 425 15.24 -12.92 -0.72
C ALA A 425 13.86 -12.51 -0.27
N HIS A 426 13.54 -11.21 -0.37
CA HIS A 426 12.23 -10.76 0.07
C HIS A 426 11.10 -11.36 -0.79
N THR A 427 11.33 -11.52 -2.09
CA THR A 427 10.34 -12.07 -2.99
C THR A 427 10.03 -13.51 -2.69
N LYS A 428 11.06 -14.27 -2.34
CA LYS A 428 10.89 -15.67 -2.04
C LYS A 428 10.14 -15.88 -0.75
N TYR A 429 10.45 -15.07 0.27
CA TYR A 429 9.73 -15.18 1.54
C TYR A 429 8.24 -14.90 1.29
N ASN A 430 7.98 -13.76 0.68
CA ASN A 430 6.57 -13.44 0.42
C ASN A 430 5.80 -14.45 -0.42
N SER A 431 6.41 -14.97 -1.49
CA SER A 431 5.71 -15.94 -2.28
C SER A 431 5.40 -17.16 -1.44
N ALA A 432 6.35 -17.58 -0.61
CA ALA A 432 6.11 -18.83 0.18
C ALA A 432 5.01 -18.65 1.24
N ILE A 433 5.00 -17.48 1.87
CA ILE A 433 3.88 -17.08 2.78
C ILE A 433 2.52 -17.13 2.08
N GLU A 434 2.38 -16.45 0.93
CA GLU A 434 1.11 -16.43 0.21
C GLU A 434 0.64 -17.82 -0.13
N ASP A 435 1.54 -18.65 -0.61
CA ASP A 435 1.19 -19.96 -1.06
C ASP A 435 0.81 -20.85 0.10
N LYS A 436 1.50 -20.73 1.21
CA LYS A 436 1.18 -21.47 2.38
C LYS A 436 -0.12 -21.00 3.01
N LEU A 437 -0.35 -19.69 3.13
CA LEU A 437 -1.59 -19.23 3.73
C LEU A 437 -2.85 -19.56 2.94
N ALA A 438 -2.75 -19.58 1.59
CA ALA A 438 -3.90 -19.80 0.73
C ALA A 438 -4.56 -21.19 0.98
N GLY A 439 -3.76 -22.21 1.19
CA GLY A 439 -4.27 -23.52 1.64
C GLY A 439 -4.76 -23.51 3.08
N ALA A 440 -3.87 -23.07 3.98
CA ALA A 440 -4.11 -23.11 5.41
C ALA A 440 -5.32 -22.32 5.84
N GLY A 441 -5.79 -22.57 7.05
CA GLY A 441 -6.90 -21.83 7.61
C GLY A 441 -6.38 -20.54 8.24
N GLU A 442 -6.93 -20.17 9.40
CA GLU A 442 -6.54 -18.91 10.05
C GLU A 442 -5.26 -19.11 10.83
N VAL A 443 -4.38 -18.13 10.79
CA VAL A 443 -3.18 -18.14 11.56
C VAL A 443 -3.25 -16.95 12.44
N HIS A 444 -2.79 -17.07 13.67
CA HIS A 444 -2.96 -15.95 14.61
C HIS A 444 -1.71 -15.09 14.84
N ALA A 445 -0.55 -15.64 14.46
CA ALA A 445 0.76 -14.96 14.53
C ALA A 445 1.73 -15.67 13.62
N GLY A 446 2.83 -15.02 13.36
CA GLY A 446 3.94 -15.68 12.68
C GLY A 446 5.25 -15.43 13.37
N ILE A 447 6.16 -16.38 13.16
CA ILE A 447 7.55 -16.27 13.50
C ILE A 447 8.33 -16.31 12.16
N VAL A 448 9.15 -15.31 11.95
CA VAL A 448 9.93 -15.24 10.73
C VAL A 448 11.37 -15.32 11.14
N VAL A 449 12.06 -16.26 10.53
CA VAL A 449 13.47 -16.54 10.81
C VAL A 449 14.25 -16.00 9.65
N LEU A 450 15.29 -15.27 9.97
CA LEU A 450 16.07 -14.44 9.01
C LEU A 450 17.55 -14.77 9.09
N PHE A 451 18.21 -14.80 7.95
CA PHE A 451 19.67 -14.88 7.85
C PHE A 451 20.29 -13.56 8.27
N GLU A 452 21.43 -13.62 8.96
CA GLU A 452 22.11 -12.37 9.39
C GLU A 452 22.42 -11.45 8.18
N ASP A 453 22.78 -12.05 7.05
CA ASP A 453 23.18 -11.21 5.88
C ASP A 453 22.02 -10.54 5.19
N HIS A 454 20.79 -10.86 5.61
CA HIS A 454 19.58 -10.28 5.06
C HIS A 454 18.97 -9.20 5.96
N ALA A 455 19.43 -9.16 7.19
CA ALA A 455 18.79 -8.41 8.29
C ALA A 455 18.83 -6.91 8.01
N ARG A 456 19.89 -6.46 7.33
CA ARG A 456 20.16 -5.04 7.19
C ARG A 456 20.15 -4.62 5.75
N LEU A 457 19.72 -5.48 4.85
CA LEU A 457 19.55 -5.06 3.47
C LEU A 457 18.64 -3.84 3.36
N PRO A 458 18.79 -3.12 2.25
CA PRO A 458 17.93 -2.03 2.04
C PRO A 458 16.47 -2.47 1.97
N ASP A 459 15.59 -1.57 2.36
CA ASP A 459 14.19 -1.87 2.54
C ASP A 459 13.52 -2.33 1.28
N ASP A 460 13.97 -1.88 0.11
CA ASP A 460 13.32 -2.32 -1.07
C ASP A 460 13.53 -3.84 -1.28
N ARG A 461 14.44 -4.47 -0.52
CA ARG A 461 14.77 -5.92 -0.71
C ARG A 461 15.02 -6.66 0.63
N ASN A 462 14.53 -6.05 1.70
CA ASN A 462 14.72 -6.56 3.06
C ASN A 462 13.57 -7.51 3.49
N PRO A 463 13.91 -8.76 3.73
CA PRO A 463 12.87 -9.72 4.14
C PRO A 463 12.18 -9.43 5.46
N TYR A 464 12.85 -8.78 6.41
CA TYR A 464 12.18 -8.41 7.67
C TYR A 464 10.96 -7.53 7.38
N ILE A 465 11.22 -6.47 6.65
CA ILE A 465 10.20 -5.44 6.48
C ILE A 465 9.12 -5.91 5.49
N HIS A 466 9.50 -6.66 4.46
CA HIS A 466 8.54 -7.20 3.53
C HIS A 466 7.63 -8.25 4.12
N THR A 467 8.19 -9.18 4.91
CA THR A 467 7.33 -10.12 5.61
C THR A 467 6.52 -9.43 6.71
N LYS A 468 7.10 -8.48 7.44
CA LYS A 468 6.33 -7.73 8.47
C LYS A 468 5.15 -7.07 7.77
N SER A 469 5.42 -6.47 6.59
CA SER A 469 4.41 -5.80 5.84
C SER A 469 3.30 -6.71 5.39
N LEU A 470 3.59 -7.79 4.70
CA LEU A 470 2.60 -8.66 4.16
C LEU A 470 1.75 -9.23 5.27
N LEU A 471 2.42 -9.75 6.31
CA LEU A 471 1.64 -10.39 7.40
C LEU A 471 0.79 -9.39 8.28
N LEU A 472 1.30 -8.20 8.57
CA LEU A 472 0.48 -7.11 9.19
C LEU A 472 -0.71 -6.69 8.33
N THR A 473 -0.53 -6.57 7.00
CA THR A 473 -1.66 -6.28 6.07
C THR A 473 -2.77 -7.33 6.25
N LEU A 474 -2.36 -8.58 6.39
CA LEU A 474 -3.27 -9.70 6.59
C LEU A 474 -3.84 -9.83 7.98
N GLY A 475 -3.43 -8.98 8.90
CA GLY A 475 -3.85 -8.97 10.26
C GLY A 475 -3.16 -10.00 11.15
N VAL A 476 -1.90 -10.35 10.83
CA VAL A 476 -1.10 -11.38 11.50
C VAL A 476 0.16 -10.71 12.06
N PRO A 477 0.25 -10.53 13.39
CA PRO A 477 1.47 -9.95 13.96
C PRO A 477 2.62 -10.96 13.83
N THR A 478 3.84 -10.46 13.72
CA THR A 478 4.96 -11.38 13.70
C THR A 478 6.01 -11.07 14.76
N GLN A 479 6.66 -12.13 15.20
CA GLN A 479 7.86 -12.01 15.97
C GLN A 479 9.00 -12.57 15.15
N GLN A 480 9.91 -11.74 14.76
CA GLN A 480 10.99 -12.23 13.87
C GLN A 480 12.25 -12.46 14.70
N VAL A 481 13.21 -13.11 14.11
CA VAL A 481 14.39 -13.59 14.79
C VAL A 481 15.49 -13.88 13.79
N ARG A 482 16.69 -13.49 14.12
CA ARG A 482 17.83 -13.78 13.29
C ARG A 482 18.49 -15.13 13.67
N MET A 483 19.12 -15.75 12.68
CA MET A 483 19.76 -17.02 12.89
C MET A 483 20.79 -17.07 14.00
N PRO A 484 21.63 -16.03 14.14
CA PRO A 484 22.55 -16.05 15.30
C PRO A 484 21.84 -16.16 16.66
N THR A 485 20.64 -15.62 16.77
CA THR A 485 19.81 -15.75 17.97
C THR A 485 19.27 -17.14 18.12
N VAL A 486 18.84 -17.73 17.01
CA VAL A 486 18.34 -19.15 16.98
C VAL A 486 19.43 -20.12 17.50
N LEU A 487 20.69 -19.79 17.22
CA LEU A 487 21.81 -20.61 17.53
C LEU A 487 22.46 -20.26 18.86
N LEU A 488 21.88 -19.38 19.68
CA LEU A 488 22.60 -18.96 20.88
C LEU A 488 22.82 -20.17 21.82
N GLU A 489 23.95 -20.18 22.51
CA GLU A 489 24.20 -21.21 23.51
C GLU A 489 23.07 -21.16 24.57
N PRO A 490 22.77 -22.32 25.18
CA PRO A 490 21.55 -22.40 25.99
C PRO A 490 21.52 -21.41 27.17
N LYS A 491 22.67 -21.01 27.73
CA LYS A 491 22.61 -20.12 28.87
C LYS A 491 22.13 -18.71 28.46
N SER A 492 22.41 -18.28 27.21
CA SER A 492 21.85 -17.02 26.68
C SER A 492 20.48 -17.25 26.09
N LEU A 493 20.26 -18.42 25.48
CA LEU A 493 18.97 -18.69 24.87
C LEU A 493 17.81 -18.59 25.90
N GLN A 494 18.01 -19.06 27.14
CA GLN A 494 16.91 -18.98 28.13
C GLN A 494 16.34 -17.53 28.29
N TYR A 495 17.21 -16.53 28.33
CA TYR A 495 16.82 -15.12 28.51
C TYR A 495 16.18 -14.55 27.22
N THR A 496 16.69 -15.00 26.08
CA THR A 496 16.06 -14.64 24.83
C THR A 496 14.66 -15.24 24.66
N LEU A 497 14.43 -16.45 25.14
CA LEU A 497 13.09 -17.00 25.11
C LEU A 497 12.14 -16.34 26.08
N GLN A 498 12.63 -15.82 27.20
CA GLN A 498 11.78 -15.04 28.08
C GLN A 498 11.17 -13.86 27.31
N ASN A 499 12.05 -13.09 26.69
CA ASN A 499 11.69 -11.86 26.02
C ASN A 499 10.87 -12.11 24.76
N PHE A 500 11.27 -13.13 23.98
CA PHE A 500 10.54 -13.58 22.79
C PHE A 500 9.09 -13.99 23.15
N SER A 501 8.95 -14.69 24.27
CA SER A 501 7.66 -15.15 24.85
C SER A 501 6.73 -14.05 25.30
N ILE A 502 7.27 -13.12 26.05
CA ILE A 502 6.55 -11.96 26.57
C ILE A 502 6.00 -11.18 25.36
N ALA A 503 6.84 -10.90 24.36
CA ALA A 503 6.35 -10.11 23.18
C ALA A 503 5.40 -10.86 22.31
N THR A 504 5.62 -12.17 22.14
CA THR A 504 4.75 -12.99 21.31
C THR A 504 3.37 -13.08 21.92
N TYR A 505 3.33 -13.27 23.25
CA TYR A 505 2.00 -13.30 23.95
C TYR A 505 1.23 -12.00 23.81
N ALA A 506 1.96 -10.90 23.97
CA ALA A 506 1.41 -9.54 23.73
C ALA A 506 0.95 -9.30 22.28
N LYS A 507 1.70 -9.89 21.33
CA LYS A 507 1.31 -9.90 19.92
C LYS A 507 0.00 -10.66 19.66
N LEU A 508 -0.24 -11.70 20.43
CA LEU A 508 -1.50 -12.44 20.42
C LEU A 508 -2.66 -11.83 21.19
N ASN A 509 -2.52 -10.57 21.58
CA ASN A 509 -3.48 -9.74 22.33
C ASN A 509 -3.35 -9.82 23.82
N GLY A 510 -2.37 -10.56 24.34
CA GLY A 510 -2.27 -10.81 25.81
C GLY A 510 -1.72 -9.61 26.54
N THR A 511 -1.99 -9.58 27.83
CA THR A 511 -1.43 -8.61 28.77
C THR A 511 -0.56 -9.38 29.77
N PRO A 512 0.79 -9.38 29.56
CA PRO A 512 1.67 -10.19 30.42
C PRO A 512 1.63 -9.78 31.88
N TRP A 513 1.72 -8.47 32.12
CA TRP A 513 1.58 -7.82 33.43
C TRP A 513 1.27 -6.35 33.29
N THR A 514 0.84 -5.76 34.42
CA THR A 514 0.71 -4.32 34.54
C THR A 514 1.58 -3.82 35.68
N VAL A 515 1.52 -2.52 35.93
CA VAL A 515 2.27 -1.99 37.04
C VAL A 515 1.27 -1.30 37.94
N ASN A 516 1.63 -1.24 39.22
CA ASN A 516 0.76 -0.74 40.26
C ASN A 516 0.52 0.75 40.15
N HIS A 517 -0.70 1.18 40.45
CA HIS A 517 -0.85 2.53 40.91
C HIS A 517 -1.88 2.59 42.04
N ASP A 518 -1.79 3.69 42.72
CA ASP A 518 -2.77 4.06 43.74
C ASP A 518 -4.00 4.79 43.16
N LYS A 519 -5.17 4.25 43.41
CA LYS A 519 -6.46 4.95 43.14
C LYS A 519 -6.63 6.31 43.78
N ALA A 520 -6.28 7.40 43.08
CA ALA A 520 -6.41 8.77 43.62
C ALA A 520 -7.60 9.56 43.01
N ILE A 521 -7.48 9.95 41.74
CA ILE A 521 -8.56 10.60 41.01
C ILE A 521 -9.35 9.59 40.13
N ASN A 522 -10.48 10.06 39.63
CA ASN A 522 -11.48 9.26 38.97
C ASN A 522 -11.18 8.76 37.52
N ASP A 523 -9.98 9.04 37.01
CA ASP A 523 -9.52 8.56 35.77
C ASP A 523 -8.28 9.37 35.40
N GLU A 524 -7.39 8.69 34.75
CA GLU A 524 -6.15 9.27 34.29
C GLU A 524 -5.79 8.64 32.99
N LEU A 525 -5.43 9.48 32.03
CA LEU A 525 -4.96 9.09 30.72
C LEU A 525 -3.57 9.68 30.57
N VAL A 526 -2.65 8.84 30.08
CA VAL A 526 -1.30 9.26 29.71
C VAL A 526 -1.14 9.00 28.25
N VAL A 527 -0.73 10.03 27.50
CA VAL A 527 -0.48 9.87 26.08
C VAL A 527 1.00 10.24 25.79
N GLY A 528 1.68 9.42 24.99
CA GLY A 528 3.00 9.77 24.61
C GLY A 528 3.12 9.88 23.11
N MET A 529 4.13 10.66 22.68
CA MET A 529 4.52 10.68 21.33
C MET A 529 6.02 10.45 21.18
N GLY A 530 6.35 9.76 20.08
CA GLY A 530 7.66 9.29 19.76
C GLY A 530 7.96 9.58 18.31
N LEU A 531 9.22 9.82 18.03
CA LEU A 531 9.71 10.16 16.67
C LEU A 531 10.59 9.08 16.08
N ALA A 532 10.50 8.85 14.78
CA ALA A 532 11.55 8.14 14.06
C ALA A 532 11.99 9.09 12.91
N GLU A 533 13.26 8.98 12.49
CA GLU A 533 13.80 9.81 11.42
C GLU A 533 14.53 8.88 10.46
N LEU A 534 13.89 8.57 9.33
CA LEU A 534 14.28 7.45 8.48
C LEU A 534 14.95 7.92 7.22
N SER A 535 15.93 7.13 6.76
CA SER A 535 16.54 7.33 5.44
C SER A 535 17.24 6.07 5.03
N GLY A 536 17.53 5.95 3.75
CA GLY A 536 18.16 4.69 3.27
C GLY A 536 19.66 4.74 3.38
N SER A 537 20.20 5.93 3.57
CA SER A 537 21.59 6.03 3.86
C SER A 537 21.90 7.31 4.67
N ARG A 538 23.12 7.36 5.19
CA ARG A 538 23.57 8.50 5.94
C ARG A 538 23.68 9.77 5.17
N THR A 539 23.72 9.71 3.85
CA THR A 539 23.89 10.96 3.15
C THR A 539 22.60 11.54 2.56
N GLU A 540 21.49 10.89 2.82
CA GLU A 540 20.18 11.25 2.33
C GLU A 540 19.44 11.85 3.51
N LYS A 541 18.68 12.89 3.26
CA LYS A 541 17.98 13.64 4.29
C LYS A 541 16.95 12.73 4.98
N ARG A 542 16.93 12.72 6.30
CA ARG A 542 15.99 11.89 7.05
C ARG A 542 14.57 12.47 6.98
N GLN A 543 13.56 11.60 6.95
CA GLN A 543 12.18 11.98 7.02
C GLN A 543 11.55 11.55 8.37
N ARG A 544 10.72 12.44 8.92
CA ARG A 544 10.20 12.31 10.25
C ARG A 544 8.87 11.62 10.20
N PHE A 545 8.67 10.70 11.12
CA PHE A 545 7.35 10.04 11.34
C PHE A 545 7.10 9.95 12.81
N VAL A 546 5.82 9.86 13.20
CA VAL A 546 5.50 9.84 14.64
C VAL A 546 4.64 8.61 14.97
N GLY A 547 4.60 8.26 16.25
CA GLY A 547 3.67 7.34 16.82
C GLY A 547 3.08 7.91 18.11
N ILE A 548 1.91 7.39 18.46
CA ILE A 548 1.19 7.78 19.67
C ILE A 548 0.77 6.50 20.42
N THR A 549 1.03 6.49 21.72
CA THR A 549 0.73 5.34 22.64
C THR A 549 -0.06 5.94 23.81
N THR A 550 -1.10 5.24 24.24
CA THR A 550 -1.93 5.71 25.30
C THR A 550 -1.96 4.60 26.47
N VAL A 551 -2.09 5.09 27.72
CA VAL A 551 -2.11 4.24 28.92
C VAL A 551 -3.15 4.85 29.86
N PHE A 552 -3.98 4.03 30.54
CA PHE A 552 -5.14 4.42 31.36
C PHE A 552 -4.88 3.87 32.78
N ALA A 553 -5.23 4.64 33.81
CA ALA A 553 -5.37 4.03 35.17
C ALA A 553 -6.53 3.08 35.17
N GLY A 554 -6.35 1.91 35.78
CA GLY A 554 -7.39 0.87 35.89
C GLY A 554 -7.66 0.69 37.39
N ASP A 555 -7.87 -0.53 37.81
CA ASP A 555 -8.23 -0.75 39.25
C ASP A 555 -6.95 -1.14 39.95
N GLY A 556 -6.29 -0.16 40.48
CA GLY A 556 -4.99 -0.41 41.03
C GLY A 556 -3.84 -0.70 40.07
N SER A 557 -4.06 -0.70 38.76
CA SER A 557 -2.88 -0.80 37.90
C SER A 557 -3.13 -0.23 36.54
N TYR A 558 -2.04 0.13 35.86
CA TYR A 558 -2.06 0.83 34.60
C TYR A 558 -2.23 -0.12 33.41
N LEU A 559 -3.04 0.27 32.42
CA LEU A 559 -3.44 -0.55 31.35
C LEU A 559 -3.14 0.13 30.06
N LEU A 560 -2.58 -0.62 29.12
CA LEU A 560 -2.18 -0.07 27.84
C LEU A 560 -3.40 0.09 26.99
N GLY A 561 -3.56 1.27 26.41
CA GLY A 561 -4.66 1.51 25.51
C GLY A 561 -4.34 1.17 24.04
N ASN A 562 -5.01 1.86 23.14
CA ASN A 562 -4.79 1.78 21.70
C ASN A 562 -3.60 2.68 21.30
N VAL A 563 -3.04 2.36 20.14
CA VAL A 563 -1.92 3.08 19.56
C VAL A 563 -2.29 3.64 18.20
N SER A 564 -1.38 4.46 17.64
CA SER A 564 -1.65 5.17 16.40
C SER A 564 -1.52 4.23 15.19
N LYS A 565 -2.27 4.54 14.12
CA LYS A 565 -2.03 3.83 12.85
C LYS A 565 -1.52 4.80 11.74
N GLU A 566 -1.64 6.08 11.97
CA GLU A 566 -1.16 7.09 11.02
C GLU A 566 0.15 7.66 11.61
N CYS A 567 1.12 7.99 10.76
CA CYS A 567 2.44 8.28 11.25
C CYS A 567 3.04 9.59 10.66
N GLU A 568 2.27 10.37 9.94
CA GLU A 568 2.79 11.63 9.32
C GLU A 568 3.15 12.63 10.42
N TYR A 569 4.33 13.26 10.31
CA TYR A 569 4.84 14.20 11.29
C TYR A 569 4.13 15.53 11.15
N GLU A 570 3.92 15.98 9.92
CA GLU A 570 3.18 17.28 9.68
C GLU A 570 1.81 17.22 10.37
N GLY A 571 1.47 18.20 11.20
CA GLY A 571 0.18 18.21 11.93
C GLY A 571 0.25 17.41 13.24
N TYR A 572 1.44 17.08 13.71
CA TYR A 572 1.49 16.11 14.85
C TYR A 572 0.77 16.67 16.11
N SER A 573 0.74 18.00 16.33
CA SER A 573 0.00 18.54 17.52
C SER A 573 -1.49 18.36 17.39
N ASP A 574 -2.00 18.50 16.19
CA ASP A 574 -3.42 18.16 15.98
C ASP A 574 -3.67 16.66 16.24
N ALA A 575 -2.73 15.78 15.86
CA ALA A 575 -2.96 14.33 16.09
C ALA A 575 -2.97 14.02 17.60
N ILE A 576 -2.13 14.73 18.35
CA ILE A 576 -2.14 14.61 19.84
C ILE A 576 -3.45 15.08 20.39
N ARG A 577 -3.84 16.28 19.98
CA ARG A 577 -5.16 16.80 20.35
C ARG A 577 -6.35 15.89 20.00
N GLU A 578 -6.41 15.46 18.75
CA GLU A 578 -7.42 14.48 18.33
C GLU A 578 -7.44 13.15 19.16
N SER A 579 -6.28 12.59 19.46
CA SER A 579 -6.17 11.38 20.24
C SER A 579 -6.75 11.65 21.63
N MET A 580 -6.29 12.74 22.29
CA MET A 580 -6.86 13.06 23.61
C MET A 580 -8.37 13.30 23.66
N THR A 581 -8.89 14.07 22.71
CA THR A 581 -10.32 14.45 22.78
C THR A 581 -11.21 13.29 22.47
N GLY A 582 -10.79 12.41 21.56
CA GLY A 582 -11.58 11.22 21.22
C GLY A 582 -11.63 10.24 22.40
N ILE A 583 -10.49 10.05 23.06
CA ILE A 583 -10.36 9.13 24.20
C ILE A 583 -11.08 9.66 25.45
N LEU A 584 -10.91 10.95 25.78
CA LEU A 584 -11.73 11.57 26.80
C LEU A 584 -13.24 11.32 26.60
N ARG A 585 -13.73 11.59 25.38
CA ARG A 585 -15.13 11.38 25.02
C ARG A 585 -15.61 9.95 25.27
N GLU A 586 -14.78 8.99 24.91
CA GLU A 586 -15.05 7.57 25.10
C GLU A 586 -14.85 7.14 26.57
N LEU A 587 -13.88 7.73 27.27
CA LEU A 587 -13.62 7.41 28.72
C LEU A 587 -14.81 7.85 29.60
N LYS A 588 -15.39 8.99 29.25
CA LYS A 588 -16.52 9.58 29.96
C LYS A 588 -17.74 8.69 29.78
N LYS A 589 -18.00 8.26 28.54
CA LYS A 589 -19.13 7.36 28.23
C LYS A 589 -19.00 6.04 28.97
N ARG A 590 -17.83 5.43 28.85
CA ARG A 590 -17.55 4.22 29.61
C ARG A 590 -17.74 4.36 31.13
N ASN A 591 -16.96 5.26 31.77
CA ASN A 591 -16.90 5.34 33.23
C ASN A 591 -18.02 6.10 33.82
N ASN A 592 -18.79 6.77 33.01
CA ASN A 592 -19.89 7.52 33.49
C ASN A 592 -19.49 8.49 34.66
N TRP A 593 -18.58 9.43 34.35
CA TRP A 593 -18.10 10.32 35.37
C TRP A 593 -19.18 11.05 36.03
N ARG A 594 -19.04 11.18 37.34
CA ARG A 594 -20.03 12.00 38.08
C ARG A 594 -19.66 13.51 38.14
N PRO A 595 -20.66 14.39 38.32
CA PRO A 595 -20.38 15.83 38.54
C PRO A 595 -19.40 15.97 39.68
N GLY A 596 -18.33 16.65 39.43
CA GLY A 596 -17.29 16.92 40.43
C GLY A 596 -16.11 15.99 40.37
N ASP A 597 -16.16 14.92 39.56
CA ASP A 597 -15.03 14.04 39.42
C ASP A 597 -13.90 14.86 38.77
N THR A 598 -12.69 14.43 39.06
CA THR A 598 -11.45 14.96 38.50
C THR A 598 -10.82 13.95 37.52
N VAL A 599 -10.49 14.41 36.31
CA VAL A 599 -9.84 13.62 35.29
C VAL A 599 -8.47 14.27 35.07
N ARG A 600 -7.44 13.45 34.94
CA ARG A 600 -6.10 13.96 34.72
C ARG A 600 -5.58 13.40 33.41
N VAL A 601 -4.90 14.27 32.67
CA VAL A 601 -4.28 13.91 31.38
C VAL A 601 -2.86 14.31 31.47
N VAL A 602 -1.99 13.36 31.17
CA VAL A 602 -0.52 13.57 31.16
C VAL A 602 -0.04 13.24 29.74
N PHE A 603 0.87 14.07 29.25
CA PHE A 603 1.55 13.85 28.01
C PHE A 603 3.04 13.68 28.23
N HIS A 604 3.65 12.74 27.49
CA HIS A 604 5.05 12.39 27.56
C HIS A 604 5.68 12.53 26.19
N ALA A 605 6.87 13.17 26.10
CA ALA A 605 7.72 13.10 24.94
C ALA A 605 9.20 13.39 25.35
N HIS A 606 10.13 13.20 24.41
CA HIS A 606 11.53 13.51 24.65
C HIS A 606 11.88 14.98 24.37
N ARG A 607 10.91 15.77 23.89
CA ARG A 607 11.01 17.20 23.82
C ARG A 607 9.80 17.93 24.27
N PRO A 608 9.95 19.25 24.62
CA PRO A 608 8.78 19.98 25.15
C PRO A 608 7.88 20.43 24.04
N LEU A 609 6.58 20.46 24.29
CA LEU A 609 5.69 21.01 23.36
C LEU A 609 5.73 22.57 23.38
N LYS A 610 5.31 23.12 22.25
CA LYS A 610 5.08 24.52 22.20
C LYS A 610 3.99 25.02 23.12
N ARG A 611 4.21 26.22 23.70
CA ARG A 611 3.18 26.88 24.47
C ARG A 611 1.87 26.98 23.73
N VAL A 612 1.92 27.33 22.44
CA VAL A 612 0.66 27.44 21.69
C VAL A 612 -0.06 26.12 21.57
N ASP A 613 0.67 25.00 21.43
CA ASP A 613 0.02 23.72 21.28
C ASP A 613 -0.51 23.26 22.62
N VAL A 614 0.23 23.52 23.70
CA VAL A 614 -0.30 23.24 25.00
C VAL A 614 -1.62 23.97 25.19
N ALA A 615 -1.67 25.26 24.81
CA ALA A 615 -2.94 26.04 24.87
C ALA A 615 -4.11 25.44 24.12
N SER A 616 -3.95 25.00 22.85
CA SER A 616 -5.07 24.43 22.17
C SER A 616 -5.46 23.02 22.65
N ILE A 617 -4.46 22.23 23.05
CA ILE A 617 -4.78 20.91 23.66
C ILE A 617 -5.65 21.08 24.93
N VAL A 618 -5.23 21.96 25.83
CA VAL A 618 -5.94 22.20 27.10
C VAL A 618 -7.33 22.72 26.78
N PHE A 619 -7.39 23.66 25.83
CA PHE A 619 -8.68 24.22 25.45
C PHE A 619 -9.61 23.19 24.94
N GLU A 620 -9.13 22.36 24.02
CA GLU A 620 -10.01 21.40 23.41
C GLU A 620 -10.40 20.22 24.37
N CYS A 621 -9.46 19.77 25.21
CA CYS A 621 -9.79 18.76 26.23
C CYS A 621 -10.78 19.25 27.28
N THR A 622 -10.57 20.48 27.72
CA THR A 622 -11.48 21.11 28.67
C THR A 622 -12.88 21.32 28.08
N ARG A 623 -12.96 21.77 26.82
CA ARG A 623 -14.29 21.86 26.16
C ARG A 623 -14.94 20.49 25.98
N GLU A 624 -14.19 19.45 25.59
CA GLU A 624 -14.79 18.13 25.40
C GLU A 624 -15.35 17.55 26.73
N ILE A 625 -14.55 17.60 27.79
CA ILE A 625 -15.00 17.09 29.11
C ILE A 625 -16.20 17.81 29.64
N GLY A 626 -16.27 19.13 29.43
CA GLY A 626 -17.43 19.89 29.83
C GLY A 626 -17.28 20.43 31.24
N SER A 627 -18.22 21.27 31.63
CA SER A 627 -18.20 21.94 32.92
C SER A 627 -18.46 21.05 34.12
N ASP A 628 -18.96 19.84 33.88
CA ASP A 628 -19.36 18.95 35.01
C ASP A 628 -18.12 18.33 35.69
N GLN A 629 -16.99 18.20 35.04
CA GLN A 629 -15.81 17.64 35.72
C GLN A 629 -14.69 18.66 35.78
N ASN A 630 -13.77 18.41 36.68
CA ASN A 630 -12.49 19.15 36.81
C ASN A 630 -11.45 18.45 35.90
N ILE A 631 -10.60 19.17 35.16
CA ILE A 631 -9.50 18.49 34.48
C ILE A 631 -8.17 19.09 34.95
N GLN A 632 -7.17 18.24 34.97
CA GLN A 632 -5.81 18.52 35.36
C GLN A 632 -4.97 18.03 34.24
N MET A 633 -4.04 18.81 33.76
CA MET A 633 -3.26 18.38 32.63
C MET A 633 -1.78 18.69 32.80
N ALA A 634 -0.92 17.73 32.49
CA ALA A 634 0.51 17.96 32.59
C ALA A 634 1.20 17.59 31.32
N PHE A 635 2.23 18.35 30.97
CA PHE A 635 2.99 18.06 29.79
C PHE A 635 4.45 17.90 30.19
N VAL A 636 5.01 16.73 29.95
CA VAL A 636 6.28 16.34 30.53
C VAL A 636 7.29 15.94 29.45
N THR A 637 8.48 16.50 29.58
CA THR A 637 9.65 16.10 28.83
C THR A 637 10.57 15.16 29.62
N VAL A 638 10.97 14.06 28.98
CA VAL A 638 11.91 13.09 29.56
C VAL A 638 13.19 13.15 28.77
N SER A 639 14.26 13.52 29.47
CA SER A 639 15.55 13.83 28.84
C SER A 639 16.62 12.84 29.33
N HIS A 640 17.42 12.30 28.39
CA HIS A 640 18.51 11.30 28.65
C HIS A 640 19.91 11.94 28.69
N ASP A 641 20.14 12.92 27.85
CA ASP A 641 21.48 13.49 27.64
C ASP A 641 21.50 14.92 28.18
N HIS A 642 21.95 15.12 29.42
CA HIS A 642 21.90 16.44 30.09
C HIS A 642 23.17 16.37 30.98
N PRO A 643 23.48 17.42 31.72
CA PRO A 643 24.77 17.36 32.39
C PRO A 643 24.80 16.83 33.81
N PHE A 644 23.74 16.20 34.26
CA PHE A 644 23.58 15.91 35.68
C PHE A 644 23.91 14.46 35.97
N VAL A 645 24.64 14.24 37.05
CA VAL A 645 24.95 12.90 37.54
C VAL A 645 24.71 12.84 39.07
N LEU A 646 24.21 11.71 39.54
CA LEU A 646 23.94 11.48 40.93
C LEU A 646 24.80 10.32 41.41
N ILE A 647 25.39 10.56 42.57
CA ILE A 647 26.37 9.73 43.17
C ILE A 647 25.87 9.35 44.58
N ASP A 648 25.73 8.07 44.87
CA ASP A 648 25.36 7.61 46.20
C ASP A 648 26.57 6.98 46.86
N ARG A 649 27.27 7.75 47.71
CA ARG A 649 28.49 7.29 48.34
C ARG A 649 28.29 6.16 49.37
N SER A 650 27.05 5.96 49.77
CA SER A 650 26.66 4.84 50.62
C SER A 650 26.63 3.56 49.88
N GLU A 651 26.53 3.60 48.56
CA GLU A 651 26.30 2.39 47.80
C GLU A 651 27.59 1.70 47.49
N ARG A 652 27.81 0.53 48.07
CA ARG A 652 29.06 -0.25 47.97
C ARG A 652 29.16 -0.98 46.65
N GLY A 653 28.00 -1.24 46.04
CA GLY A 653 27.87 -1.92 44.76
C GLY A 653 27.64 -3.37 45.08
N LEU A 654 27.58 -4.22 44.07
CA LEU A 654 27.35 -5.64 44.30
C LEU A 654 28.54 -6.34 43.74
N GLU A 655 28.80 -7.58 44.21
CA GLU A 655 29.68 -8.50 43.47
C GLU A 655 29.29 -8.66 41.99
N ALA A 656 30.28 -8.62 41.11
CA ALA A 656 30.04 -8.60 39.65
C ALA A 656 29.46 -9.91 39.11
N TYR A 657 29.90 -11.01 39.70
CA TYR A 657 29.27 -12.32 39.62
C TYR A 657 29.36 -12.91 41.03
N LYS A 658 29.02 -14.19 41.19
CA LYS A 658 29.27 -14.90 42.48
C LYS A 658 30.79 -14.92 42.81
N GLY A 659 31.11 -14.77 44.10
CA GLY A 659 32.48 -14.88 44.61
C GLY A 659 33.53 -13.94 44.02
N SER A 660 33.20 -12.67 43.92
CA SER A 660 33.99 -11.70 43.15
C SER A 660 34.48 -10.57 44.07
N THR A 661 35.77 -10.25 44.01
CA THR A 661 36.29 -9.06 44.71
C THR A 661 35.96 -7.78 43.94
N ALA A 662 35.68 -7.90 42.64
CA ALA A 662 35.24 -6.78 41.81
C ALA A 662 33.76 -6.43 42.11
N ARG A 663 33.44 -5.15 42.00
CA ARG A 663 32.10 -4.67 42.32
C ARG A 663 31.51 -4.03 41.07
N LYS A 664 30.19 -4.06 40.95
CA LYS A 664 29.45 -3.33 39.93
C LYS A 664 28.47 -2.39 40.56
N GLY A 665 28.31 -1.23 39.90
CA GLY A 665 27.41 -0.23 40.34
C GLY A 665 27.78 0.32 41.66
N VAL A 666 29.09 0.37 41.94
CA VAL A 666 29.55 1.11 43.11
C VAL A 666 29.15 2.56 42.94
N PHE A 667 28.63 3.17 44.01
CA PHE A 667 28.05 4.55 44.08
C PHE A 667 26.75 4.84 43.24
N ALA A 668 26.10 3.82 42.69
CA ALA A 668 24.93 4.04 41.78
C ALA A 668 23.73 4.21 42.71
N PRO A 669 23.01 5.31 42.58
CA PRO A 669 21.81 5.49 43.40
C PRO A 669 20.75 4.41 43.17
N PRO A 670 19.84 4.27 44.14
CA PRO A 670 18.85 3.26 44.06
C PRO A 670 17.86 3.64 42.93
N ARG A 671 17.23 2.62 42.36
CA ARG A 671 16.23 2.80 41.33
C ARG A 671 15.05 3.51 41.96
N GLY A 672 14.62 4.60 41.37
CA GLY A 672 13.48 5.32 41.97
C GLY A 672 13.87 6.44 42.88
N ALA A 673 15.19 6.68 43.05
CA ALA A 673 15.64 7.95 43.63
C ALA A 673 15.22 9.14 42.79
N ILE A 674 14.60 10.12 43.46
CA ILE A 674 14.10 11.33 42.82
C ILE A 674 14.69 12.54 43.50
N SER A 675 15.47 13.31 42.75
CA SER A 675 16.05 14.54 43.23
C SER A 675 15.51 15.78 42.60
N ARG A 676 15.40 16.85 43.37
CA ARG A 676 14.89 18.11 42.88
C ARG A 676 16.00 18.99 42.36
N VAL A 677 15.83 19.51 41.15
CA VAL A 677 16.77 20.46 40.54
C VAL A 677 16.17 21.86 40.71
N GLY A 678 14.91 21.96 40.36
CA GLY A 678 14.17 23.21 40.46
C GLY A 678 12.69 22.90 40.47
N ARG A 679 11.90 23.96 40.49
CA ARG A 679 10.48 23.83 40.63
C ARG A 679 9.83 22.89 39.56
N LEU A 680 10.31 22.96 38.34
CA LEU A 680 9.72 22.15 37.29
C LEU A 680 10.50 20.87 36.97
N THR A 681 11.63 20.63 37.64
CA THR A 681 12.54 19.58 37.16
C THR A 681 12.96 18.61 38.26
N ARG A 682 12.98 17.33 37.92
CA ARG A 682 13.49 16.27 38.80
C ARG A 682 14.51 15.38 38.04
N LEU A 683 15.44 14.79 38.79
CA LEU A 683 16.26 13.71 38.31
C LEU A 683 15.75 12.38 38.87
N LEU A 684 15.67 11.38 38.01
CA LEU A 684 15.18 10.06 38.38
C LEU A 684 16.21 9.00 38.04
N ALA A 685 16.58 8.23 39.07
CA ALA A 685 17.55 7.22 38.88
C ALA A 685 16.80 5.96 38.44
N VAL A 686 17.25 5.34 37.33
CA VAL A 686 16.63 4.13 36.84
C VAL A 686 17.48 2.88 36.92
N ASN A 687 18.79 3.05 36.74
CA ASN A 687 19.69 1.92 36.71
C ASN A 687 20.45 1.69 38.03
N SER A 688 19.87 0.84 38.86
CA SER A 688 20.40 0.51 40.18
C SER A 688 21.52 -0.55 39.99
N PRO A 689 22.36 -0.79 41.05
CA PRO A 689 23.40 -1.78 41.01
C PRO A 689 22.96 -3.12 40.47
N GLN A 690 21.83 -3.67 40.93
CA GLN A 690 21.25 -4.91 40.35
C GLN A 690 21.14 -4.91 38.85
N LEU A 691 20.74 -3.77 38.30
CA LEU A 691 20.51 -3.62 36.85
C LEU A 691 21.80 -3.34 36.12
N ILE A 692 22.80 -2.79 36.80
CA ILE A 692 24.11 -2.49 36.16
C ILE A 692 24.78 -3.78 35.69
N LYS A 693 25.27 -3.75 34.46
CA LYS A 693 25.70 -4.97 33.76
C LYS A 693 27.00 -5.64 34.25
N ARG A 694 28.07 -4.88 34.46
CA ARG A 694 29.35 -5.50 34.74
C ARG A 694 30.22 -4.52 35.54
N ALA A 695 31.31 -5.03 36.06
CA ALA A 695 32.16 -4.22 36.91
C ALA A 695 32.58 -2.89 36.25
N ASN A 696 32.82 -2.95 34.98
CA ASN A 696 33.40 -1.86 34.23
C ASN A 696 32.33 -0.96 33.64
N THR A 697 31.06 -1.27 33.90
CA THR A 697 29.95 -0.41 33.40
C THR A 697 30.07 0.91 34.13
N PRO A 698 29.91 2.03 33.42
CA PRO A 698 30.04 3.29 34.13
C PRO A 698 28.99 3.60 35.19
N LEU A 699 29.26 4.62 36.00
CA LEU A 699 28.24 5.15 36.86
C LEU A 699 27.07 5.54 35.94
N PRO A 700 25.85 5.21 36.32
CA PRO A 700 24.78 5.61 35.39
C PRO A 700 24.43 7.08 35.46
N THR A 701 23.80 7.58 34.40
CA THR A 701 23.14 8.84 34.45
C THR A 701 21.59 8.68 34.69
N PRO A 702 21.03 9.59 35.51
CA PRO A 702 19.57 9.59 35.70
C PRO A 702 18.83 10.29 34.51
N LEU A 703 17.56 10.06 34.45
CA LEU A 703 16.72 10.82 33.50
C LEU A 703 16.34 12.12 34.15
N LEU A 704 16.18 13.12 33.31
CA LEU A 704 15.71 14.40 33.68
C LEU A 704 14.24 14.49 33.26
N VAL A 705 13.39 14.83 34.22
CA VAL A 705 11.92 14.95 34.06
C VAL A 705 11.52 16.39 34.22
N SER A 706 11.06 17.03 33.14
CA SER A 706 10.74 18.47 33.15
C SER A 706 9.25 18.77 32.86
N LEU A 707 8.59 19.48 33.76
CA LEU A 707 7.16 19.82 33.63
C LEU A 707 6.98 21.11 32.86
N HIS A 708 6.15 21.10 31.83
CA HIS A 708 5.98 22.30 30.97
C HIS A 708 5.35 23.36 31.91
N PRO A 709 5.87 24.61 31.91
CA PRO A 709 5.32 25.62 32.85
C PRO A 709 3.86 25.92 32.70
N ASP A 710 3.29 25.68 31.52
CA ASP A 710 1.86 25.96 31.34
C ASP A 710 0.94 24.80 31.81
N SER A 711 1.51 23.73 32.34
CA SER A 711 0.74 22.60 32.85
C SER A 711 -0.21 23.05 34.00
N THR A 712 -1.45 22.57 34.05
CA THR A 712 -2.33 22.92 35.13
C THR A 712 -2.18 21.94 36.30
N PHE A 713 -1.60 20.77 36.07
CA PHE A 713 -1.24 19.78 37.12
C PHE A 713 0.26 19.93 37.36
N LYS A 714 0.63 20.18 38.61
CA LYS A 714 1.97 20.66 38.92
C LYS A 714 2.94 19.76 39.72
N ASP A 715 2.51 18.57 40.08
CA ASP A 715 3.25 17.71 40.96
C ASP A 715 4.24 16.91 40.13
N VAL A 716 5.47 17.40 40.01
CA VAL A 716 6.49 16.76 39.17
C VAL A 716 7.12 15.53 39.83
N ASP A 717 7.06 15.48 41.17
CA ASP A 717 7.46 14.30 41.89
C ASP A 717 6.58 13.09 41.49
N TYR A 718 5.28 13.33 41.54
CA TYR A 718 4.32 12.31 41.07
C TYR A 718 4.58 11.90 39.63
N LEU A 719 4.81 12.88 38.77
CA LEU A 719 5.09 12.59 37.36
C LEU A 719 6.45 11.83 37.15
N ALA A 720 7.45 12.06 37.99
CA ALA A 720 8.73 11.33 37.91
C ALA A 720 8.53 9.90 38.30
N GLU A 721 7.79 9.68 39.38
CA GLU A 721 7.49 8.30 39.83
C GLU A 721 6.67 7.55 38.74
N GLN A 722 5.73 8.26 38.10
CA GLN A 722 4.89 7.68 37.03
C GLN A 722 5.71 7.30 35.82
N ALA A 723 6.65 8.16 35.42
CA ALA A 723 7.58 7.78 34.40
C ALA A 723 8.39 6.52 34.71
N LEU A 724 8.88 6.42 35.95
CA LEU A 724 9.59 5.26 36.41
C LEU A 724 8.75 4.00 36.28
N LYS A 725 7.52 4.06 36.74
CA LYS A 725 6.65 2.93 36.62
C LYS A 725 6.49 2.51 35.18
N PHE A 726 6.37 3.49 34.31
CA PHE A 726 6.16 3.18 32.87
C PHE A 726 7.34 2.55 32.15
N THR A 727 8.55 2.66 32.72
CA THR A 727 9.70 1.94 32.19
C THR A 727 9.56 0.45 32.43
N SER A 728 8.84 0.09 33.49
CA SER A 728 8.56 -1.33 33.88
C SER A 728 7.38 -1.97 33.13
N LEU A 729 6.68 -1.16 32.35
CA LEU A 729 5.54 -1.65 31.61
C LEU A 729 5.92 -2.23 30.25
N SER A 730 7.20 -2.15 29.82
CA SER A 730 7.50 -2.71 28.51
C SER A 730 7.38 -4.24 28.41
N TRP A 731 6.67 -4.69 27.36
CA TRP A 731 6.52 -6.05 26.97
C TRP A 731 7.47 -6.51 25.92
N ARG A 732 8.48 -5.70 25.61
CA ARG A 732 9.62 -6.20 24.85
C ARG A 732 10.64 -7.03 25.57
N SER A 733 10.62 -6.96 26.89
CA SER A 733 11.66 -7.49 27.71
C SER A 733 11.18 -7.64 29.15
N THR A 734 11.81 -8.59 29.87
CA THR A 734 11.63 -8.73 31.30
C THR A 734 12.26 -7.56 32.03
N LEU A 735 13.38 -7.08 31.51
CA LEU A 735 14.07 -5.96 32.08
C LEU A 735 13.38 -4.68 31.67
N PRO A 736 13.48 -3.64 32.52
CA PRO A 736 12.77 -2.42 32.21
C PRO A 736 13.38 -1.67 31.04
N ALA A 737 12.56 -0.86 30.35
CA ALA A 737 13.02 0.00 29.24
C ALA A 737 13.72 1.30 29.68
N ALA A 738 14.40 1.91 28.74
CA ALA A 738 15.24 3.07 28.98
C ALA A 738 14.38 4.31 29.17
N THR A 739 13.13 4.27 28.74
CA THR A 739 12.26 5.46 28.73
C THR A 739 10.83 4.90 28.86
N PRO A 740 9.90 5.68 29.43
CA PRO A 740 8.55 5.15 29.58
C PRO A 740 7.94 4.65 28.27
N VAL A 741 7.16 3.57 28.35
CA VAL A 741 6.55 2.98 27.11
C VAL A 741 5.70 3.94 26.29
N THR A 742 5.09 4.92 26.92
CA THR A 742 4.38 6.01 26.24
C THR A 742 5.24 6.65 25.08
N ILE A 743 6.54 6.83 25.33
CA ILE A 743 7.47 7.34 24.36
C ILE A 743 8.08 6.19 23.57
N PHE A 744 8.50 5.13 24.26
CA PHE A 744 9.25 4.05 23.60
C PHE A 744 8.44 3.27 22.57
N TYR A 745 7.25 2.79 22.95
CA TYR A 745 6.38 2.18 22.03
C TYR A 745 6.10 3.11 20.83
N SER A 746 5.95 4.40 21.11
CA SER A 746 5.68 5.38 20.02
C SER A 746 6.81 5.43 19.04
N GLU A 747 8.06 5.34 19.49
CA GLU A 747 9.24 5.37 18.58
C GLU A 747 9.27 4.12 17.76
N ARG A 748 8.90 2.97 18.36
CA ARG A 748 8.90 1.70 17.64
C ARG A 748 7.76 1.68 16.56
N ILE A 749 6.61 2.25 16.88
CA ILE A 749 5.56 2.41 15.93
C ILE A 749 5.93 3.36 14.75
N ALA A 750 6.49 4.50 15.10
CA ALA A 750 6.93 5.50 14.08
C ALA A 750 7.91 4.87 13.15
N GLU A 751 8.92 4.21 13.69
CA GLU A 751 9.90 3.53 12.80
C GLU A 751 9.28 2.48 11.84
N LEU A 752 8.46 1.58 12.38
CA LEU A 752 7.81 0.59 11.60
C LEU A 752 6.88 1.18 10.57
N LEU A 753 5.94 2.03 10.98
CA LEU A 753 4.99 2.58 10.08
C LEU A 753 5.62 3.48 9.04
N GLY A 754 6.68 4.17 9.39
CA GLY A 754 7.34 5.00 8.42
C GLY A 754 8.08 4.15 7.41
N ARG A 755 8.71 3.04 7.82
CA ARG A 755 9.28 2.10 6.83
C ARG A 755 8.25 1.46 5.91
N LEU A 756 7.17 1.03 6.51
CA LEU A 756 6.10 0.33 5.79
C LEU A 756 5.44 1.16 4.72
N LYS A 757 5.48 2.47 4.95
CA LYS A 757 4.92 3.43 4.01
C LYS A 757 5.39 3.18 2.63
N SER A 758 6.65 2.79 2.46
CA SER A 758 7.29 2.66 1.20
C SER A 758 7.29 1.25 0.67
N ILE A 759 6.68 0.33 1.33
CA ILE A 759 6.74 -1.04 0.90
C ILE A 759 5.55 -1.36 0.02
N PRO A 760 5.80 -1.93 -1.17
CA PRO A 760 4.68 -2.22 -2.03
C PRO A 760 3.69 -3.13 -1.40
N ASN A 761 2.41 -2.80 -1.58
CA ASN A 761 1.28 -3.66 -1.13
C ASN A 761 0.96 -3.61 0.37
N TRP A 762 1.68 -2.79 1.12
CA TRP A 762 1.39 -2.53 2.57
C TRP A 762 0.06 -1.83 2.66
N SER A 763 -0.76 -2.29 3.59
CA SER A 763 -1.91 -1.47 3.99
C SER A 763 -2.12 -1.56 5.47
N SER A 764 -2.36 -0.39 6.09
CA SER A 764 -2.67 -0.30 7.53
C SER A 764 -4.09 -0.74 7.84
N ALA A 765 -4.83 -1.26 6.86
CA ALA A 765 -6.29 -1.49 7.05
C ALA A 765 -6.61 -2.38 8.28
N ASN A 766 -5.73 -3.33 8.60
CA ASN A 766 -6.00 -4.25 9.71
C ASN A 766 -5.52 -3.77 11.08
N LEU A 767 -4.81 -2.65 11.09
CA LEU A 767 -4.16 -2.16 12.27
C LEU A 767 -5.17 -1.89 13.41
N ASN A 768 -6.30 -1.31 13.02
CA ASN A 768 -7.37 -1.02 13.97
C ASN A 768 -8.53 -2.03 13.87
N ILE A 769 -8.31 -3.14 13.18
CA ILE A 769 -9.36 -4.13 13.08
C ILE A 769 -8.80 -5.43 13.70
N LYS A 770 -8.22 -6.35 12.93
CA LYS A 770 -7.63 -7.56 13.51
C LYS A 770 -6.54 -7.29 14.52
N LEU A 771 -5.76 -6.21 14.40
CA LEU A 771 -4.64 -6.00 15.21
C LEU A 771 -4.87 -4.93 16.30
N LYS A 772 -6.11 -4.44 16.42
CA LYS A 772 -6.39 -3.34 17.42
C LYS A 772 -5.86 -3.65 18.86
N TRP A 773 -5.95 -4.91 19.31
CA TRP A 773 -5.47 -5.28 20.67
C TRP A 773 -4.14 -6.03 20.62
N SER A 774 -3.57 -6.18 19.40
CA SER A 774 -2.29 -6.80 19.23
C SER A 774 -1.15 -5.83 19.47
N ARG A 775 -0.21 -6.17 20.34
CA ARG A 775 1.01 -5.34 20.47
C ARG A 775 2.05 -5.67 19.40
N TRP A 776 1.67 -5.31 18.17
CA TRP A 776 2.29 -5.78 16.97
C TRP A 776 3.60 -5.09 16.75
N PHE A 777 3.81 -3.99 17.48
CA PHE A 777 5.03 -3.12 17.33
C PHE A 777 6.18 -3.42 18.26
N LEU A 778 6.02 -4.44 19.08
CA LEU A 778 7.06 -4.80 20.07
C LEU A 778 8.26 -5.46 19.44
N GLN B 22 -29.62 -21.14 -46.63
CA GLN B 22 -29.44 -21.31 -45.15
C GLN B 22 -29.35 -19.96 -44.38
N LEU B 23 -28.15 -19.38 -44.29
CA LEU B 23 -28.02 -18.04 -43.71
C LEU B 23 -27.62 -17.06 -44.80
N VAL B 24 -28.47 -16.07 -45.02
CA VAL B 24 -28.27 -15.01 -45.98
C VAL B 24 -27.42 -13.87 -45.36
N SER B 25 -26.41 -13.41 -46.08
CA SER B 25 -25.55 -12.34 -45.54
C SER B 25 -26.17 -11.02 -45.88
N ASN B 26 -25.47 -9.94 -45.50
CA ASN B 26 -25.82 -8.59 -45.87
C ASN B 26 -24.93 -8.07 -47.00
N GLY B 27 -24.40 -8.97 -47.82
CA GLY B 27 -23.40 -8.56 -48.79
C GLY B 27 -23.75 -9.06 -50.20
N PHE B 28 -23.14 -8.44 -51.20
CA PHE B 28 -23.33 -8.81 -52.58
C PHE B 28 -21.97 -9.10 -53.23
N GLU B 29 -21.96 -10.19 -53.98
CA GLU B 29 -20.88 -10.53 -54.87
C GLU B 29 -20.56 -9.35 -55.73
N VAL B 30 -19.27 -9.10 -55.92
CA VAL B 30 -18.79 -8.11 -56.89
C VAL B 30 -18.02 -8.84 -58.01
N ASN B 31 -18.57 -8.82 -59.25
CA ASN B 31 -17.88 -9.35 -60.45
C ASN B 31 -16.77 -8.40 -60.87
N LEU B 32 -15.55 -8.88 -60.84
CA LEU B 32 -14.39 -7.99 -61.07
C LEU B 32 -13.72 -8.46 -62.34
N PRO B 33 -13.01 -7.59 -63.08
CA PRO B 33 -12.25 -8.21 -64.16
C PRO B 33 -11.28 -9.25 -63.58
N ASP B 34 -10.92 -10.24 -64.38
CA ASP B 34 -9.95 -11.28 -64.00
C ASP B 34 -8.56 -10.74 -63.70
N GLN B 35 -8.17 -9.70 -64.43
CA GLN B 35 -6.90 -9.11 -64.10
C GLN B 35 -6.95 -7.70 -64.50
N VAL B 36 -6.04 -6.91 -63.97
CA VAL B 36 -5.82 -5.57 -64.50
C VAL B 36 -4.33 -5.37 -64.72
N GLU B 37 -4.01 -4.51 -65.66
CA GLU B 37 -2.62 -4.25 -65.95
C GLU B 37 -2.29 -3.11 -65.01
N VAL B 38 -1.21 -3.24 -64.25
CA VAL B 38 -0.70 -2.18 -63.43
C VAL B 38 0.72 -1.86 -63.85
N ILE B 39 1.25 -0.79 -63.26
CA ILE B 39 2.67 -0.50 -63.22
C ILE B 39 3.09 -0.57 -61.78
N VAL B 40 4.23 -1.21 -61.55
CA VAL B 40 4.68 -1.54 -60.21
C VAL B 40 6.11 -1.09 -60.13
N ARG B 41 6.44 -0.53 -58.99
CA ARG B 41 7.69 0.12 -58.76
C ARG B 41 8.02 -0.09 -57.31
N ASP B 42 9.30 -0.30 -57.06
CA ASP B 42 9.84 -0.58 -55.74
C ASP B 42 9.84 0.73 -54.97
N LEU B 43 9.06 0.78 -53.90
CA LEU B 43 9.06 1.95 -53.03
C LEU B 43 9.22 1.57 -51.57
N PRO B 44 10.47 1.28 -51.14
CA PRO B 44 10.75 0.84 -49.77
C PRO B 44 10.34 1.79 -48.66
N ASP B 45 10.28 3.08 -48.98
CA ASP B 45 9.96 4.11 -48.02
C ASP B 45 8.50 4.58 -48.20
N PRO B 46 7.61 4.18 -47.27
CA PRO B 46 6.19 4.56 -47.38
C PRO B 46 5.94 6.04 -47.22
N SER B 47 6.93 6.75 -46.63
CA SER B 47 6.91 8.21 -46.53
C SER B 47 6.77 8.89 -47.87
N LYS B 48 7.17 8.23 -48.93
CA LYS B 48 7.07 8.83 -50.29
C LYS B 48 5.68 8.65 -50.95
N VAL B 49 4.81 7.82 -50.38
CA VAL B 49 3.59 7.44 -51.09
C VAL B 49 2.68 8.62 -51.27
N LYS B 50 2.65 9.47 -50.26
CA LYS B 50 1.70 10.56 -50.20
C LYS B 50 1.91 11.57 -51.34
N GLU B 51 3.18 11.92 -51.57
CA GLU B 51 3.52 12.85 -52.64
C GLU B 51 3.26 12.26 -54.02
N GLU B 52 3.49 10.96 -54.21
CA GLU B 52 3.12 10.33 -55.48
C GLU B 52 1.61 10.29 -55.66
N ARG B 53 0.84 9.88 -54.64
CA ARG B 53 -0.62 9.80 -54.82
C ARG B 53 -1.11 11.19 -55.23
N THR B 54 -0.55 12.21 -54.59
CA THR B 54 -0.87 13.58 -55.00
C THR B 54 -0.43 13.92 -56.41
N ARG B 55 0.83 13.69 -56.76
CA ARG B 55 1.26 13.96 -58.13
C ARG B 55 0.31 13.28 -59.14
N LEU B 56 -0.15 12.07 -58.84
CA LEU B 56 -0.86 11.23 -59.84
C LEU B 56 -2.40 11.27 -59.79
N MET B 57 -2.93 12.23 -59.07
CA MET B 57 -4.31 12.18 -58.60
C MET B 57 -5.24 12.34 -59.77
N GLY B 58 -6.29 11.57 -59.84
CA GLY B 58 -7.21 11.73 -60.96
C GLY B 58 -6.82 10.90 -62.19
N TYR B 59 -5.53 10.63 -62.39
CA TYR B 59 -5.08 9.83 -63.52
C TYR B 59 -4.78 8.37 -63.14
N TRP B 60 -4.30 8.15 -61.91
CA TRP B 60 -3.95 6.81 -61.39
C TRP B 60 -4.54 6.57 -60.03
N PHE B 61 -4.99 5.35 -59.78
CA PHE B 61 -5.18 4.85 -58.44
C PHE B 61 -3.84 4.24 -58.01
N VAL B 62 -3.39 4.55 -56.81
CA VAL B 62 -2.09 4.13 -56.34
C VAL B 62 -2.32 3.38 -55.03
N HIS B 63 -1.48 2.38 -54.75
CA HIS B 63 -1.65 1.50 -53.56
C HIS B 63 -0.32 0.90 -53.21
N TRP B 64 0.05 1.12 -51.97
CA TRP B 64 1.33 0.66 -51.47
C TRP B 64 1.08 -0.72 -50.78
N PHE B 65 1.87 -1.71 -51.14
CA PHE B 65 1.76 -3.06 -50.57
C PHE B 65 3.12 -3.71 -50.70
N ASP B 66 3.70 -3.99 -49.54
CA ASP B 66 4.74 -4.97 -49.49
C ASP B 66 5.97 -4.37 -50.10
N GLY B 67 6.22 -3.09 -49.79
CA GLY B 67 7.43 -2.40 -50.28
C GLY B 67 7.36 -1.98 -51.71
N LYS B 68 6.17 -1.99 -52.30
CA LYS B 68 6.00 -1.64 -53.71
C LYS B 68 4.80 -0.74 -53.92
N LEU B 69 4.96 0.22 -54.82
CA LEU B 69 3.89 1.10 -55.18
C LEU B 69 3.27 0.62 -56.48
N PHE B 70 2.02 0.20 -56.36
CA PHE B 70 1.22 -0.29 -57.48
C PHE B 70 0.33 0.80 -58.07
N HIS B 71 0.34 0.92 -59.41
CA HIS B 71 -0.37 1.95 -60.03
C HIS B 71 -1.34 1.42 -61.04
N LEU B 72 -2.60 1.84 -60.91
CA LEU B 72 -3.63 1.45 -61.84
C LEU B 72 -4.16 2.68 -62.54
N ARG B 73 -4.08 2.67 -63.87
CA ARG B 73 -4.45 3.83 -64.64
C ARG B 73 -5.97 3.95 -64.68
N ILE B 74 -6.49 5.13 -64.31
CA ILE B 74 -7.92 5.35 -64.26
C ILE B 74 -8.42 6.26 -65.40
N LYS B 75 -7.53 7.02 -66.05
CA LYS B 75 -7.90 7.93 -67.15
C LYS B 75 -6.72 7.98 -68.11
N ALA B 76 -6.98 8.21 -69.40
CA ALA B 76 -5.89 8.39 -70.35
C ALA B 76 -5.14 9.68 -70.01
N GLY B 77 -3.85 9.72 -70.32
CA GLY B 77 -3.08 10.96 -70.23
C GLY B 77 -2.54 11.20 -68.83
N GLY B 78 -2.25 12.45 -68.52
CA GLY B 78 -1.76 12.82 -67.18
C GLY B 78 -0.32 12.42 -67.04
N PRO B 79 0.23 12.55 -65.84
CA PRO B 79 1.61 12.17 -65.54
C PRO B 79 1.96 10.75 -65.87
N ASN B 80 3.21 10.53 -66.22
CA ASN B 80 3.71 9.17 -66.42
C ASN B 80 4.28 8.58 -65.16
N VAL B 81 4.31 7.24 -65.11
CA VAL B 81 4.86 6.50 -64.00
C VAL B 81 5.94 5.53 -64.49
N ASP B 82 7.02 5.35 -63.72
CA ASP B 82 8.04 4.36 -64.10
C ASP B 82 7.91 3.13 -63.25
N GLY B 83 8.37 2.01 -63.80
CA GLY B 83 8.28 0.70 -63.13
C GLY B 83 7.89 -0.43 -64.09
N GLU B 84 7.71 -1.63 -63.58
CA GLU B 84 7.40 -2.79 -64.44
C GLU B 84 5.90 -2.82 -64.78
N HIS B 85 5.62 -3.09 -66.05
CA HIS B 85 4.24 -3.34 -66.46
C HIS B 85 3.91 -4.80 -66.13
N ARG B 86 2.82 -5.02 -65.40
CA ARG B 86 2.47 -6.34 -64.89
C ARG B 86 0.95 -6.47 -64.86
N ALA B 87 0.44 -7.68 -65.10
CA ALA B 87 -0.98 -7.94 -64.98
C ALA B 87 -1.17 -8.46 -63.57
N ILE B 88 -2.19 -7.97 -62.84
CA ILE B 88 -2.52 -8.48 -61.51
C ILE B 88 -3.85 -9.23 -61.59
N ARG B 89 -3.78 -10.54 -61.45
CA ARG B 89 -4.97 -11.41 -61.34
C ARG B 89 -5.73 -11.30 -60.01
N THR B 90 -6.99 -10.95 -60.15
CA THR B 90 -7.91 -10.72 -59.04
C THR B 90 -8.10 -11.96 -58.14
N ALA B 91 -8.16 -13.13 -58.75
CA ALA B 91 -8.25 -14.38 -57.92
C ALA B 91 -7.05 -14.53 -56.99
N GLU B 92 -5.87 -14.04 -57.40
CA GLU B 92 -4.63 -14.22 -56.63
C GLU B 92 -4.26 -13.08 -55.63
N HIS B 93 -4.59 -11.83 -56.01
CA HIS B 93 -4.24 -10.64 -55.25
C HIS B 93 -5.46 -9.72 -55.24
N PRO B 94 -6.51 -10.15 -54.53
CA PRO B 94 -7.72 -9.35 -54.47
C PRO B 94 -7.61 -8.08 -53.63
N TRP B 95 -6.53 -7.91 -52.85
CA TRP B 95 -6.33 -6.71 -52.03
C TRP B 95 -6.33 -5.42 -52.89
N LEU B 96 -5.87 -5.52 -54.15
CA LEU B 96 -5.78 -4.34 -55.02
C LEU B 96 -7.16 -3.82 -55.38
N LEU B 97 -7.99 -4.65 -56.05
CA LEU B 97 -9.32 -4.18 -56.38
C LEU B 97 -10.26 -3.97 -55.17
N ARG B 98 -10.07 -4.69 -54.06
CA ARG B 98 -10.83 -4.35 -52.84
C ARG B 98 -10.61 -2.87 -52.43
N ALA B 99 -9.36 -2.45 -52.42
CA ALA B 99 -9.00 -1.07 -52.04
C ALA B 99 -9.55 -0.07 -53.11
N ARG B 100 -9.45 -0.40 -54.39
CA ARG B 100 -9.98 0.51 -55.40
C ARG B 100 -11.48 0.69 -55.27
N LEU B 101 -12.16 -0.38 -54.95
CA LEU B 101 -13.58 -0.34 -54.67
C LEU B 101 -13.98 0.58 -53.54
N ASP B 102 -13.13 0.83 -52.54
CA ASP B 102 -13.45 1.85 -51.53
C ASP B 102 -13.62 3.25 -52.18
N ASP B 103 -12.65 3.64 -53.01
CA ASP B 103 -12.82 4.86 -53.82
C ASP B 103 -14.04 4.76 -54.80
N ALA B 104 -14.14 3.64 -55.52
CA ALA B 104 -15.05 3.52 -56.67
C ALA B 104 -16.49 3.58 -56.24
N LEU B 105 -16.81 2.99 -55.10
CA LEU B 105 -18.15 3.06 -54.51
C LEU B 105 -18.52 4.48 -54.15
N GLU B 106 -17.61 5.22 -53.51
CA GLU B 106 -17.88 6.65 -53.27
C GLU B 106 -18.16 7.40 -54.62
N GLU B 107 -17.27 7.26 -55.60
CA GLU B 107 -17.43 7.85 -56.96
C GLU B 107 -18.66 7.32 -57.72
N ALA B 108 -19.16 6.13 -57.37
CA ALA B 108 -20.39 5.58 -57.97
C ALA B 108 -21.71 6.23 -57.50
N LEU B 109 -21.72 6.86 -56.33
CA LEU B 109 -22.90 7.51 -55.73
C LEU B 109 -22.63 9.00 -55.50
N PRO B 110 -22.43 9.78 -56.60
CA PRO B 110 -21.89 11.11 -56.41
C PRO B 110 -22.87 12.00 -55.68
N LYS B 111 -24.16 11.69 -55.76
CA LYS B 111 -25.16 12.48 -55.04
C LYS B 111 -25.20 12.23 -53.52
N TYR B 112 -24.42 11.26 -53.02
CA TYR B 112 -24.40 10.96 -51.57
C TYR B 112 -23.01 11.19 -50.95
N ALA B 113 -22.86 12.34 -50.32
CA ALA B 113 -21.59 12.78 -49.77
C ALA B 113 -21.15 11.84 -48.69
N ALA B 114 -19.90 11.44 -48.77
CA ALA B 114 -19.26 10.68 -47.70
C ALA B 114 -19.44 11.34 -46.35
N VAL B 115 -19.99 10.63 -45.39
CA VAL B 115 -19.90 11.02 -43.97
C VAL B 115 -18.64 10.36 -43.34
N LYS B 116 -18.19 9.23 -43.91
CA LYS B 116 -16.89 8.63 -43.62
C LYS B 116 -16.44 7.90 -44.88
N LYS B 117 -15.13 7.66 -44.98
CA LYS B 117 -14.52 6.84 -46.03
C LYS B 117 -14.05 5.51 -45.43
N ARG B 118 -14.02 4.44 -46.25
CA ARG B 118 -13.31 3.20 -45.89
C ARG B 118 -13.74 2.70 -44.54
N PRO B 119 -15.02 2.35 -44.38
CA PRO B 119 -15.99 2.20 -45.49
C PRO B 119 -16.79 3.49 -45.85
N PHE B 120 -17.11 3.62 -47.14
CA PHE B 120 -17.95 4.68 -47.63
C PHE B 120 -19.26 4.59 -46.84
N THR B 121 -19.58 5.68 -46.14
CA THR B 121 -20.69 5.78 -45.20
C THR B 121 -21.46 7.07 -45.58
N PHE B 122 -22.79 7.00 -45.62
CA PHE B 122 -23.59 8.09 -46.16
C PHE B 122 -25.04 8.06 -45.64
N LEU B 123 -25.77 9.16 -45.83
CA LEU B 123 -27.09 9.36 -45.23
C LEU B 123 -28.25 9.29 -46.23
N ALA B 124 -29.41 8.89 -45.71
CA ALA B 124 -30.64 8.93 -46.46
C ALA B 124 -30.94 10.40 -46.75
N GLN B 125 -31.27 10.73 -47.98
CA GLN B 125 -31.43 12.14 -48.25
C GLN B 125 -32.77 12.70 -47.81
N LYS B 126 -33.80 11.85 -47.65
CA LYS B 126 -35.12 12.32 -47.18
C LYS B 126 -35.54 11.78 -45.79
N ASP B 127 -35.42 10.48 -45.56
CA ASP B 127 -35.93 9.90 -44.31
C ASP B 127 -35.41 10.69 -43.10
N GLU B 128 -36.30 11.00 -42.15
CA GLU B 128 -35.86 11.38 -40.80
C GLU B 128 -36.93 10.97 -39.81
N LEU B 129 -36.51 10.19 -38.81
CA LEU B 129 -37.44 9.38 -38.02
C LEU B 129 -38.18 10.15 -36.96
N ILE B 130 -37.64 11.31 -36.57
CA ILE B 130 -38.21 12.08 -35.47
C ILE B 130 -39.57 12.62 -35.91
N ASP B 131 -39.62 13.11 -37.15
CA ASP B 131 -40.81 13.57 -37.83
C ASP B 131 -41.82 12.47 -38.09
N ALA B 132 -41.35 11.31 -38.52
CA ALA B 132 -42.25 10.16 -38.73
C ALA B 132 -42.78 9.60 -37.37
N ALA B 133 -41.92 9.50 -36.35
CA ALA B 133 -42.35 9.25 -34.93
C ALA B 133 -43.34 10.31 -34.39
N ALA B 134 -42.99 11.58 -34.59
CA ALA B 134 -43.82 12.70 -34.17
C ALA B 134 -45.21 12.67 -34.86
N THR B 135 -45.25 12.30 -36.15
CA THR B 135 -46.51 12.04 -36.86
C THR B 135 -47.26 10.76 -36.42
N ALA B 136 -46.64 9.59 -36.44
CA ALA B 136 -47.26 8.36 -35.88
C ALA B 136 -47.86 8.57 -34.47
N ALA B 137 -47.17 9.29 -33.60
CA ALA B 137 -47.63 9.50 -32.20
C ALA B 137 -48.61 10.68 -32.04
N GLY B 138 -48.78 11.44 -33.11
CA GLY B 138 -49.64 12.61 -33.09
C GLY B 138 -49.17 13.74 -32.19
N LEU B 139 -47.88 14.02 -32.22
CA LEU B 139 -47.32 15.10 -31.42
C LEU B 139 -46.71 16.15 -32.33
N SER B 140 -46.35 17.28 -31.72
CA SER B 140 -45.50 18.28 -32.33
C SER B 140 -45.03 19.33 -31.32
N HIS B 141 -44.21 20.27 -31.81
CA HIS B 141 -43.58 21.33 -31.03
C HIS B 141 -42.73 22.11 -32.05
N ARG B 142 -42.33 23.32 -31.66
CA ARG B 142 -41.62 24.20 -32.58
C ARG B 142 -40.22 23.66 -32.85
N LEU B 143 -39.42 23.53 -31.80
CA LEU B 143 -38.02 23.06 -31.92
C LEU B 143 -37.77 21.65 -32.48
N LEU B 144 -38.69 20.70 -32.31
CA LEU B 144 -38.49 19.30 -32.81
C LEU B 144 -37.81 19.16 -34.18
N ASN B 145 -38.04 20.11 -35.10
CA ASN B 145 -37.29 20.17 -36.36
C ASN B 145 -35.74 20.37 -36.23
N SER B 146 -35.25 20.78 -35.05
CA SER B 146 -33.80 20.94 -34.80
C SER B 146 -33.09 19.64 -34.39
N PHE B 147 -33.88 18.57 -34.27
CA PHE B 147 -33.45 17.28 -33.80
C PHE B 147 -33.65 16.24 -34.91
N LYS B 148 -32.62 15.46 -35.20
CA LYS B 148 -32.59 14.61 -36.37
C LYS B 148 -32.16 13.20 -36.05
N VAL B 149 -32.92 12.24 -36.57
CA VAL B 149 -32.55 10.85 -36.55
C VAL B 149 -32.64 10.40 -38.02
N ILE B 150 -31.48 10.37 -38.67
CA ILE B 150 -31.40 10.03 -40.09
C ILE B 150 -30.73 8.67 -40.34
N PRO B 151 -31.35 7.82 -41.16
CA PRO B 151 -30.76 6.57 -41.48
C PRO B 151 -29.38 6.78 -42.12
N ARG B 152 -28.46 5.89 -41.75
CA ARG B 152 -27.02 5.94 -42.17
C ARG B 152 -26.57 4.60 -42.72
N PHE B 153 -26.04 4.60 -43.92
CA PHE B 153 -25.64 3.38 -44.62
C PHE B 153 -24.12 3.32 -44.75
N ALA B 154 -23.51 2.17 -44.54
CA ALA B 154 -22.07 1.92 -44.88
C ALA B 154 -21.94 0.74 -45.88
N LEU B 155 -20.98 0.87 -46.81
CA LEU B 155 -20.64 -0.17 -47.80
C LEU B 155 -19.16 -0.59 -47.70
N SER B 156 -18.96 -1.81 -47.21
CA SER B 156 -17.64 -2.31 -46.90
C SER B 156 -17.28 -3.39 -47.91
N PRO B 157 -16.26 -3.14 -48.73
CA PRO B 157 -15.73 -4.17 -49.64
C PRO B 157 -14.87 -5.09 -48.81
N LYS B 158 -15.19 -6.38 -48.79
CA LYS B 158 -14.47 -7.32 -47.96
C LYS B 158 -14.12 -8.59 -48.75
N ILE B 159 -12.99 -9.19 -48.42
CA ILE B 159 -12.51 -10.40 -49.09
C ILE B 159 -13.08 -11.56 -48.30
N TYR B 160 -13.59 -12.54 -49.00
CA TYR B 160 -14.17 -13.72 -48.33
C TYR B 160 -13.87 -14.92 -49.20
N GLU B 161 -14.15 -16.12 -48.70
CA GLU B 161 -13.95 -17.30 -49.50
C GLU B 161 -15.30 -18.00 -49.78
N PRO B 162 -15.77 -18.00 -51.05
CA PRO B 162 -16.93 -18.78 -51.50
C PRO B 162 -16.86 -20.24 -51.12
N VAL B 163 -15.67 -20.82 -51.27
CA VAL B 163 -15.42 -22.21 -50.89
C VAL B 163 -13.95 -22.17 -50.47
N ASP B 164 -13.49 -23.16 -49.72
CA ASP B 164 -12.08 -23.17 -49.25
C ASP B 164 -11.11 -22.98 -50.45
N GLY B 165 -10.11 -22.13 -50.28
CA GLY B 165 -9.07 -21.99 -51.27
C GLY B 165 -9.36 -20.96 -52.34
N THR B 166 -10.60 -20.46 -52.40
CA THR B 166 -11.04 -19.50 -53.43
C THR B 166 -11.40 -18.17 -52.74
N THR B 167 -10.85 -17.05 -53.25
CA THR B 167 -11.18 -15.69 -52.71
C THR B 167 -12.02 -14.87 -53.68
N ARG B 168 -12.94 -14.07 -53.14
CA ARG B 168 -13.66 -13.11 -53.91
C ARG B 168 -13.86 -11.84 -53.11
N VAL B 169 -14.45 -10.80 -53.72
CA VAL B 169 -14.73 -9.57 -53.04
C VAL B 169 -16.21 -9.35 -53.02
N GLY B 170 -16.76 -9.07 -51.83
CA GLY B 170 -18.13 -8.66 -51.71
C GLY B 170 -18.31 -7.31 -51.07
N VAL B 171 -19.49 -6.71 -51.28
CA VAL B 171 -19.80 -5.43 -50.68
C VAL B 171 -20.89 -5.66 -49.64
N PHE B 172 -20.54 -5.39 -48.38
CA PHE B 172 -21.39 -5.58 -47.23
C PHE B 172 -22.08 -4.30 -46.76
N VAL B 173 -23.39 -4.41 -46.58
CA VAL B 173 -24.21 -3.25 -46.29
C VAL B 173 -24.57 -3.17 -44.81
N THR B 174 -24.25 -2.05 -44.18
CA THR B 174 -24.68 -1.87 -42.80
C THR B 174 -25.54 -0.63 -42.62
N ILE B 175 -26.40 -0.67 -41.61
CA ILE B 175 -27.37 0.42 -41.32
C ILE B 175 -27.22 0.79 -39.84
N GLY B 176 -27.24 2.09 -39.58
CA GLY B 176 -27.39 2.62 -38.25
C GLY B 176 -28.20 3.90 -38.30
N MET B 177 -28.13 4.73 -37.25
CA MET B 177 -28.80 6.01 -37.32
C MET B 177 -27.85 7.09 -36.89
N ARG B 178 -27.86 8.21 -37.60
CA ARG B 178 -27.19 9.44 -37.13
C ARG B 178 -28.14 10.21 -36.23
N TYR B 179 -27.77 10.37 -34.94
CA TYR B 179 -28.50 11.25 -34.04
C TYR B 179 -27.78 12.55 -34.01
N ASP B 180 -28.50 13.65 -34.26
CA ASP B 180 -27.88 14.96 -34.24
C ASP B 180 -28.86 16.09 -33.82
N ILE B 181 -28.46 16.91 -32.85
CA ILE B 181 -29.20 18.12 -32.41
C ILE B 181 -28.50 19.34 -33.05
N GLU B 182 -29.13 19.86 -34.11
CA GLU B 182 -28.56 20.97 -34.89
C GLU B 182 -28.99 22.33 -34.31
N ALA B 183 -29.70 22.34 -33.20
CA ALA B 183 -30.16 23.59 -32.56
C ALA B 183 -28.99 24.53 -32.26
N SER B 184 -29.31 25.80 -31.96
CA SER B 184 -28.31 26.86 -31.74
C SER B 184 -27.71 26.83 -30.33
N LEU B 195 -27.58 23.78 -19.60
CA LEU B 195 -26.63 23.51 -20.67
C LEU B 195 -25.21 23.15 -20.20
N ARG B 196 -24.86 23.33 -18.94
CA ARG B 196 -23.54 22.81 -18.50
C ARG B 196 -23.67 21.54 -17.68
N GLY B 197 -22.73 20.63 -17.90
CA GLY B 197 -22.94 19.23 -17.57
C GLY B 197 -23.20 18.54 -18.90
N MET B 198 -23.57 19.35 -19.90
CA MET B 198 -23.91 18.86 -21.21
C MET B 198 -22.74 19.09 -22.17
N TYR B 199 -22.24 18.00 -22.76
CA TYR B 199 -21.08 18.09 -23.63
C TYR B 199 -21.35 18.73 -24.97
N VAL B 200 -20.29 19.35 -25.53
CA VAL B 200 -20.42 20.15 -26.72
C VAL B 200 -19.31 19.86 -27.74
N VAL B 201 -19.68 19.89 -29.02
CA VAL B 201 -18.87 19.48 -30.14
C VAL B 201 -18.72 20.66 -31.16
N ARG B 202 -17.60 20.70 -31.90
CA ARG B 202 -17.42 21.57 -33.10
C ARG B 202 -18.47 21.27 -34.18
N ARG B 203 -19.05 22.31 -34.78
CA ARG B 203 -20.21 22.10 -35.69
C ARG B 203 -19.79 21.57 -37.08
N LYS B 204 -18.54 21.84 -37.46
CA LYS B 204 -17.93 21.29 -38.68
C LYS B 204 -16.46 21.02 -38.35
N ARG B 205 -15.87 20.02 -39.00
CA ARG B 205 -14.55 19.50 -38.60
C ARG B 205 -13.59 19.47 -39.78
N ARG B 210 -10.43 17.98 -33.93
CA ARG B 210 -11.14 17.85 -32.66
C ARG B 210 -12.65 17.80 -32.87
N GLY B 211 -13.30 16.93 -32.12
CA GLY B 211 -14.75 16.87 -32.10
C GLY B 211 -15.26 17.47 -30.80
N LEU B 212 -14.79 16.90 -29.68
CA LEU B 212 -15.20 17.32 -28.33
C LEU B 212 -14.48 18.59 -28.00
N LEU B 213 -15.21 19.55 -27.44
CA LEU B 213 -14.66 20.80 -26.88
C LEU B 213 -14.60 20.66 -25.37
N GLY B 214 -15.76 20.48 -24.75
CA GLY B 214 -15.81 20.27 -23.29
C GLY B 214 -17.26 20.24 -22.91
N ARG B 215 -17.50 20.57 -21.65
CA ARG B 215 -18.80 21.15 -21.25
C ARG B 215 -18.72 22.71 -21.27
N VAL B 216 -17.49 23.27 -21.20
CA VAL B 216 -17.18 24.70 -21.57
C VAL B 216 -16.22 24.82 -22.79
N ALA B 240 -20.50 25.63 -32.19
CA ALA B 240 -20.38 24.57 -31.20
C ALA B 240 -21.81 24.16 -30.81
N LYS B 241 -22.13 22.88 -31.02
CA LYS B 241 -23.48 22.32 -30.78
C LYS B 241 -23.31 21.22 -29.74
N LEU B 242 -24.38 20.92 -28.98
CA LEU B 242 -24.47 19.66 -28.17
C LEU B 242 -24.15 18.40 -28.96
N GLU B 243 -23.50 17.43 -28.31
CA GLU B 243 -23.21 16.18 -28.99
C GLU B 243 -24.47 15.34 -29.06
N GLY B 244 -24.57 14.50 -30.10
CA GLY B 244 -25.82 13.79 -30.39
C GLY B 244 -26.08 12.54 -29.56
N SER B 245 -26.01 12.67 -28.23
CA SER B 245 -26.14 11.53 -27.34
C SER B 245 -27.57 11.33 -26.96
N LYS B 246 -27.92 10.12 -26.54
CA LYS B 246 -29.22 9.91 -25.96
C LYS B 246 -29.42 10.81 -24.74
N GLU B 247 -28.35 11.03 -23.96
CA GLU B 247 -28.40 11.97 -22.85
C GLU B 247 -29.02 13.27 -23.26
N ASN B 248 -28.44 13.92 -24.27
CA ASN B 248 -28.91 15.23 -24.71
C ASN B 248 -30.30 15.18 -25.38
N PHE B 249 -30.52 14.16 -26.21
CA PHE B 249 -31.84 14.01 -26.85
C PHE B 249 -32.87 13.96 -25.76
N THR B 250 -32.61 13.14 -24.74
CA THR B 250 -33.54 13.04 -23.64
C THR B 250 -33.69 14.38 -22.88
N ARG B 251 -32.55 15.00 -22.51
CA ARG B 251 -32.59 16.26 -21.76
C ARG B 251 -33.45 17.31 -22.40
N CYS B 252 -33.22 17.59 -23.68
CA CYS B 252 -33.97 18.62 -24.38
C CYS B 252 -35.44 18.21 -24.63
N LEU B 253 -35.69 16.96 -25.04
CA LEU B 253 -37.06 16.48 -25.37
C LEU B 253 -37.94 16.00 -24.18
N SER B 254 -37.36 15.94 -22.97
CA SER B 254 -38.09 15.57 -21.74
C SER B 254 -38.68 16.82 -21.10
N ALA B 255 -37.86 17.87 -21.07
CA ALA B 255 -38.29 19.21 -20.73
C ALA B 255 -39.42 19.67 -21.66
N LEU B 256 -39.16 19.63 -22.98
CA LEU B 256 -40.07 20.25 -23.95
C LEU B 256 -41.47 19.60 -24.12
N LEU B 257 -41.67 18.39 -23.59
CA LEU B 257 -42.94 17.63 -23.74
C LEU B 257 -43.42 17.01 -22.41
N GLY B 258 -42.51 16.35 -21.69
CA GLY B 258 -42.80 15.68 -20.41
C GLY B 258 -43.66 14.44 -20.56
N HIS B 259 -44.95 14.65 -20.46
CA HIS B 259 -45.95 13.58 -20.52
C HIS B 259 -46.16 13.01 -21.94
N ASN B 260 -45.71 13.74 -22.97
CA ASN B 260 -45.76 13.27 -24.35
C ASN B 260 -44.39 12.80 -24.90
N TYR B 261 -43.33 13.20 -24.21
CA TYR B 261 -41.99 12.68 -24.47
C TYR B 261 -42.05 11.15 -24.66
N LYS B 262 -42.81 10.45 -23.81
CA LYS B 262 -42.95 8.98 -23.89
C LYS B 262 -43.54 8.47 -25.22
N LYS B 263 -44.62 9.09 -25.69
CA LYS B 263 -45.19 8.67 -26.96
C LYS B 263 -44.18 8.87 -28.09
N LEU B 264 -43.40 9.96 -28.02
CA LEU B 264 -42.33 10.19 -28.99
C LEU B 264 -41.34 9.01 -28.94
N LEU B 265 -40.74 8.81 -27.78
CA LEU B 265 -39.80 7.74 -27.61
C LEU B 265 -40.38 6.37 -28.10
N ASN B 266 -41.64 6.08 -27.77
CA ASN B 266 -42.31 4.86 -28.24
C ASN B 266 -42.50 4.73 -29.77
N ALA B 267 -42.90 5.83 -30.39
CA ALA B 267 -43.05 5.86 -31.86
C ALA B 267 -41.65 5.85 -32.57
N LEU B 268 -40.65 6.48 -31.97
CA LEU B 268 -39.26 6.43 -32.56
C LEU B 268 -38.68 5.01 -32.59
N ASP B 269 -38.96 4.29 -31.51
CA ASP B 269 -38.63 2.88 -31.36
C ASP B 269 -39.34 2.06 -32.48
N ASP B 270 -40.63 2.33 -32.70
CA ASP B 270 -41.34 1.79 -33.85
C ASP B 270 -40.70 2.23 -35.16
N GLN B 271 -40.26 3.49 -35.27
CA GLN B 271 -39.57 3.92 -36.56
C GLN B 271 -38.31 3.16 -36.83
N GLU B 272 -37.40 3.09 -35.85
CA GLU B 272 -36.15 2.37 -36.03
C GLU B 272 -36.40 0.87 -36.23
N ALA B 273 -37.44 0.34 -35.59
CA ALA B 273 -37.79 -1.06 -35.79
C ALA B 273 -38.05 -1.32 -37.29
N GLY B 274 -38.61 -0.33 -37.99
CA GLY B 274 -38.84 -0.34 -39.45
C GLY B 274 -37.59 -0.33 -40.32
N TYR B 275 -36.40 -0.18 -39.72
CA TYR B 275 -35.16 -0.33 -40.48
C TYR B 275 -34.31 -1.47 -39.94
N ARG B 276 -34.46 -1.81 -38.65
CA ARG B 276 -33.51 -2.69 -38.00
C ARG B 276 -34.01 -4.12 -37.77
N THR B 277 -35.32 -4.36 -37.82
CA THR B 277 -35.77 -5.69 -37.57
C THR B 277 -35.40 -6.54 -38.78
N GLY B 278 -35.49 -7.85 -38.59
CA GLY B 278 -35.01 -8.82 -39.55
C GLY B 278 -35.57 -8.60 -40.95
N PRO B 279 -36.91 -8.68 -41.09
CA PRO B 279 -37.51 -8.53 -42.42
C PRO B 279 -37.18 -7.19 -43.06
N ARG B 280 -37.21 -6.14 -42.26
CA ARG B 280 -36.97 -4.79 -42.76
C ARG B 280 -35.53 -4.57 -43.15
N PHE B 281 -34.59 -5.13 -42.38
CA PHE B 281 -33.17 -4.99 -42.70
C PHE B 281 -32.89 -5.77 -43.94
N ASP B 282 -33.41 -7.00 -44.04
CA ASP B 282 -33.19 -7.83 -45.27
C ASP B 282 -33.66 -7.12 -46.56
N ASP B 283 -34.79 -6.39 -46.47
CA ASP B 283 -35.37 -5.64 -47.59
C ASP B 283 -34.53 -4.42 -47.99
N ALA B 284 -34.10 -3.67 -47.00
CA ALA B 284 -33.20 -2.54 -47.23
C ALA B 284 -31.89 -3.00 -47.90
N VAL B 285 -31.33 -4.12 -47.43
CA VAL B 285 -30.15 -4.66 -48.09
C VAL B 285 -30.50 -5.04 -49.56
N ARG B 286 -31.55 -5.85 -49.80
CA ARG B 286 -32.02 -6.13 -51.19
C ARG B 286 -32.20 -4.86 -52.05
N ARG B 287 -32.82 -3.82 -51.53
CA ARG B 287 -32.93 -2.54 -52.23
C ARG B 287 -31.57 -1.85 -52.50
N MET B 288 -30.62 -1.97 -51.59
CA MET B 288 -29.31 -1.36 -51.79
C MET B 288 -28.50 -2.10 -52.87
N GLY B 289 -28.62 -3.42 -52.88
CA GLY B 289 -27.97 -4.19 -53.93
C GLY B 289 -28.49 -3.81 -55.31
N GLU B 290 -29.79 -3.58 -55.41
CA GLU B 290 -30.40 -3.18 -56.69
C GLU B 290 -29.91 -1.83 -57.15
N PHE B 291 -29.82 -0.88 -56.21
CA PHE B 291 -29.21 0.43 -56.49
C PHE B 291 -27.76 0.37 -56.97
N LEU B 292 -26.94 -0.45 -56.32
CA LEU B 292 -25.54 -0.60 -56.71
C LEU B 292 -25.37 -1.35 -58.03
N ALA B 293 -26.33 -2.17 -58.41
CA ALA B 293 -26.13 -3.10 -59.53
C ALA B 293 -26.65 -2.52 -60.83
N LYS B 294 -27.33 -1.37 -60.72
CA LYS B 294 -28.09 -0.83 -61.82
C LYS B 294 -27.20 -0.36 -62.94
N LYS B 295 -25.95 -0.05 -62.64
CA LYS B 295 -24.98 0.25 -63.67
C LYS B 295 -23.64 -0.32 -63.24
N PRO B 296 -22.71 -0.55 -64.19
CA PRO B 296 -21.43 -1.01 -63.67
C PRO B 296 -20.71 0.11 -62.86
N ILE B 297 -19.89 -0.28 -61.90
CA ILE B 297 -19.06 0.64 -61.12
C ILE B 297 -17.78 0.79 -61.90
N ARG B 298 -17.37 2.01 -62.17
CA ARG B 298 -16.08 2.26 -62.87
C ARG B 298 -14.83 2.15 -61.95
N LEU B 299 -13.96 1.22 -62.29
CA LEU B 299 -12.71 0.97 -61.59
C LEU B 299 -11.57 1.73 -62.29
N ALA B 300 -11.74 1.93 -63.60
CA ALA B 300 -10.76 2.58 -64.41
C ALA B 300 -11.45 3.01 -65.69
N ASP B 301 -10.75 3.76 -66.54
CA ASP B 301 -11.44 4.52 -67.59
C ASP B 301 -12.43 3.61 -68.35
N ASN B 302 -11.98 2.42 -68.72
CA ASN B 302 -12.89 1.46 -69.40
C ASN B 302 -12.82 0.07 -68.82
N ILE B 303 -12.68 0.01 -67.50
CA ILE B 303 -12.65 -1.24 -66.74
C ILE B 303 -13.73 -1.13 -65.65
N ASN B 304 -14.63 -2.11 -65.64
CA ASN B 304 -15.80 -2.05 -64.80
C ASN B 304 -15.92 -3.22 -63.87
N ALA B 305 -16.59 -2.99 -62.76
CA ALA B 305 -17.00 -4.02 -61.81
C ALA B 305 -18.49 -4.04 -61.90
N GLN B 306 -19.09 -5.14 -61.51
CA GLN B 306 -20.55 -5.25 -61.55
C GLN B 306 -21.01 -5.92 -60.30
N VAL B 307 -21.88 -5.29 -59.52
CA VAL B 307 -22.38 -6.00 -58.37
C VAL B 307 -23.45 -7.06 -58.76
N GLY B 308 -23.37 -8.20 -58.11
CA GLY B 308 -24.19 -9.37 -58.50
C GLY B 308 -25.05 -9.86 -57.35
N ASP B 309 -25.15 -11.17 -57.16
CA ASP B 309 -26.10 -11.76 -56.22
C ASP B 309 -25.70 -11.61 -54.77
N ARG B 310 -26.71 -11.75 -53.91
CA ARG B 310 -26.52 -11.72 -52.48
C ARG B 310 -25.68 -12.88 -52.11
N ILE B 311 -24.79 -12.68 -51.15
CA ILE B 311 -23.90 -13.72 -50.73
C ILE B 311 -24.66 -14.49 -49.60
N VAL B 312 -24.59 -15.83 -49.65
CA VAL B 312 -25.33 -16.72 -48.77
C VAL B 312 -24.34 -17.68 -48.14
N PHE B 313 -24.65 -18.16 -46.93
CA PHE B 313 -23.84 -19.14 -46.24
C PHE B 313 -24.65 -20.45 -46.24
N SER B 314 -24.18 -21.48 -46.94
CA SER B 314 -24.90 -22.75 -46.96
C SER B 314 -24.01 -23.95 -47.27
N ASN B 315 -24.61 -25.14 -47.22
CA ASN B 315 -23.90 -26.36 -47.61
C ASN B 315 -24.37 -26.94 -48.95
N GLU B 316 -24.99 -26.10 -49.77
CA GLU B 316 -25.47 -26.51 -51.11
C GLU B 316 -24.28 -26.63 -52.09
N GLY B 317 -24.23 -27.73 -52.85
CA GLY B 317 -23.16 -27.96 -53.83
C GLY B 317 -21.78 -28.27 -53.25
N GLN B 318 -20.78 -27.57 -53.77
CA GLN B 318 -19.40 -27.65 -53.29
C GLN B 318 -19.14 -26.75 -52.05
N ALA B 319 -20.17 -26.07 -51.53
CA ALA B 319 -20.02 -25.22 -50.35
C ALA B 319 -20.25 -25.99 -49.03
N ARG B 320 -19.41 -25.67 -48.04
CA ARG B 320 -19.52 -26.21 -46.69
C ARG B 320 -19.24 -25.10 -45.72
N ASN B 321 -20.16 -24.12 -45.80
CA ASN B 321 -20.11 -22.86 -45.11
C ASN B 321 -21.00 -22.72 -43.87
N VAL B 322 -21.69 -23.77 -43.43
CA VAL B 322 -22.56 -23.57 -42.28
C VAL B 322 -22.77 -24.82 -41.40
N ARG B 323 -22.78 -24.58 -40.08
CA ARG B 323 -23.01 -25.62 -39.05
C ARG B 323 -23.90 -24.99 -38.02
N LEU B 324 -24.53 -25.84 -37.26
CA LEU B 324 -25.24 -25.42 -36.06
C LEU B 324 -24.65 -26.18 -34.88
N ALA B 325 -24.06 -25.44 -33.98
CA ALA B 325 -23.49 -26.04 -32.79
C ALA B 325 -24.62 -26.67 -31.99
N PRO B 326 -24.36 -27.83 -31.36
CA PRO B 326 -25.28 -28.35 -30.37
C PRO B 326 -25.56 -27.28 -29.36
N LYS B 327 -26.69 -27.38 -28.69
CA LYS B 327 -26.97 -26.40 -27.67
C LYS B 327 -26.08 -26.63 -26.45
N VAL B 328 -25.68 -25.52 -25.81
CA VAL B 328 -24.88 -25.58 -24.58
C VAL B 328 -25.68 -26.29 -23.48
N GLU B 329 -24.99 -27.18 -22.77
CA GLU B 329 -25.55 -27.75 -21.55
C GLU B 329 -24.94 -27.15 -20.30
N TYR B 330 -25.80 -26.67 -19.43
CA TYR B 330 -25.47 -26.24 -18.09
C TYR B 330 -25.38 -27.45 -17.19
N VAL B 331 -24.21 -27.67 -16.57
CA VAL B 331 -23.93 -28.94 -15.90
C VAL B 331 -23.88 -28.77 -14.38
N PHE B 332 -24.50 -29.71 -13.66
CA PHE B 332 -24.75 -29.57 -12.23
C PHE B 332 -24.18 -30.64 -11.34
N ASP B 333 -23.35 -31.55 -11.90
CA ASP B 333 -22.57 -32.50 -11.10
C ASP B 333 -21.34 -33.02 -11.88
N ARG B 334 -20.50 -33.82 -11.21
CA ARG B 334 -19.21 -34.35 -11.71
C ARG B 334 -19.25 -35.19 -13.00
N THR B 335 -20.40 -35.80 -13.34
CA THR B 335 -20.49 -36.55 -14.59
C THR B 335 -20.99 -35.66 -15.71
N GLY B 336 -22.19 -35.10 -15.51
CA GLY B 336 -22.93 -34.40 -16.56
C GLY B 336 -24.34 -34.92 -16.74
N ALA B 337 -24.83 -35.71 -15.78
CA ALA B 337 -26.17 -36.29 -15.86
C ALA B 337 -27.20 -35.30 -15.34
N LYS B 338 -26.77 -34.45 -14.40
CA LYS B 338 -27.62 -33.36 -13.93
C LYS B 338 -27.30 -32.18 -14.80
N SER B 339 -28.24 -31.91 -15.71
CA SER B 339 -28.03 -31.02 -16.85
C SER B 339 -29.27 -30.19 -17.11
N ALA B 340 -29.10 -29.05 -17.78
CA ALA B 340 -30.26 -28.29 -18.22
C ALA B 340 -29.91 -27.35 -19.30
N GLU B 341 -30.94 -26.85 -19.95
CA GLU B 341 -30.73 -25.92 -21.06
C GLU B 341 -30.69 -24.46 -20.69
N TYR B 342 -31.25 -24.11 -19.54
CA TYR B 342 -31.22 -22.76 -19.03
C TYR B 342 -30.65 -22.86 -17.64
N ALA B 343 -29.82 -21.89 -17.30
CA ALA B 343 -29.08 -21.85 -16.04
C ALA B 343 -30.03 -21.95 -14.85
N TRP B 344 -31.07 -21.14 -14.90
CA TRP B 344 -31.91 -20.98 -13.75
C TRP B 344 -32.79 -22.24 -13.46
N ARG B 345 -33.39 -22.83 -14.49
CA ARG B 345 -34.10 -24.11 -14.36
C ARG B 345 -33.18 -25.16 -13.78
N GLY B 346 -31.95 -25.18 -14.26
CA GLY B 346 -30.98 -26.17 -13.80
C GLY B 346 -30.72 -26.06 -12.31
N LEU B 347 -30.50 -24.82 -11.86
CA LEU B 347 -30.14 -24.51 -10.48
C LEU B 347 -31.20 -24.87 -9.48
N SER B 348 -32.38 -24.25 -9.61
CA SER B 348 -33.60 -24.62 -8.84
C SER B 348 -33.84 -26.14 -8.75
N GLN B 349 -33.61 -26.83 -9.86
CA GLN B 349 -33.83 -28.28 -9.95
C GLN B 349 -32.73 -29.06 -9.21
N PHE B 350 -31.46 -28.81 -9.53
CA PHE B 350 -30.39 -29.61 -8.95
C PHE B 350 -29.61 -29.00 -7.79
N GLY B 351 -29.84 -27.74 -7.44
CA GLY B 351 -28.89 -27.02 -6.58
C GLY B 351 -27.54 -26.81 -7.31
N PRO B 352 -26.55 -26.19 -6.68
CA PRO B 352 -25.25 -25.90 -7.34
C PRO B 352 -24.29 -27.09 -7.59
N PHE B 353 -23.46 -26.93 -8.61
CA PHE B 353 -22.55 -27.97 -9.13
C PHE B 353 -21.62 -28.51 -8.05
N ASP B 354 -21.33 -27.63 -7.07
CA ASP B 354 -20.38 -27.90 -5.99
C ASP B 354 -21.05 -28.19 -4.63
N ARG B 355 -22.36 -28.41 -4.63
CA ARG B 355 -23.04 -28.66 -3.35
C ARG B 355 -22.27 -29.58 -2.38
N PRO B 356 -21.82 -30.76 -2.86
CA PRO B 356 -21.30 -31.72 -1.89
C PRO B 356 -19.97 -31.36 -1.24
N SER B 357 -19.15 -30.54 -1.90
CA SER B 357 -17.84 -30.19 -1.37
C SER B 357 -17.78 -28.74 -0.94
N PHE B 358 -18.91 -28.04 -0.95
CA PHE B 358 -18.90 -26.60 -0.73
C PHE B 358 -18.67 -26.31 0.72
N ALA B 359 -17.64 -25.52 0.99
CA ALA B 359 -17.13 -25.36 2.34
C ALA B 359 -18.08 -24.58 3.23
N ASN B 360 -18.39 -23.35 2.84
CA ASN B 360 -19.05 -22.41 3.74
C ASN B 360 -20.58 -22.48 3.76
N ARG B 361 -21.11 -23.42 4.52
CA ARG B 361 -22.54 -23.64 4.55
C ARG B 361 -23.30 -22.72 5.46
N SER B 362 -22.60 -22.01 6.34
CA SER B 362 -23.23 -21.03 7.23
C SER B 362 -22.60 -19.64 7.15
N PRO B 363 -22.83 -18.89 6.06
CA PRO B 363 -22.07 -17.67 5.90
C PRO B 363 -22.47 -16.57 6.84
N ARG B 364 -21.48 -15.79 7.26
CA ARG B 364 -21.71 -14.56 7.99
C ARG B 364 -21.47 -13.47 6.96
N ILE B 365 -22.46 -12.62 6.76
CA ILE B 365 -22.49 -11.60 5.73
C ILE B 365 -22.67 -10.22 6.38
N LEU B 366 -21.65 -9.38 6.32
CA LEU B 366 -21.80 -7.99 6.72
C LEU B 366 -22.71 -7.22 5.75
N VAL B 367 -23.66 -6.50 6.30
CA VAL B 367 -24.57 -5.67 5.53
C VAL B 367 -24.32 -4.22 5.95
N VAL B 368 -23.83 -3.42 5.02
CA VAL B 368 -23.49 -2.03 5.24
C VAL B 368 -24.47 -1.19 4.48
N TYR B 369 -25.17 -0.26 5.17
CA TYR B 369 -26.29 0.52 4.55
C TYR B 369 -26.53 1.81 5.28
N PRO B 370 -27.02 2.84 4.58
CA PRO B 370 -27.31 4.04 5.31
C PRO B 370 -28.42 3.81 6.31
N SER B 371 -28.31 4.43 7.47
CA SER B 371 -29.21 4.15 8.62
C SER B 371 -30.71 4.34 8.29
N SER B 372 -31.01 5.42 7.58
CA SER B 372 -32.37 5.74 7.14
C SER B 372 -33.10 4.64 6.32
N THR B 373 -32.35 3.81 5.58
CA THR B 373 -32.94 2.75 4.73
C THR B 373 -33.17 1.39 5.45
N GLN B 374 -33.06 1.37 6.77
CA GLN B 374 -33.17 0.14 7.59
C GLN B 374 -34.27 -0.86 7.18
N GLY B 375 -35.52 -0.42 7.23
CA GLY B 375 -36.68 -1.29 6.97
C GLY B 375 -36.67 -1.85 5.57
N LYS B 376 -36.48 -0.97 4.57
CA LYS B 376 -36.24 -1.38 3.16
C LYS B 376 -35.09 -2.39 2.96
N VAL B 377 -33.97 -2.15 3.62
CA VAL B 377 -32.89 -3.09 3.54
C VAL B 377 -33.28 -4.44 4.14
N GLU B 378 -33.91 -4.42 5.32
CA GLU B 378 -34.42 -5.64 5.98
C GLU B 378 -35.33 -6.45 5.08
N ASN B 379 -36.27 -5.77 4.45
CA ASN B 379 -37.14 -6.40 3.44
C ASN B 379 -36.36 -7.06 2.29
N PHE B 380 -35.29 -6.40 1.86
CA PHE B 380 -34.51 -6.90 0.77
C PHE B 380 -33.86 -8.22 1.18
N LEU B 381 -33.30 -8.23 2.37
CA LEU B 381 -32.54 -9.38 2.88
C LEU B 381 -33.45 -10.62 3.11
N SER B 382 -34.65 -10.38 3.64
CA SER B 382 -35.66 -11.46 3.81
C SER B 382 -35.95 -12.14 2.51
N ALA B 383 -36.32 -11.34 1.50
CA ALA B 383 -36.58 -11.86 0.15
C ALA B 383 -35.35 -12.55 -0.40
N PHE B 384 -34.17 -11.97 -0.20
CA PHE B 384 -32.96 -12.62 -0.68
C PHE B 384 -32.70 -14.00 0.02
N ARG B 385 -32.72 -13.99 1.34
CA ARG B 385 -32.36 -15.17 2.15
C ARG B 385 -33.44 -16.25 2.14
N ASP B 386 -34.67 -15.81 2.35
CA ASP B 386 -35.85 -16.67 2.60
C ASP B 386 -36.76 -16.84 1.38
N GLY B 387 -36.73 -15.89 0.45
CA GLY B 387 -37.40 -16.04 -0.84
C GLY B 387 -38.71 -15.29 -0.81
N MET B 388 -39.36 -15.20 -1.97
CA MET B 388 -40.48 -14.29 -2.14
C MET B 388 -41.81 -15.01 -2.22
N GLY B 389 -41.84 -16.30 -1.83
CA GLY B 389 -43.08 -17.13 -1.84
C GLY B 389 -43.45 -17.85 -3.14
N SER B 390 -44.47 -18.70 -3.08
CA SER B 390 -45.01 -19.37 -4.27
C SER B 390 -45.40 -18.38 -5.37
N ASN B 391 -45.82 -17.19 -4.95
CA ASN B 391 -46.32 -16.19 -5.88
C ASN B 391 -45.31 -15.83 -7.00
N TYR B 392 -44.01 -15.87 -6.68
CA TYR B 392 -42.97 -15.49 -7.62
C TYR B 392 -42.05 -16.67 -7.96
N SER B 393 -42.21 -17.21 -9.17
CA SER B 393 -41.41 -18.34 -9.65
C SER B 393 -39.98 -18.01 -9.98
N GLY B 394 -39.73 -16.75 -10.28
CA GLY B 394 -38.38 -16.30 -10.49
C GLY B 394 -37.46 -16.64 -9.32
N PHE B 395 -37.98 -16.56 -8.09
CA PHE B 395 -37.15 -16.64 -6.90
C PHE B 395 -37.98 -17.02 -5.66
N SER B 396 -38.34 -18.30 -5.55
CA SER B 396 -39.29 -18.73 -4.48
C SER B 396 -38.60 -19.36 -3.26
N LYS B 397 -37.52 -20.09 -3.50
CA LYS B 397 -36.79 -20.82 -2.45
C LYS B 397 -35.97 -19.92 -1.51
N GLY B 398 -35.35 -18.88 -2.06
CA GLY B 398 -34.40 -18.05 -1.31
C GLY B 398 -33.03 -18.68 -1.31
N PHE B 399 -32.02 -17.84 -1.04
CA PHE B 399 -30.62 -18.17 -1.21
C PHE B 399 -30.25 -19.47 -0.47
N VAL B 400 -30.68 -19.60 0.79
CA VAL B 400 -30.34 -20.82 1.60
C VAL B 400 -30.76 -22.15 0.93
N ASP B 401 -32.05 -22.25 0.62
CA ASP B 401 -32.61 -23.48 0.05
C ASP B 401 -32.14 -23.62 -1.40
N LEU B 402 -32.17 -22.50 -2.13
CA LEU B 402 -31.60 -22.48 -3.46
C LEU B 402 -30.19 -23.05 -3.48
N MET B 403 -29.29 -22.58 -2.61
CA MET B 403 -27.87 -23.02 -2.68
C MET B 403 -27.53 -24.24 -1.81
N GLY B 404 -28.53 -24.83 -1.14
CA GLY B 404 -28.29 -25.96 -0.25
C GLY B 404 -27.52 -25.59 1.02
N LEU B 405 -27.65 -24.34 1.48
CA LEU B 405 -26.89 -23.87 2.65
C LEU B 405 -27.58 -24.34 3.92
N THR B 406 -26.86 -24.32 5.05
CA THR B 406 -27.50 -24.58 6.35
C THR B 406 -28.14 -23.30 6.94
N LYS B 407 -27.46 -22.15 6.80
CA LYS B 407 -28.04 -20.82 7.13
C LYS B 407 -27.12 -19.67 6.68
N VAL B 408 -27.66 -18.46 6.68
CA VAL B 408 -26.90 -17.28 6.50
C VAL B 408 -27.14 -16.42 7.72
N GLU B 409 -26.09 -15.82 8.25
CA GLU B 409 -26.24 -14.83 9.30
C GLU B 409 -25.89 -13.48 8.77
N PHE B 410 -26.70 -12.49 9.13
CA PHE B 410 -26.44 -11.11 8.69
C PHE B 410 -25.84 -10.32 9.83
N VAL B 411 -24.72 -9.64 9.61
CA VAL B 411 -24.19 -8.76 10.64
C VAL B 411 -24.50 -7.35 10.19
N MET B 412 -25.38 -6.65 10.89
CA MET B 412 -25.88 -5.37 10.40
C MET B 412 -24.96 -4.18 10.69
N CYS B 413 -24.69 -3.33 9.69
CA CYS B 413 -23.73 -2.24 9.88
C CYS B 413 -24.27 -0.94 9.34
N PRO B 414 -25.19 -0.27 10.10
CA PRO B 414 -25.73 1.03 9.68
C PRO B 414 -24.67 2.13 9.62
N VAL B 415 -24.83 3.03 8.65
CA VAL B 415 -23.91 4.17 8.47
C VAL B 415 -24.78 5.41 8.63
N GLU B 416 -24.36 6.33 9.50
CA GLU B 416 -25.07 7.58 9.65
C GLU B 416 -24.58 8.47 8.52
N VAL B 417 -25.23 8.39 7.36
CA VAL B 417 -24.82 9.13 6.22
C VAL B 417 -26.06 9.52 5.41
N SER B 418 -26.08 10.73 4.84
CA SER B 418 -27.17 11.19 3.93
C SER B 418 -26.78 11.22 2.45
N SER B 419 -27.79 11.13 1.59
CA SER B 419 -27.56 11.17 0.17
C SER B 419 -27.00 12.54 -0.26
N ALA B 420 -27.29 13.61 0.47
CA ALA B 420 -26.80 14.95 0.07
C ALA B 420 -25.31 15.15 0.39
N ASP B 421 -24.73 14.26 1.20
CA ASP B 421 -23.30 14.29 1.49
C ASP B 421 -22.54 13.86 0.25
N ARG B 422 -21.88 14.82 -0.39
CA ARG B 422 -21.13 14.53 -1.62
C ARG B 422 -19.66 14.30 -1.37
N ASN B 423 -19.14 14.77 -0.24
CA ASN B 423 -17.69 14.79 0.02
C ASN B 423 -17.13 13.87 1.15
N GLY B 424 -17.98 13.40 2.05
CA GLY B 424 -17.50 12.54 3.09
C GLY B 424 -18.28 11.25 3.22
N ALA B 425 -19.14 10.93 2.27
CA ALA B 425 -19.85 9.64 2.35
C ALA B 425 -18.88 8.45 2.46
N HIS B 426 -17.89 8.40 1.59
CA HIS B 426 -16.89 7.33 1.66
C HIS B 426 -16.28 7.09 3.02
N THR B 427 -15.88 8.16 3.71
CA THR B 427 -15.28 8.10 5.06
C THR B 427 -16.22 7.49 6.08
N LYS B 428 -17.48 7.86 6.00
CA LYS B 428 -18.47 7.38 6.98
C LYS B 428 -18.69 5.91 6.78
N TYR B 429 -18.80 5.46 5.53
CA TYR B 429 -19.01 4.05 5.31
C TYR B 429 -17.77 3.30 5.85
N ASN B 430 -16.56 3.71 5.46
CA ASN B 430 -15.32 2.98 5.88
C ASN B 430 -15.11 2.99 7.38
N SER B 431 -15.41 4.13 7.96
CA SER B 431 -15.33 4.24 9.41
C SER B 431 -16.31 3.25 10.11
N ALA B 432 -17.52 3.07 9.55
CA ALA B 432 -18.49 2.18 10.19
C ALA B 432 -18.03 0.79 10.01
N ILE B 433 -17.48 0.47 8.84
CA ILE B 433 -16.99 -0.90 8.58
C ILE B 433 -15.87 -1.23 9.54
N GLU B 434 -14.89 -0.34 9.67
CA GLU B 434 -13.79 -0.56 10.63
C GLU B 434 -14.27 -0.81 12.06
N ASP B 435 -15.12 0.07 12.59
CA ASP B 435 -15.61 -0.07 13.95
C ASP B 435 -16.46 -1.35 14.11
N LYS B 436 -17.31 -1.66 13.16
CA LYS B 436 -18.09 -2.91 13.29
C LYS B 436 -17.24 -4.18 13.24
N LEU B 437 -16.28 -4.26 12.32
CA LEU B 437 -15.50 -5.50 12.19
C LEU B 437 -14.53 -5.67 13.35
N ALA B 438 -14.07 -4.57 13.93
CA ALA B 438 -13.14 -4.67 15.04
C ALA B 438 -13.75 -5.54 16.18
N GLY B 439 -14.99 -5.23 16.53
CA GLY B 439 -15.72 -5.99 17.56
C GLY B 439 -16.58 -7.19 17.16
N ALA B 440 -16.62 -7.56 15.87
CA ALA B 440 -17.27 -8.79 15.41
C ALA B 440 -16.21 -9.83 15.03
N GLY B 441 -16.65 -11.03 14.69
CA GLY B 441 -15.71 -12.08 14.30
C GLY B 441 -15.41 -11.94 12.81
N GLU B 442 -15.02 -13.04 12.18
CA GLU B 442 -14.78 -13.05 10.73
C GLU B 442 -16.11 -13.06 9.96
N VAL B 443 -16.15 -12.23 8.93
CA VAL B 443 -17.26 -12.25 8.01
C VAL B 443 -16.76 -12.85 6.72
N HIS B 444 -17.68 -13.49 5.99
CA HIS B 444 -17.34 -14.25 4.80
C HIS B 444 -17.60 -13.42 3.55
N ALA B 445 -18.44 -12.39 3.66
CA ALA B 445 -18.81 -11.54 2.55
C ALA B 445 -19.48 -10.36 3.08
N GLY B 446 -19.65 -9.35 2.23
CA GLY B 446 -20.45 -8.20 2.56
C GLY B 446 -21.39 -7.82 1.47
N ILE B 447 -22.43 -7.10 1.86
CA ILE B 447 -23.40 -6.48 0.97
C ILE B 447 -23.37 -5.01 1.31
N VAL B 448 -23.17 -4.16 0.32
CA VAL B 448 -23.09 -2.72 0.57
C VAL B 448 -24.17 -1.97 -0.20
N VAL B 449 -25.02 -1.23 0.52
CA VAL B 449 -26.22 -0.56 -0.04
C VAL B 449 -25.83 0.89 -0.19
N LEU B 450 -26.02 1.43 -1.40
CA LEU B 450 -25.52 2.72 -1.85
C LEU B 450 -26.70 3.60 -2.29
N PHE B 451 -26.62 4.91 -2.04
CA PHE B 451 -27.59 5.87 -2.51
C PHE B 451 -27.26 6.05 -3.96
N GLU B 452 -28.27 6.37 -4.75
CA GLU B 452 -28.07 6.63 -6.19
C GLU B 452 -27.18 7.85 -6.49
N ASP B 453 -27.30 8.90 -5.68
CA ASP B 453 -26.44 10.09 -5.81
C ASP B 453 -25.00 9.86 -5.39
N HIS B 454 -24.73 8.69 -4.79
CA HIS B 454 -23.38 8.32 -4.42
C HIS B 454 -22.74 7.37 -5.43
N ALA B 455 -23.53 6.79 -6.33
CA ALA B 455 -23.08 5.69 -7.15
C ALA B 455 -21.96 6.09 -8.07
N ARG B 456 -22.07 7.30 -8.59
CA ARG B 456 -21.18 7.73 -9.66
C ARG B 456 -20.29 8.89 -9.25
N LEU B 457 -20.10 9.11 -7.95
CA LEU B 457 -19.18 10.14 -7.50
C LEU B 457 -17.77 9.81 -7.97
N PRO B 458 -16.93 10.82 -8.05
CA PRO B 458 -15.58 10.51 -8.44
C PRO B 458 -14.91 9.59 -7.44
N ASP B 459 -13.87 8.94 -7.90
CA ASP B 459 -13.37 7.80 -7.15
C ASP B 459 -12.74 8.18 -5.80
N ASP B 460 -12.12 9.37 -5.72
CA ASP B 460 -11.53 9.87 -4.50
C ASP B 460 -12.52 10.02 -3.35
N ARG B 461 -13.81 9.97 -3.66
CA ARG B 461 -14.86 10.06 -2.63
C ARG B 461 -16.06 9.18 -2.88
N ASN B 462 -15.87 8.15 -3.73
CA ASN B 462 -16.94 7.20 -4.08
C ASN B 462 -17.10 6.01 -3.11
N PRO B 463 -18.27 5.87 -2.45
CA PRO B 463 -18.44 4.77 -1.46
C PRO B 463 -18.36 3.37 -2.02
N TYR B 464 -18.81 3.17 -3.25
CA TYR B 464 -18.63 1.87 -3.91
C TYR B 464 -17.19 1.39 -3.87
N ILE B 465 -16.29 2.20 -4.36
CA ILE B 465 -14.94 1.76 -4.64
C ILE B 465 -14.12 1.77 -3.36
N HIS B 466 -14.36 2.74 -2.49
CA HIS B 466 -13.72 2.71 -1.16
C HIS B 466 -14.14 1.53 -0.29
N THR B 467 -15.44 1.19 -0.27
CA THR B 467 -15.87 0.01 0.52
C THR B 467 -15.40 -1.30 -0.12
N LYS B 468 -15.39 -1.37 -1.46
CA LYS B 468 -14.85 -2.50 -2.19
C LYS B 468 -13.39 -2.69 -1.83
N SER B 469 -12.62 -1.61 -1.88
CA SER B 469 -11.24 -1.62 -1.53
C SER B 469 -10.96 -2.11 -0.14
N LEU B 470 -11.63 -1.52 0.84
CA LEU B 470 -11.36 -1.85 2.23
C LEU B 470 -11.68 -3.32 2.43
N LEU B 471 -12.87 -3.73 2.02
CA LEU B 471 -13.25 -5.11 2.34
C LEU B 471 -12.44 -6.13 1.52
N LEU B 472 -12.13 -5.83 0.24
CA LEU B 472 -11.23 -6.72 -0.50
C LEU B 472 -9.82 -6.83 0.14
N THR B 473 -9.31 -5.71 0.69
CA THR B 473 -8.03 -5.67 1.35
C THR B 473 -8.07 -6.67 2.51
N LEU B 474 -9.18 -6.66 3.23
CA LEU B 474 -9.39 -7.49 4.38
C LEU B 474 -9.74 -8.93 4.02
N GLY B 475 -9.93 -9.21 2.73
CA GLY B 475 -10.22 -10.55 2.24
C GLY B 475 -11.70 -10.93 2.24
N VAL B 476 -12.57 -9.92 2.19
CA VAL B 476 -14.01 -10.06 2.25
C VAL B 476 -14.57 -9.53 0.91
N PRO B 477 -15.18 -10.43 0.11
CA PRO B 477 -15.81 -10.02 -1.14
C PRO B 477 -17.12 -9.34 -0.82
N THR B 478 -17.48 -8.36 -1.65
CA THR B 478 -18.72 -7.64 -1.53
C THR B 478 -19.59 -7.84 -2.77
N GLN B 479 -20.91 -7.96 -2.54
CA GLN B 479 -21.91 -7.69 -3.57
C GLN B 479 -22.63 -6.41 -3.22
N GLN B 480 -22.41 -5.37 -4.00
CA GLN B 480 -23.02 -4.10 -3.75
C GLN B 480 -24.34 -3.97 -4.51
N VAL B 481 -25.15 -3.01 -4.05
CA VAL B 481 -26.50 -2.80 -4.54
C VAL B 481 -26.95 -1.36 -4.29
N ARG B 482 -27.58 -0.77 -5.31
CA ARG B 482 -28.03 0.64 -5.28
C ARG B 482 -29.48 0.70 -4.76
N MET B 483 -29.84 1.77 -4.04
CA MET B 483 -31.17 1.84 -3.45
C MET B 483 -32.34 1.66 -4.47
N PRO B 484 -32.25 2.23 -5.71
CA PRO B 484 -33.36 1.89 -6.63
C PRO B 484 -33.52 0.39 -6.88
N THR B 485 -32.44 -0.38 -6.84
CA THR B 485 -32.55 -1.83 -6.99
C THR B 485 -33.21 -2.47 -5.77
N VAL B 486 -32.83 -2.00 -4.58
CA VAL B 486 -33.44 -2.50 -3.36
C VAL B 486 -34.96 -2.29 -3.37
N LEU B 487 -35.41 -1.22 -4.04
CA LEU B 487 -36.83 -0.80 -4.06
C LEU B 487 -37.64 -1.34 -5.28
N LEU B 488 -37.06 -2.22 -6.08
CA LEU B 488 -37.75 -2.68 -7.28
C LEU B 488 -39.02 -3.45 -6.95
N GLU B 489 -39.97 -3.43 -7.85
CA GLU B 489 -41.25 -4.14 -7.61
C GLU B 489 -41.02 -5.68 -7.71
N PRO B 490 -41.82 -6.46 -6.99
CA PRO B 490 -41.56 -7.91 -6.92
C PRO B 490 -41.21 -8.61 -8.25
N LYS B 491 -41.93 -8.25 -9.32
CA LYS B 491 -41.78 -8.96 -10.60
C LYS B 491 -40.40 -8.79 -11.23
N SER B 492 -39.80 -7.61 -11.05
CA SER B 492 -38.37 -7.40 -11.37
C SER B 492 -37.42 -7.95 -10.30
N LEU B 493 -37.77 -7.76 -9.02
CA LEU B 493 -36.85 -8.10 -7.91
C LEU B 493 -36.51 -9.59 -7.95
N GLN B 494 -37.47 -10.41 -8.37
CA GLN B 494 -37.19 -11.85 -8.43
C GLN B 494 -35.99 -12.12 -9.34
N TYR B 495 -35.91 -11.50 -10.51
CA TYR B 495 -34.77 -11.71 -11.44
C TYR B 495 -33.47 -11.08 -10.91
N THR B 496 -33.58 -9.86 -10.39
CA THR B 496 -32.49 -9.28 -9.64
C THR B 496 -31.93 -10.25 -8.58
N LEU B 497 -32.79 -10.85 -7.78
CA LEU B 497 -32.30 -11.70 -6.71
C LEU B 497 -31.70 -12.99 -7.23
N GLN B 498 -32.20 -13.45 -8.38
CA GLN B 498 -31.58 -14.57 -9.12
C GLN B 498 -30.10 -14.27 -9.41
N ASN B 499 -29.82 -13.17 -10.10
CA ASN B 499 -28.47 -12.77 -10.46
C ASN B 499 -27.51 -12.46 -9.25
N PHE B 500 -28.08 -11.78 -8.27
CA PHE B 500 -27.44 -11.41 -7.01
C PHE B 500 -27.05 -12.68 -6.27
N SER B 501 -27.89 -13.72 -6.31
CA SER B 501 -27.64 -14.98 -5.57
C SER B 501 -26.51 -15.71 -6.23
N ILE B 502 -26.54 -15.73 -7.56
CA ILE B 502 -25.53 -16.46 -8.31
C ILE B 502 -24.15 -15.88 -8.05
N ALA B 503 -24.07 -14.56 -8.04
CA ALA B 503 -22.77 -13.88 -7.88
C ALA B 503 -22.30 -13.95 -6.42
N THR B 504 -23.22 -13.77 -5.49
CA THR B 504 -22.90 -13.83 -4.07
C THR B 504 -22.37 -15.23 -3.72
N TYR B 505 -22.99 -16.29 -4.28
CA TYR B 505 -22.54 -17.67 -4.08
C TYR B 505 -21.12 -17.86 -4.67
N ALA B 506 -20.89 -17.37 -5.87
CA ALA B 506 -19.57 -17.42 -6.42
C ALA B 506 -18.57 -16.51 -5.65
N LYS B 507 -19.02 -15.38 -5.11
CA LYS B 507 -18.14 -14.56 -4.22
C LYS B 507 -17.69 -15.29 -2.95
N LEU B 508 -18.58 -16.18 -2.48
CA LEU B 508 -18.26 -17.15 -1.41
C LEU B 508 -17.44 -18.41 -1.81
N ASN B 509 -16.87 -18.44 -3.01
CA ASN B 509 -16.09 -19.54 -3.58
C ASN B 509 -16.90 -20.62 -4.31
N GLY B 510 -18.22 -20.47 -4.41
CA GLY B 510 -19.03 -21.49 -5.10
C GLY B 510 -18.83 -21.62 -6.61
N THR B 511 -19.11 -22.83 -7.12
CA THR B 511 -19.22 -23.10 -8.57
C THR B 511 -20.70 -23.46 -8.84
N PRO B 512 -21.51 -22.45 -9.25
CA PRO B 512 -22.94 -22.63 -9.42
C PRO B 512 -23.28 -23.67 -10.47
N TRP B 513 -22.62 -23.54 -11.61
CA TRP B 513 -22.73 -24.47 -12.72
C TRP B 513 -21.49 -24.48 -13.59
N THR B 514 -21.32 -25.55 -14.35
CA THR B 514 -20.27 -25.54 -15.36
C THR B 514 -20.99 -25.67 -16.67
N VAL B 515 -20.25 -25.77 -17.76
CA VAL B 515 -20.81 -26.09 -19.07
C VAL B 515 -20.06 -27.26 -19.68
N ASN B 516 -20.73 -28.02 -20.52
CA ASN B 516 -20.21 -29.30 -21.06
C ASN B 516 -19.11 -29.19 -22.13
N HIS B 517 -18.29 -30.23 -22.23
CA HIS B 517 -17.49 -30.50 -23.40
C HIS B 517 -17.43 -32.03 -23.52
N ASP B 518 -16.61 -32.57 -24.43
CA ASP B 518 -16.28 -34.02 -24.34
C ASP B 518 -14.90 -34.46 -24.87
N LYS B 519 -13.90 -34.39 -23.98
CA LYS B 519 -12.51 -34.95 -24.10
C LYS B 519 -11.94 -35.42 -25.45
N ALA B 520 -12.00 -34.57 -26.48
CA ALA B 520 -11.21 -34.76 -27.73
C ALA B 520 -9.70 -34.48 -27.51
N ILE B 521 -9.35 -33.94 -26.32
CA ILE B 521 -7.96 -33.84 -25.87
C ILE B 521 -7.92 -34.35 -24.45
N ASN B 522 -6.70 -34.68 -24.02
CA ASN B 522 -6.44 -35.18 -22.68
C ASN B 522 -6.48 -34.14 -21.54
N ASP B 523 -6.41 -32.84 -21.89
CA ASP B 523 -6.27 -31.72 -20.97
C ASP B 523 -6.28 -30.41 -21.76
N GLU B 524 -7.08 -29.45 -21.33
CA GLU B 524 -7.26 -28.23 -22.09
C GLU B 524 -7.28 -27.06 -21.15
N LEU B 525 -6.56 -26.02 -21.52
CA LEU B 525 -6.51 -24.77 -20.81
C LEU B 525 -6.92 -23.66 -21.76
N VAL B 526 -7.73 -22.72 -21.28
CA VAL B 526 -8.07 -21.52 -22.05
C VAL B 526 -7.78 -20.27 -21.16
N VAL B 527 -7.09 -19.29 -21.72
CA VAL B 527 -6.69 -18.12 -21.01
C VAL B 527 -7.25 -16.98 -21.83
N GLY B 528 -7.84 -16.02 -21.16
CA GLY B 528 -8.32 -14.82 -21.85
C GLY B 528 -7.62 -13.61 -21.25
N MET B 529 -7.54 -12.56 -22.04
CA MET B 529 -7.13 -11.29 -21.53
C MET B 529 -8.15 -10.21 -21.90
N GLY B 530 -8.30 -9.27 -20.98
CA GLY B 530 -9.30 -8.21 -21.04
C GLY B 530 -8.60 -6.89 -20.73
N LEU B 531 -9.12 -5.83 -21.30
CA LEU B 531 -8.60 -4.47 -21.16
C LEU B 531 -9.59 -3.56 -20.47
N ALA B 532 -9.10 -2.60 -19.67
CA ALA B 532 -9.88 -1.46 -19.21
C ALA B 532 -9.05 -0.24 -19.52
N GLU B 533 -9.70 0.86 -19.85
CA GLU B 533 -8.99 2.12 -20.12
C GLU B 533 -9.64 3.20 -19.25
N LEU B 534 -8.99 3.58 -18.19
CA LEU B 534 -9.65 4.34 -17.15
C LEU B 534 -9.23 5.79 -17.10
N SER B 535 -10.15 6.65 -16.73
CA SER B 535 -9.84 8.06 -16.38
C SER B 535 -10.97 8.64 -15.52
N GLY B 536 -10.68 9.69 -14.79
CA GLY B 536 -11.71 10.32 -13.97
C GLY B 536 -12.73 11.11 -14.80
N SER B 537 -12.42 11.48 -16.05
CA SER B 537 -13.39 12.24 -16.83
C SER B 537 -13.21 11.99 -18.31
N ARG B 538 -14.26 12.23 -19.08
CA ARG B 538 -14.19 12.05 -20.53
C ARG B 538 -13.10 12.90 -21.22
N THR B 539 -12.55 13.86 -20.49
CA THR B 539 -11.59 14.80 -21.06
C THR B 539 -10.14 14.58 -20.56
N GLU B 540 -9.95 13.77 -19.50
CA GLU B 540 -8.62 13.32 -19.02
C GLU B 540 -8.14 12.04 -19.76
N LYS B 541 -6.86 11.94 -20.10
CA LYS B 541 -6.31 10.80 -20.86
C LYS B 541 -6.48 9.45 -20.12
N ARG B 542 -6.86 8.40 -20.83
CA ARG B 542 -7.20 7.13 -20.19
C ARG B 542 -5.98 6.27 -20.01
N GLN B 543 -5.91 5.50 -18.91
CA GLN B 543 -4.80 4.62 -18.60
C GLN B 543 -5.20 3.16 -18.72
N ARG B 544 -4.32 2.34 -19.30
CA ARG B 544 -4.64 0.96 -19.65
C ARG B 544 -4.32 -0.03 -18.54
N PHE B 545 -5.23 -0.93 -18.31
CA PHE B 545 -5.05 -2.00 -17.35
C PHE B 545 -5.54 -3.31 -17.98
N VAL B 546 -4.98 -4.44 -17.51
CA VAL B 546 -5.37 -5.72 -18.00
C VAL B 546 -5.76 -6.68 -16.89
N GLY B 547 -6.47 -7.73 -17.29
CA GLY B 547 -6.88 -8.80 -16.42
C GLY B 547 -6.68 -10.08 -17.22
N ILE B 548 -6.47 -11.20 -16.53
CA ILE B 548 -6.29 -12.50 -17.11
C ILE B 548 -7.18 -13.47 -16.33
N THR B 549 -7.92 -14.28 -17.05
CA THR B 549 -8.82 -15.26 -16.48
C THR B 549 -8.44 -16.61 -17.11
N THR B 550 -8.45 -17.69 -16.33
CA THR B 550 -8.21 -19.00 -16.89
C THR B 550 -9.38 -19.99 -16.65
N VAL B 551 -9.58 -20.88 -17.63
CA VAL B 551 -10.61 -21.93 -17.59
C VAL B 551 -9.97 -23.28 -17.99
N PHE B 552 -10.37 -24.36 -17.29
CA PHE B 552 -9.86 -25.77 -17.41
C PHE B 552 -10.92 -26.75 -17.82
N ALA B 553 -10.54 -27.75 -18.60
CA ALA B 553 -11.39 -28.85 -18.91
C ALA B 553 -11.43 -29.64 -17.61
N GLY B 554 -12.61 -29.91 -17.07
CA GLY B 554 -12.76 -30.88 -15.98
C GLY B 554 -13.20 -32.18 -16.63
N ASP B 555 -13.90 -33.01 -15.89
CA ASP B 555 -14.45 -34.23 -16.47
C ASP B 555 -15.76 -33.93 -17.15
N GLY B 556 -15.77 -33.95 -18.46
CA GLY B 556 -16.96 -33.52 -19.18
C GLY B 556 -17.54 -32.15 -18.82
N SER B 557 -16.80 -31.30 -18.09
CA SER B 557 -17.24 -29.91 -17.93
C SER B 557 -16.12 -28.92 -17.57
N TYR B 558 -16.32 -27.67 -17.99
CA TYR B 558 -15.29 -26.60 -17.90
C TYR B 558 -15.39 -25.94 -16.53
N LEU B 559 -14.24 -25.78 -15.88
CA LEU B 559 -14.12 -25.25 -14.53
C LEU B 559 -13.31 -23.96 -14.55
N LEU B 560 -13.73 -23.01 -13.72
CA LEU B 560 -13.05 -21.70 -13.63
C LEU B 560 -11.77 -21.80 -12.79
N GLY B 561 -10.67 -21.33 -13.34
CA GLY B 561 -9.42 -21.45 -12.65
C GLY B 561 -9.13 -20.19 -11.87
N ASN B 562 -7.85 -19.90 -11.73
CA ASN B 562 -7.43 -18.69 -11.04
C ASN B 562 -7.48 -17.44 -11.96
N VAL B 563 -7.52 -16.28 -11.35
CA VAL B 563 -7.47 -15.04 -12.14
C VAL B 563 -6.26 -14.18 -11.76
N SER B 564 -6.02 -13.13 -12.52
CA SER B 564 -4.88 -12.26 -12.23
C SER B 564 -5.13 -11.37 -10.99
N LYS B 565 -4.04 -10.97 -10.32
CA LYS B 565 -4.12 -9.96 -9.23
C LYS B 565 -3.29 -8.70 -9.59
N GLU B 566 -2.43 -8.84 -10.58
CA GLU B 566 -1.62 -7.71 -11.08
C GLU B 566 -2.27 -7.20 -12.36
N CYS B 567 -2.25 -5.90 -12.59
CA CYS B 567 -3.11 -5.34 -13.64
C CYS B 567 -2.37 -4.35 -14.58
N GLU B 568 -1.04 -4.21 -14.43
CA GLU B 568 -0.27 -3.32 -15.33
C GLU B 568 -0.25 -3.81 -16.80
N TYR B 569 -0.46 -2.87 -17.70
CA TYR B 569 -0.53 -3.12 -19.12
C TYR B 569 0.85 -3.43 -19.67
N GLU B 570 1.84 -2.65 -19.26
CA GLU B 570 3.24 -2.83 -19.69
C GLU B 570 3.63 -4.24 -19.35
N GLY B 571 4.02 -5.01 -20.38
CA GLY B 571 4.46 -6.39 -20.19
C GLY B 571 3.36 -7.44 -20.14
N TYR B 572 2.15 -7.11 -20.59
CA TYR B 572 1.04 -8.05 -20.53
C TYR B 572 1.39 -9.34 -21.28
N SER B 573 2.23 -9.25 -22.34
CA SER B 573 2.65 -10.47 -23.08
C SER B 573 3.37 -11.49 -22.19
N ASP B 574 4.31 -11.02 -21.39
CA ASP B 574 5.01 -11.85 -20.44
C ASP B 574 4.11 -12.39 -19.34
N ALA B 575 3.12 -11.61 -18.87
CA ALA B 575 2.09 -12.10 -17.94
C ALA B 575 1.26 -13.27 -18.50
N ILE B 576 0.83 -13.14 -19.76
CA ILE B 576 0.12 -14.25 -20.44
C ILE B 576 0.99 -15.51 -20.53
N ARG B 577 2.20 -15.32 -21.06
CA ARG B 577 3.27 -16.37 -21.05
C ARG B 577 3.46 -16.97 -19.67
N GLU B 578 3.63 -16.12 -18.64
CA GLU B 578 3.89 -16.59 -17.26
C GLU B 578 2.69 -17.30 -16.66
N SER B 579 1.50 -16.74 -16.80
CA SER B 579 0.24 -17.49 -16.46
C SER B 579 0.13 -18.88 -17.14
N MET B 580 0.41 -18.95 -18.45
CA MET B 580 0.29 -20.22 -19.16
C MET B 580 1.34 -21.25 -18.71
N THR B 581 2.61 -20.87 -18.73
CA THR B 581 3.69 -21.85 -18.30
C THR B 581 3.53 -22.34 -16.83
N GLY B 582 3.19 -21.43 -15.93
CA GLY B 582 3.00 -21.79 -14.52
C GLY B 582 1.88 -22.80 -14.35
N ILE B 583 0.73 -22.53 -14.97
CA ILE B 583 -0.44 -23.42 -14.94
C ILE B 583 -0.13 -24.77 -15.55
N LEU B 584 0.46 -24.77 -16.75
CA LEU B 584 0.83 -26.05 -17.39
C LEU B 584 1.80 -26.88 -16.54
N ARG B 585 2.70 -26.21 -15.80
CA ARG B 585 3.60 -26.88 -14.82
C ARG B 585 2.81 -27.64 -13.75
N GLU B 586 1.81 -26.97 -13.15
CA GLU B 586 0.86 -27.58 -12.18
C GLU B 586 -0.03 -28.69 -12.78
N LEU B 587 -0.63 -28.40 -13.94
CA LEU B 587 -1.40 -29.41 -14.68
C LEU B 587 -0.61 -30.70 -14.98
N LYS B 588 0.69 -30.59 -15.26
CA LYS B 588 1.49 -31.81 -15.57
C LYS B 588 1.56 -32.75 -14.37
N LYS B 589 1.72 -32.16 -13.20
CA LYS B 589 1.82 -32.91 -11.94
C LYS B 589 0.42 -33.39 -11.48
N ARG B 590 -0.50 -32.43 -11.37
CA ARG B 590 -1.91 -32.66 -11.00
C ARG B 590 -2.70 -33.69 -11.85
N ASN B 591 -2.67 -33.60 -13.18
CA ASN B 591 -3.50 -34.47 -14.05
C ASN B 591 -2.85 -35.79 -14.52
N ASN B 592 -1.60 -36.01 -14.12
CA ASN B 592 -0.83 -37.21 -14.50
C ASN B 592 -0.88 -37.45 -16.02
N TRP B 593 -0.32 -36.51 -16.81
CA TRP B 593 -0.19 -36.72 -18.25
C TRP B 593 0.61 -37.99 -18.56
N ARG B 594 0.06 -38.81 -19.44
CA ARG B 594 0.74 -39.98 -19.95
C ARG B 594 1.50 -39.58 -21.24
N PRO B 595 2.66 -40.20 -21.51
CA PRO B 595 3.33 -39.99 -22.80
C PRO B 595 2.35 -40.19 -23.98
N GLY B 596 2.31 -39.29 -24.95
CA GLY B 596 1.35 -39.38 -26.08
C GLY B 596 0.04 -38.63 -25.92
N ASP B 597 -0.36 -38.32 -24.68
CA ASP B 597 -1.53 -37.48 -24.46
C ASP B 597 -1.35 -36.13 -25.19
N THR B 598 -2.46 -35.54 -25.64
CA THR B 598 -2.47 -34.21 -26.21
C THR B 598 -2.91 -33.18 -25.15
N VAL B 599 -2.28 -32.00 -25.18
CA VAL B 599 -2.56 -30.87 -24.31
C VAL B 599 -2.92 -29.76 -25.24
N ARG B 600 -4.04 -29.08 -24.99
CA ARG B 600 -4.50 -27.99 -25.86
C ARG B 600 -4.67 -26.70 -25.08
N VAL B 601 -4.08 -25.62 -25.61
CA VAL B 601 -4.10 -24.31 -24.98
C VAL B 601 -4.66 -23.34 -25.98
N VAL B 602 -5.64 -22.59 -25.48
CA VAL B 602 -6.37 -21.66 -26.29
C VAL B 602 -6.31 -20.30 -25.59
N PHE B 603 -6.13 -19.26 -26.37
CA PHE B 603 -6.05 -17.91 -25.80
C PHE B 603 -7.19 -17.10 -26.42
N HIS B 604 -7.86 -16.28 -25.63
CA HIS B 604 -8.96 -15.40 -26.13
C HIS B 604 -8.68 -13.93 -25.83
N ALA B 605 -8.97 -13.07 -26.81
CA ALA B 605 -9.04 -11.64 -26.53
C ALA B 605 -9.89 -10.95 -27.57
N HIS B 606 -10.12 -9.63 -27.39
CA HIS B 606 -10.85 -8.78 -28.37
C HIS B 606 -9.97 -8.22 -29.50
N ARG B 607 -8.67 -8.51 -29.44
CA ARG B 607 -7.76 -8.18 -30.50
C ARG B 607 -6.68 -9.24 -30.66
N PRO B 608 -6.01 -9.25 -31.81
CA PRO B 608 -5.09 -10.37 -32.07
C PRO B 608 -3.76 -10.05 -31.45
N LEU B 609 -3.03 -11.11 -31.05
CA LEU B 609 -1.66 -10.98 -30.51
C LEU B 609 -0.63 -10.80 -31.62
N LYS B 610 0.49 -10.16 -31.30
CA LYS B 610 1.59 -10.01 -32.24
C LYS B 610 2.09 -11.39 -32.53
N ARG B 611 2.55 -11.55 -33.77
CA ARG B 611 3.21 -12.80 -34.22
C ARG B 611 4.39 -13.14 -33.34
N VAL B 612 5.13 -12.14 -32.92
CA VAL B 612 6.30 -12.36 -32.08
C VAL B 612 5.89 -12.89 -30.70
N ASP B 613 4.75 -12.44 -30.20
CA ASP B 613 4.27 -12.90 -28.90
C ASP B 613 3.78 -14.32 -28.94
N VAL B 614 3.05 -14.64 -30.00
CA VAL B 614 2.59 -15.98 -30.22
C VAL B 614 3.82 -16.87 -30.23
N ALA B 615 4.84 -16.49 -31.02
CA ALA B 615 6.07 -17.32 -31.15
C ALA B 615 6.63 -17.62 -29.83
N SER B 616 6.84 -16.58 -29.02
CA SER B 616 7.32 -16.69 -27.67
C SER B 616 6.45 -17.55 -26.74
N ILE B 617 5.12 -17.39 -26.82
CA ILE B 617 4.21 -18.16 -26.01
C ILE B 617 4.23 -19.61 -26.39
N VAL B 618 4.25 -19.87 -27.71
CA VAL B 618 4.35 -21.22 -28.18
C VAL B 618 5.66 -21.82 -27.73
N PHE B 619 6.75 -21.13 -27.97
CA PHE B 619 8.07 -21.71 -27.55
C PHE B 619 8.10 -22.07 -26.06
N GLU B 620 7.68 -21.18 -25.18
CA GLU B 620 7.74 -21.45 -23.72
C GLU B 620 6.76 -22.50 -23.22
N CYS B 621 5.54 -22.51 -23.76
CA CYS B 621 4.60 -23.59 -23.42
C CYS B 621 5.08 -24.95 -23.89
N THR B 622 5.66 -25.00 -25.08
CA THR B 622 6.10 -26.25 -25.63
C THR B 622 7.28 -26.81 -24.81
N ARG B 623 8.17 -25.91 -24.40
CA ARG B 623 9.32 -26.27 -23.54
C ARG B 623 8.84 -26.76 -22.21
N GLU B 624 7.96 -26.04 -21.56
CA GLU B 624 7.46 -26.49 -20.24
C GLU B 624 6.80 -27.85 -20.32
N ILE B 625 5.96 -28.05 -21.32
CA ILE B 625 5.27 -29.33 -21.46
C ILE B 625 6.23 -30.50 -21.73
N GLY B 626 7.16 -30.32 -22.66
CA GLY B 626 8.16 -31.35 -22.93
C GLY B 626 7.74 -32.30 -24.04
N SER B 627 8.58 -33.26 -24.37
CA SER B 627 8.38 -33.98 -25.62
C SER B 627 7.52 -35.26 -25.44
N ASP B 628 7.15 -35.56 -24.20
CA ASP B 628 6.31 -36.73 -23.93
C ASP B 628 4.86 -36.45 -24.40
N GLN B 629 4.51 -35.18 -24.42
CA GLN B 629 3.17 -34.67 -24.80
C GLN B 629 3.13 -34.03 -26.19
N ASN B 630 1.97 -34.15 -26.84
CA ASN B 630 1.66 -33.39 -28.05
C ASN B 630 0.84 -32.17 -27.64
N ILE B 631 1.25 -31.02 -28.14
CA ILE B 631 0.74 -29.74 -27.71
C ILE B 631 0.08 -29.00 -28.90
N GLN B 632 -1.13 -28.50 -28.72
CA GLN B 632 -1.81 -27.78 -29.78
C GLN B 632 -2.15 -26.45 -29.20
N MET B 633 -1.98 -25.35 -29.96
CA MET B 633 -2.25 -24.08 -29.40
C MET B 633 -2.94 -23.17 -30.41
N ALA B 634 -4.01 -22.50 -29.99
CA ALA B 634 -4.72 -21.56 -30.85
C ALA B 634 -4.91 -20.22 -30.18
N PHE B 635 -4.74 -19.17 -30.97
CA PHE B 635 -4.93 -17.83 -30.55
C PHE B 635 -6.06 -17.22 -31.31
N VAL B 636 -7.05 -16.72 -30.55
CA VAL B 636 -8.36 -16.37 -31.08
C VAL B 636 -8.75 -14.95 -30.75
N THR B 637 -9.21 -14.23 -31.79
CA THR B 637 -9.82 -12.92 -31.59
C THR B 637 -11.35 -13.08 -31.76
N VAL B 638 -12.08 -12.41 -30.87
CA VAL B 638 -13.52 -12.29 -30.82
C VAL B 638 -13.87 -10.83 -31.06
N SER B 639 -14.59 -10.53 -32.15
CA SER B 639 -14.93 -9.18 -32.54
C SER B 639 -16.43 -9.03 -32.48
N HIS B 640 -16.88 -7.88 -32.00
CA HIS B 640 -18.31 -7.47 -31.93
C HIS B 640 -18.72 -6.58 -33.07
N ASP B 641 -17.88 -5.57 -33.39
CA ASP B 641 -18.21 -4.57 -34.40
C ASP B 641 -17.47 -4.86 -35.75
N HIS B 642 -18.18 -5.33 -36.72
CA HIS B 642 -17.59 -5.73 -37.96
C HIS B 642 -18.78 -5.59 -38.94
N PRO B 643 -18.54 -5.76 -40.23
CA PRO B 643 -19.60 -5.43 -41.19
C PRO B 643 -20.53 -6.54 -41.57
N PHE B 644 -20.43 -7.72 -40.92
CA PHE B 644 -21.21 -8.90 -41.29
C PHE B 644 -22.48 -9.08 -40.45
N VAL B 645 -23.54 -9.48 -41.14
CA VAL B 645 -24.82 -9.76 -40.51
C VAL B 645 -25.41 -11.04 -41.08
N LEU B 646 -26.03 -11.87 -40.22
CA LEU B 646 -26.59 -13.15 -40.60
C LEU B 646 -28.13 -13.12 -40.52
N ILE B 647 -28.78 -13.63 -41.56
CA ILE B 647 -30.26 -13.61 -41.67
C ILE B 647 -30.73 -15.04 -41.98
N ASP B 648 -31.70 -15.53 -41.20
CA ASP B 648 -32.26 -16.85 -41.38
C ASP B 648 -33.72 -16.65 -41.74
N ARG B 649 -34.00 -16.73 -43.04
CA ARG B 649 -35.31 -16.38 -43.55
C ARG B 649 -36.33 -17.42 -43.24
N SER B 650 -35.90 -18.56 -42.70
CA SER B 650 -36.83 -19.64 -42.26
C SER B 650 -37.26 -19.43 -40.80
N GLU B 651 -36.71 -18.41 -40.10
CA GLU B 651 -37.09 -18.18 -38.69
C GLU B 651 -38.21 -17.15 -38.63
N ARG B 652 -39.40 -17.55 -38.17
CA ARG B 652 -40.53 -16.61 -38.01
C ARG B 652 -40.53 -15.87 -36.66
N GLY B 653 -39.59 -16.18 -35.77
CA GLY B 653 -39.54 -15.51 -34.47
C GLY B 653 -40.56 -16.05 -33.47
N LEU B 654 -40.71 -15.36 -32.34
CA LEU B 654 -41.58 -15.79 -31.23
C LEU B 654 -42.38 -14.58 -30.83
N GLU B 655 -43.50 -14.80 -30.14
CA GLU B 655 -44.34 -13.69 -29.65
C GLU B 655 -43.58 -12.81 -28.64
N ALA B 656 -43.83 -11.49 -28.70
CA ALA B 656 -43.14 -10.51 -27.86
C ALA B 656 -43.18 -10.89 -26.41
N ALA B 662 -47.69 -8.84 -32.42
CA ALA B 662 -46.26 -8.47 -32.46
C ALA B 662 -45.33 -9.65 -32.27
N ARG B 663 -44.20 -9.63 -32.98
CA ARG B 663 -43.27 -10.76 -33.01
C ARG B 663 -41.83 -10.27 -32.72
N LYS B 664 -41.04 -11.14 -32.07
CA LYS B 664 -39.67 -10.83 -31.52
C LYS B 664 -38.67 -11.76 -32.20
N GLY B 665 -37.54 -11.23 -32.69
CA GLY B 665 -36.49 -12.07 -33.30
C GLY B 665 -36.76 -12.70 -34.67
N VAL B 666 -37.56 -12.04 -35.48
CA VAL B 666 -37.86 -12.59 -36.81
C VAL B 666 -36.57 -12.58 -37.65
N PHE B 667 -36.22 -13.74 -38.25
CA PHE B 667 -35.00 -13.86 -39.13
C PHE B 667 -33.70 -13.94 -38.33
N ALA B 668 -33.78 -14.14 -37.01
CA ALA B 668 -32.57 -14.27 -36.24
C ALA B 668 -32.09 -15.70 -36.27
N PRO B 669 -30.81 -15.90 -36.62
CA PRO B 669 -30.38 -17.29 -36.64
C PRO B 669 -30.42 -17.96 -35.24
N PRO B 670 -30.43 -19.30 -35.19
CA PRO B 670 -30.42 -19.94 -33.90
C PRO B 670 -29.08 -19.63 -33.19
N ARG B 671 -29.12 -19.67 -31.88
CA ARG B 671 -27.92 -19.61 -31.06
C ARG B 671 -27.04 -20.79 -31.40
N GLY B 672 -25.81 -20.49 -31.77
CA GLY B 672 -24.86 -21.53 -32.12
C GLY B 672 -24.66 -21.76 -33.60
N ALA B 673 -25.38 -21.00 -34.45
CA ALA B 673 -25.10 -21.03 -35.89
C ALA B 673 -23.69 -20.42 -36.14
N ILE B 674 -22.90 -21.11 -36.97
CA ILE B 674 -21.52 -20.80 -37.30
C ILE B 674 -21.36 -20.86 -38.81
N SER B 675 -21.07 -19.69 -39.38
CA SER B 675 -20.85 -19.54 -40.82
C SER B 675 -19.37 -19.31 -41.14
N ARG B 676 -18.94 -19.89 -42.24
CA ARG B 676 -17.55 -19.73 -42.67
C ARG B 676 -17.44 -18.52 -43.58
N VAL B 677 -16.56 -17.60 -43.21
CA VAL B 677 -16.13 -16.49 -44.09
C VAL B 677 -14.82 -16.75 -44.86
N GLY B 678 -13.89 -17.41 -44.20
CA GLY B 678 -12.69 -17.88 -44.83
C GLY B 678 -12.06 -18.90 -43.92
N ARG B 679 -10.87 -19.32 -44.28
CA ARG B 679 -10.11 -20.33 -43.59
C ARG B 679 -9.96 -19.98 -42.10
N LEU B 680 -9.65 -18.72 -41.81
CA LEU B 680 -9.37 -18.31 -40.41
C LEU B 680 -10.58 -17.70 -39.66
N THR B 681 -11.76 -17.62 -40.29
CA THR B 681 -12.82 -16.76 -39.77
C THR B 681 -14.21 -17.42 -39.78
N ARG B 682 -14.90 -17.30 -38.65
CA ARG B 682 -16.29 -17.74 -38.55
C ARG B 682 -17.14 -16.65 -37.97
N LEU B 683 -18.43 -16.68 -38.33
CA LEU B 683 -19.42 -15.85 -37.66
C LEU B 683 -20.25 -16.72 -36.78
N LEU B 684 -20.48 -16.28 -35.56
CA LEU B 684 -21.19 -17.10 -34.57
C LEU B 684 -22.43 -16.37 -34.07
N ALA B 685 -23.58 -17.03 -34.16
CA ALA B 685 -24.83 -16.40 -33.77
C ALA B 685 -24.92 -16.65 -32.30
N VAL B 686 -25.25 -15.63 -31.53
CA VAL B 686 -25.38 -15.79 -30.08
C VAL B 686 -26.77 -15.49 -29.52
N ASN B 687 -27.41 -14.46 -30.04
CA ASN B 687 -28.71 -13.96 -29.55
C ASN B 687 -29.87 -14.51 -30.41
N SER B 688 -30.45 -15.61 -29.93
CA SER B 688 -31.58 -16.31 -30.58
C SER B 688 -32.89 -15.67 -30.25
N PRO B 689 -33.92 -16.04 -30.99
CA PRO B 689 -35.22 -15.44 -30.72
C PRO B 689 -35.62 -15.38 -29.22
N GLN B 690 -35.48 -16.48 -28.48
CA GLN B 690 -35.82 -16.47 -27.05
C GLN B 690 -35.02 -15.38 -26.27
N LEU B 691 -33.75 -15.15 -26.66
CA LEU B 691 -32.87 -14.18 -25.96
C LEU B 691 -33.17 -12.78 -26.44
N ILE B 692 -33.72 -12.65 -27.65
CA ILE B 692 -34.09 -11.30 -28.12
C ILE B 692 -35.16 -10.79 -27.15
N LYS B 693 -35.03 -9.53 -26.76
CA LYS B 693 -35.77 -9.00 -25.63
C LYS B 693 -37.20 -8.63 -25.95
N ARG B 694 -37.43 -7.94 -27.08
CA ARG B 694 -38.78 -7.48 -27.44
C ARG B 694 -38.98 -7.28 -28.96
N ALA B 695 -40.24 -7.04 -29.35
CA ALA B 695 -40.62 -6.94 -30.78
C ALA B 695 -39.79 -5.92 -31.59
N ASN B 696 -39.43 -4.80 -30.99
CA ASN B 696 -38.60 -3.81 -31.68
C ASN B 696 -37.10 -4.04 -31.57
N THR B 697 -36.70 -5.14 -30.93
CA THR B 697 -35.29 -5.46 -30.88
C THR B 697 -34.80 -5.70 -32.34
N PRO B 698 -33.76 -4.98 -32.76
CA PRO B 698 -33.16 -5.26 -34.07
C PRO B 698 -32.71 -6.74 -34.28
N LEU B 699 -32.54 -7.11 -35.55
CA LEU B 699 -31.83 -8.31 -35.93
C LEU B 699 -30.44 -8.23 -35.24
N PRO B 700 -30.00 -9.31 -34.59
CA PRO B 700 -28.73 -9.17 -33.94
C PRO B 700 -27.59 -9.34 -34.88
N THR B 701 -26.41 -8.94 -34.41
CA THR B 701 -25.21 -9.16 -35.14
C THR B 701 -24.46 -10.31 -34.50
N PRO B 702 -23.90 -11.19 -35.31
CA PRO B 702 -23.07 -12.26 -34.75
C PRO B 702 -21.68 -11.73 -34.31
N LEU B 703 -20.95 -12.57 -33.60
CA LEU B 703 -19.52 -12.39 -33.23
C LEU B 703 -18.70 -12.94 -34.37
N LEU B 704 -17.61 -12.27 -34.66
CA LEU B 704 -16.59 -12.71 -35.62
C LEU B 704 -15.46 -13.33 -34.80
N VAL B 705 -15.13 -14.56 -35.17
CA VAL B 705 -14.17 -15.36 -34.45
C VAL B 705 -13.02 -15.58 -35.43
N SER B 706 -11.82 -15.08 -35.12
CA SER B 706 -10.70 -15.21 -36.03
C SER B 706 -9.53 -15.88 -35.40
N LEU B 707 -8.96 -16.79 -36.14
CA LEU B 707 -7.85 -17.58 -35.68
C LEU B 707 -6.54 -16.94 -36.13
N HIS B 708 -5.61 -16.73 -35.20
CA HIS B 708 -4.29 -16.21 -35.51
C HIS B 708 -3.64 -17.24 -36.42
N PRO B 709 -3.10 -16.77 -37.54
CA PRO B 709 -2.46 -17.64 -38.51
C PRO B 709 -1.29 -18.49 -38.02
N ASP B 710 -0.55 -18.11 -36.97
CA ASP B 710 0.57 -18.92 -36.46
C ASP B 710 0.11 -19.98 -35.41
N SER B 711 -1.19 -20.04 -35.14
CA SER B 711 -1.77 -21.06 -34.27
C SER B 711 -1.38 -22.41 -34.83
N THR B 712 -1.02 -23.34 -33.95
CA THR B 712 -0.81 -24.74 -34.41
C THR B 712 -2.07 -25.57 -34.37
N PHE B 713 -3.09 -25.14 -33.61
CA PHE B 713 -4.44 -25.78 -33.67
C PHE B 713 -5.29 -24.90 -34.55
N LYS B 714 -5.83 -25.53 -35.59
CA LYS B 714 -6.36 -24.85 -36.74
C LYS B 714 -7.87 -24.92 -36.81
N ASP B 715 -8.56 -25.62 -35.91
CA ASP B 715 -10.00 -25.86 -36.11
C ASP B 715 -10.93 -24.73 -35.59
N VAL B 716 -11.31 -23.80 -36.47
CA VAL B 716 -12.00 -22.60 -36.05
C VAL B 716 -13.42 -22.88 -35.67
N ASP B 717 -13.99 -23.95 -36.22
CA ASP B 717 -15.38 -24.30 -35.88
C ASP B 717 -15.45 -24.73 -34.41
N TYR B 718 -14.55 -25.60 -33.96
CA TYR B 718 -14.47 -25.99 -32.53
C TYR B 718 -14.27 -24.74 -31.63
N LEU B 719 -13.33 -23.89 -32.05
CA LEU B 719 -12.99 -22.68 -31.26
C LEU B 719 -14.18 -21.72 -31.15
N ALA B 720 -14.93 -21.57 -32.26
CA ALA B 720 -16.18 -20.79 -32.20
C ALA B 720 -17.22 -21.37 -31.23
N GLU B 721 -17.45 -22.68 -31.31
CA GLU B 721 -18.41 -23.33 -30.43
C GLU B 721 -18.02 -23.19 -28.93
N GLN B 722 -16.72 -23.24 -28.66
CA GLN B 722 -16.18 -23.10 -27.29
C GLN B 722 -16.39 -21.68 -26.78
N ALA B 723 -16.14 -20.67 -27.62
CA ALA B 723 -16.47 -19.28 -27.28
C ALA B 723 -17.92 -19.14 -26.86
N LEU B 724 -18.79 -19.75 -27.64
CA LEU B 724 -20.24 -19.79 -27.31
C LEU B 724 -20.45 -20.38 -25.93
N LYS B 725 -19.89 -21.56 -25.70
CA LYS B 725 -20.05 -22.21 -24.37
C LYS B 725 -19.59 -21.26 -23.25
N PHE B 726 -18.52 -20.48 -23.52
CA PHE B 726 -17.97 -19.67 -22.43
C PHE B 726 -18.86 -18.42 -22.12
N THR B 727 -19.80 -18.06 -23.01
CA THR B 727 -20.76 -16.99 -22.74
C THR B 727 -21.73 -17.46 -21.66
N SER B 728 -22.01 -18.76 -21.64
CA SER B 728 -22.97 -19.45 -20.68
C SER B 728 -22.32 -19.76 -19.34
N LEU B 729 -21.00 -19.52 -19.26
CA LEU B 729 -20.23 -19.75 -18.05
C LEU B 729 -20.26 -18.55 -17.08
N SER B 730 -20.80 -17.40 -17.48
CA SER B 730 -20.85 -16.23 -16.56
C SER B 730 -21.67 -16.43 -15.30
N TRP B 731 -21.08 -16.11 -14.16
CA TRP B 731 -21.83 -16.19 -12.86
C TRP B 731 -22.27 -14.80 -12.40
N ARG B 732 -22.28 -13.87 -13.33
CA ARG B 732 -22.95 -12.57 -13.13
C ARG B 732 -24.44 -12.62 -13.26
N SER B 733 -24.90 -13.65 -13.92
CA SER B 733 -26.32 -13.71 -14.29
C SER B 733 -26.68 -15.10 -14.76
N THR B 734 -27.99 -15.43 -14.69
CA THR B 734 -28.55 -16.56 -15.34
C THR B 734 -28.50 -16.42 -16.87
N LEU B 735 -28.80 -15.21 -17.39
CA LEU B 735 -28.68 -14.96 -18.82
C LEU B 735 -27.21 -14.94 -19.26
N PRO B 736 -26.91 -15.41 -20.49
CA PRO B 736 -25.55 -15.55 -20.96
C PRO B 736 -24.87 -14.22 -21.16
N ALA B 737 -23.53 -14.21 -21.17
CA ALA B 737 -22.81 -12.95 -21.41
C ALA B 737 -22.59 -12.66 -22.90
N ALA B 738 -22.22 -11.40 -23.18
CA ALA B 738 -21.99 -10.94 -24.55
C ALA B 738 -20.71 -11.44 -25.22
N THR B 739 -19.76 -11.90 -24.40
CA THR B 739 -18.45 -12.36 -24.88
C THR B 739 -18.03 -13.50 -23.88
N PRO B 740 -17.16 -14.40 -24.31
CA PRO B 740 -16.78 -15.46 -23.39
C PRO B 740 -16.19 -14.93 -22.09
N VAL B 741 -16.39 -15.66 -20.98
CA VAL B 741 -15.93 -15.16 -19.65
C VAL B 741 -14.42 -14.93 -19.50
N THR B 742 -13.65 -15.70 -20.28
CA THR B 742 -12.26 -15.54 -20.44
C THR B 742 -11.87 -14.11 -20.73
N ILE B 743 -12.62 -13.45 -21.56
CA ILE B 743 -12.43 -12.02 -21.87
C ILE B 743 -13.25 -11.16 -20.91
N PHE B 744 -14.53 -11.51 -20.66
CA PHE B 744 -15.42 -10.69 -19.82
C PHE B 744 -14.97 -10.52 -18.38
N TYR B 745 -14.65 -11.62 -17.70
CA TYR B 745 -14.11 -11.58 -16.37
C TYR B 745 -12.83 -10.72 -16.36
N SER B 746 -12.01 -10.88 -17.37
CA SER B 746 -10.73 -10.15 -17.44
C SER B 746 -10.95 -8.63 -17.53
N GLU B 747 -11.97 -8.20 -18.25
CA GLU B 747 -12.36 -6.78 -18.31
C GLU B 747 -12.85 -6.25 -16.94
N ARG B 748 -13.70 -7.05 -16.26
CA ARG B 748 -14.22 -6.71 -14.93
C ARG B 748 -13.05 -6.60 -13.93
N ILE B 749 -12.12 -7.55 -13.98
CA ILE B 749 -10.90 -7.51 -13.16
C ILE B 749 -10.04 -6.27 -13.45
N ALA B 750 -9.76 -6.03 -14.73
CA ALA B 750 -8.92 -4.89 -15.11
C ALA B 750 -9.52 -3.61 -14.61
N GLU B 751 -10.84 -3.45 -14.75
CA GLU B 751 -11.46 -2.17 -14.38
C GLU B 751 -11.39 -1.99 -12.86
N LEU B 752 -11.68 -3.03 -12.12
CA LEU B 752 -11.69 -2.88 -10.65
C LEU B 752 -10.27 -2.65 -10.14
N LEU B 753 -9.31 -3.49 -10.57
CA LEU B 753 -7.96 -3.38 -10.09
C LEU B 753 -7.34 -2.05 -10.51
N GLY B 754 -7.69 -1.60 -11.70
CA GLY B 754 -7.19 -0.30 -12.17
C GLY B 754 -7.72 0.82 -11.30
N ARG B 755 -9.00 0.76 -10.92
CA ARG B 755 -9.51 1.82 -10.08
C ARG B 755 -8.91 1.72 -8.69
N LEU B 756 -8.76 0.50 -8.19
CA LEU B 756 -8.34 0.27 -6.79
C LEU B 756 -6.87 0.75 -6.58
N LYS B 757 -6.08 0.65 -7.62
CA LYS B 757 -4.69 1.12 -7.55
C LYS B 757 -4.56 2.54 -7.01
N SER B 758 -5.53 3.42 -7.29
CA SER B 758 -5.50 4.80 -6.84
C SER B 758 -6.20 5.03 -5.49
N ILE B 759 -6.84 4.02 -4.90
CA ILE B 759 -7.53 4.20 -3.64
C ILE B 759 -6.54 4.11 -2.47
N PRO B 760 -6.47 5.15 -1.62
CA PRO B 760 -5.61 5.04 -0.42
C PRO B 760 -5.89 3.77 0.44
N ASN B 761 -4.83 3.12 0.93
CA ASN B 761 -5.00 1.92 1.78
C ASN B 761 -5.44 0.63 1.08
N TRP B 762 -5.58 0.65 -0.23
CA TRP B 762 -5.81 -0.60 -1.02
C TRP B 762 -4.54 -1.48 -0.93
N SER B 763 -4.75 -2.79 -0.75
CA SER B 763 -3.72 -3.83 -0.98
C SER B 763 -4.36 -5.07 -1.61
N SER B 764 -3.69 -5.56 -2.64
CA SER B 764 -4.07 -6.79 -3.30
C SER B 764 -3.61 -8.05 -2.59
N ALA B 765 -3.03 -7.87 -1.40
CA ALA B 765 -2.40 -8.94 -0.65
C ALA B 765 -3.30 -10.18 -0.45
N ASN B 766 -4.60 -9.97 -0.23
CA ASN B 766 -5.53 -11.09 0.02
C ASN B 766 -6.13 -11.70 -1.27
N LEU B 767 -5.86 -11.10 -2.43
CA LEU B 767 -6.47 -11.59 -3.67
C LEU B 767 -6.09 -13.02 -4.00
N ASN B 768 -4.87 -13.42 -3.62
CA ASN B 768 -4.38 -14.76 -3.91
C ASN B 768 -4.29 -15.57 -2.60
N ILE B 769 -4.90 -15.05 -1.51
CA ILE B 769 -4.92 -15.72 -0.26
C ILE B 769 -6.37 -16.04 0.11
N LYS B 770 -7.01 -15.23 0.93
CA LYS B 770 -8.41 -15.45 1.29
C LYS B 770 -9.37 -15.43 0.12
N LEU B 771 -9.06 -14.69 -0.94
CA LEU B 771 -9.97 -14.53 -2.03
C LEU B 771 -9.61 -15.37 -3.27
N LYS B 772 -8.73 -16.31 -3.10
CA LYS B 772 -8.11 -17.05 -4.23
C LYS B 772 -9.15 -17.80 -5.08
N TRP B 773 -10.18 -18.34 -4.42
CA TRP B 773 -11.31 -19.04 -5.09
C TRP B 773 -12.60 -18.22 -5.07
N SER B 774 -12.51 -16.96 -4.58
CA SER B 774 -13.65 -16.04 -4.60
C SER B 774 -13.78 -15.36 -5.95
N ARG B 775 -14.98 -15.37 -6.52
CA ARG B 775 -15.23 -14.67 -7.73
C ARG B 775 -15.59 -13.23 -7.45
N TRP B 776 -14.60 -12.54 -6.89
CA TRP B 776 -14.74 -11.25 -6.25
C TRP B 776 -15.02 -10.13 -7.20
N PHE B 777 -14.73 -10.35 -8.50
CA PHE B 777 -14.83 -9.35 -9.58
C PHE B 777 -16.20 -9.35 -10.30
N LEU B 778 -17.11 -10.24 -9.91
CA LEU B 778 -18.42 -10.34 -10.58
C LEU B 778 -19.35 -9.17 -10.30
#